data_6R76
#
_entry.id   6R76
#
_cell.length_a   109.923
_cell.length_b   46.090
_cell.length_c   143.512
_cell.angle_alpha   90.00
_cell.angle_beta   110.48
_cell.angle_gamma   90.00
#
_symmetry.space_group_name_H-M   'P 1 21 1'
#
loop_
_entity.id
_entity.type
_entity.pdbx_description
1 polymer 'Proline racemase'
2 polymer 'Proline racemase'
3 water water
#
loop_
_entity_poly.entity_id
_entity_poly.type
_entity_poly.pdbx_seq_one_letter_code
_entity_poly.pdbx_strand_id
1 'polypeptide(L)'
;MGSHHHHHHSSGENLYFQGHMFKKLENLEKWEPPKDWMVIKTLDTHTAGEPLRIILSGFPEIPGKTILEKRRYLMENLDH
LRKALMWEPRGHADMYGAIITEPVSEEADFGVIFMHNEGYSTMCGHATIALGKVAVECGLVEAKEPITEIKMDSPAGLIK
IYVKVRDGKVEKVYFHNVPSFVLFKDETINVPGIGEVKYDLAYGGAFYAFVNAEEIGLKCTPEYYRQLIDVGMKIKRAIM
SEKEIRHPFEEDLSFLYGTIFIGEPEDENSHSRHVCIFADGEVDRSPTGTGVSARLAILYEKGEIDIGEEITIESIIGTK
FTGKVVEETRYGLYRAIIPEVGGNAYIVAKNTFLIDPQDPLKYGFFLR
;
A,C
2 'polypeptide(L)'
;MGSHHHHHHSSGENLYFQGHMFKKLENLEKWEPPKDWMVIKTLDTHTAGEPLRIILSGFPEIPGKTILEKRRYLMENLDH
LRKALMWEPRGHA(PHD)MYGAIITEPVSEEADFGVIFMHNEGYSTMCGHATIALGKVAVECGLVEAKEPITEIKMDSPA
GLIKIYVKVRDGKVEKVYFHNVPSFVLFKDETINVPGIGEVKYDLAYGGAFYAFVNAEEIGLKCTPEYYRQLIDVGMKIK
RAIMSEKEIRHPFEEDLSFLYGTIFIGEPEDENSHSRHVCIFADGEVDRSPTGTGVSARLAILYEKGEIDIGEEITIESI
IGTKFTGKVVEETRYGLYRAIIPEVGGNAYIVAKNTFLIDPQDPLKYGFFLR
;
B,D
#
# COMPACT_ATOMS: atom_id res chain seq x y z
N MET A 21 -5.42 -12.33 15.80
CA MET A 21 -5.42 -13.49 16.69
C MET A 21 -5.06 -13.10 18.14
N PHE A 22 -4.32 -13.94 18.87
CA PHE A 22 -3.66 -13.48 20.08
C PHE A 22 -2.35 -12.80 19.75
N LYS A 23 -1.60 -13.34 18.79
CA LYS A 23 -0.23 -12.91 18.56
C LYS A 23 -0.15 -11.56 17.83
N LYS A 24 -0.88 -11.37 16.71
CA LYS A 24 -0.78 -10.09 16.02
C LYS A 24 -1.63 -8.97 16.68
N LEU A 25 -2.24 -9.23 17.84
CA LEU A 25 -2.70 -8.11 18.66
C LEU A 25 -1.51 -7.25 19.09
N GLU A 26 -0.30 -7.81 19.00
CA GLU A 26 0.93 -7.08 19.27
C GLU A 26 1.10 -5.90 18.32
N ASN A 27 0.55 -6.01 17.11
CA ASN A 27 0.61 -4.93 16.14
C ASN A 27 -0.19 -3.73 16.58
N LEU A 28 -1.30 -3.96 17.28
CA LEU A 28 -2.04 -2.84 17.82
C LEU A 28 -1.30 -2.20 18.98
N GLU A 29 -0.56 -3.02 19.75
CA GLU A 29 0.21 -2.48 20.87
C GLU A 29 1.41 -1.68 20.37
N LYS A 30 2.06 -2.14 19.30
CA LYS A 30 3.19 -1.42 18.73
C LYS A 30 2.76 -0.22 17.90
N TRP A 31 1.50 -0.15 17.49
CA TRP A 31 1.07 0.88 16.56
C TRP A 31 1.24 2.29 17.15
N GLU A 32 1.82 3.19 16.36
CA GLU A 32 1.93 4.55 16.85
C GLU A 32 1.23 5.53 15.91
N PRO A 33 0.58 6.54 16.46
CA PRO A 33 -0.15 7.50 15.63
C PRO A 33 0.82 8.33 14.80
N PRO A 34 0.34 8.94 13.72
CA PRO A 34 1.18 9.89 12.97
C PRO A 34 1.62 11.07 13.83
N LYS A 35 2.70 11.73 13.39
CA LYS A 35 3.34 12.77 14.20
C LYS A 35 2.46 14.01 14.37
N ASP A 36 1.54 14.27 13.45
CA ASP A 36 0.65 15.44 13.56
C ASP A 36 -0.53 15.23 14.52
N TRP A 37 -0.71 14.03 15.08
CA TRP A 37 -1.76 13.83 16.08
C TRP A 37 -1.32 14.48 17.40
N MET A 38 -2.29 15.03 18.13
CA MET A 38 -2.06 15.47 19.50
C MET A 38 -2.11 14.28 20.46
N VAL A 39 -1.20 14.25 21.43
CA VAL A 39 -1.08 13.16 22.40
C VAL A 39 -1.16 13.73 23.80
N ILE A 40 -2.19 13.36 24.55
CA ILE A 40 -2.36 13.87 25.91
C ILE A 40 -2.43 12.68 26.85
N LYS A 41 -1.46 12.59 27.76
CA LYS A 41 -1.44 11.50 28.72
C LYS A 41 -2.13 11.94 29.99
N THR A 42 -2.84 10.99 30.63
CA THR A 42 -3.50 11.24 31.91
C THR A 42 -3.25 10.08 32.86
N LEU A 43 -3.56 10.35 34.12
CA LEU A 43 -3.66 9.34 35.16
C LEU A 43 -5.08 9.44 35.69
N ASP A 44 -5.82 8.34 35.66
CA ASP A 44 -7.23 8.40 36.05
C ASP A 44 -7.38 7.77 37.43
N THR A 45 -8.30 8.32 38.23
CA THR A 45 -8.63 7.83 39.56
C THR A 45 -10.13 7.86 39.68
N HIS A 46 -10.63 7.24 40.75
CA HIS A 46 -11.99 7.47 41.21
C HIS A 46 -11.99 7.66 42.72
N THR A 47 -12.87 8.51 43.20
CA THR A 47 -13.04 8.81 44.62
C THR A 47 -14.50 8.56 44.96
N ALA A 48 -14.77 7.50 45.73
CA ALA A 48 -16.14 7.11 46.05
C ALA A 48 -17.00 6.96 44.81
N GLY A 49 -16.39 6.47 43.71
CA GLY A 49 -17.08 6.25 42.46
C GLY A 49 -16.96 7.39 41.47
N GLU A 50 -16.57 8.58 41.92
CA GLU A 50 -16.50 9.79 41.11
C GLU A 50 -15.10 9.93 40.51
N PRO A 51 -14.98 10.06 39.19
CA PRO A 51 -13.66 9.97 38.55
C PRO A 51 -12.88 11.27 38.65
N LEU A 52 -11.57 11.16 38.41
CA LEU A 52 -10.72 12.31 38.17
C LEU A 52 -9.76 11.96 37.04
N ARG A 53 -9.76 12.76 35.98
CA ARG A 53 -8.79 12.61 34.90
C ARG A 53 -7.70 13.66 35.15
N ILE A 54 -6.49 13.20 35.50
CA ILE A 54 -5.39 14.09 35.85
C ILE A 54 -4.45 14.18 34.66
N ILE A 55 -4.31 15.39 34.08
CA ILE A 55 -3.50 15.58 32.88
C ILE A 55 -2.03 15.65 33.28
N LEU A 56 -1.19 14.92 32.54
CA LEU A 56 0.24 14.76 32.79
C LEU A 56 1.13 15.44 31.75
N SER A 57 0.74 15.43 30.48
CA SER A 57 1.62 15.88 29.41
C SER A 57 0.81 16.09 28.15
N GLY A 58 1.41 16.81 27.20
CA GLY A 58 0.79 17.11 25.93
C GLY A 58 -0.12 18.30 25.95
N PHE A 59 -0.41 18.85 27.10
CA PHE A 59 -1.23 20.04 27.18
C PHE A 59 -0.39 21.28 26.86
N PRO A 60 -0.96 22.28 26.20
CA PRO A 60 -0.21 23.52 25.94
C PRO A 60 0.01 24.23 27.27
N GLU A 61 0.96 25.15 27.32
CA GLU A 61 1.21 25.80 28.59
C GLU A 61 0.20 26.91 28.87
N ILE A 62 -0.06 27.12 30.16
CA ILE A 62 -1.12 27.94 30.71
C ILE A 62 -0.54 29.12 31.48
N PRO A 63 -0.38 30.30 30.87
CA PRO A 63 0.22 31.43 31.60
C PRO A 63 -0.71 32.02 32.65
N GLY A 64 -0.08 32.67 33.64
CA GLY A 64 -0.73 33.41 34.72
C GLY A 64 -0.02 33.10 36.02
N LYS A 65 0.00 34.06 36.94
CA LYS A 65 0.53 33.79 38.28
C LYS A 65 -0.51 33.62 39.38
N THR A 66 -1.78 33.56 39.07
CA THR A 66 -2.72 33.10 40.09
C THR A 66 -3.53 31.96 39.50
N ILE A 67 -4.17 31.17 40.38
CA ILE A 67 -4.97 30.07 39.88
C ILE A 67 -6.17 30.59 39.09
N LEU A 68 -6.76 31.69 39.55
CA LEU A 68 -7.91 32.26 38.85
C LEU A 68 -7.49 32.79 37.49
N GLU A 69 -6.28 33.35 37.41
CA GLU A 69 -5.79 33.79 36.10
C GLU A 69 -5.57 32.60 35.17
N LYS A 70 -4.95 31.54 35.68
CA LYS A 70 -4.77 30.32 34.90
C LYS A 70 -6.11 29.74 34.45
N ARG A 71 -7.09 29.71 35.35
CA ARG A 71 -8.42 29.24 35.01
C ARG A 71 -9.08 30.14 33.97
N ARG A 72 -8.88 31.46 34.08
CA ARG A 72 -9.47 32.35 33.08
C ARG A 72 -8.86 32.10 31.71
N TYR A 73 -7.55 31.84 31.67
CA TYR A 73 -6.90 31.56 30.40
C TYR A 73 -7.47 30.29 29.73
N LEU A 74 -7.74 29.24 30.51
CA LEU A 74 -8.24 27.98 29.95
C LEU A 74 -9.57 28.19 29.26
N MET A 75 -10.51 28.88 29.93
CA MET A 75 -11.84 29.07 29.36
C MET A 75 -11.78 29.84 28.05
N GLU A 76 -10.86 30.79 27.92
CA GLU A 76 -10.86 31.63 26.74
C GLU A 76 -10.02 31.07 25.59
N ASN A 77 -9.01 30.25 25.87
CA ASN A 77 -8.12 29.83 24.78
C ASN A 77 -8.06 28.32 24.55
N LEU A 78 -8.35 27.48 25.54
CA LEU A 78 -8.09 26.06 25.36
C LEU A 78 -9.33 25.20 25.66
N ASP A 79 -10.51 25.79 25.67
CA ASP A 79 -11.69 25.07 26.08
C ASP A 79 -12.02 23.89 25.15
N HIS A 80 -11.59 23.94 23.89
CA HIS A 80 -11.79 22.78 23.03
C HIS A 80 -11.08 21.55 23.58
N LEU A 81 -9.99 21.73 24.31
CA LEU A 81 -9.28 20.58 24.89
C LEU A 81 -9.99 20.06 26.14
N ARG A 82 -10.62 20.95 26.93
CA ARG A 82 -11.48 20.45 27.99
C ARG A 82 -12.55 19.53 27.41
N LYS A 83 -13.15 19.92 26.27
CA LYS A 83 -14.17 19.06 25.68
C LYS A 83 -13.59 17.80 25.06
N ALA A 84 -12.36 17.86 24.52
CA ALA A 84 -11.74 16.64 23.99
C ALA A 84 -11.49 15.60 25.08
N LEU A 85 -11.17 16.02 26.30
CA LEU A 85 -10.89 15.07 27.37
C LEU A 85 -12.08 14.78 28.25
N MET A 86 -12.99 15.75 28.45
CA MET A 86 -14.12 15.54 29.35
C MET A 86 -15.28 14.85 28.66
N TRP A 87 -15.55 15.22 27.42
CA TRP A 87 -16.74 14.76 26.70
C TRP A 87 -16.51 13.46 25.96
N GLU A 88 -17.59 12.77 25.67
CA GLU A 88 -17.55 11.64 24.76
C GLU A 88 -16.87 12.05 23.45
N PRO A 89 -16.15 11.14 22.79
CA PRO A 89 -15.98 9.72 23.18
C PRO A 89 -14.87 9.38 24.17
N ARG A 90 -14.14 10.35 24.77
CA ARG A 90 -12.89 10.06 25.48
C ARG A 90 -12.92 9.88 27.00
N GLY A 91 -13.84 10.40 27.82
CA GLY A 91 -15.02 11.15 27.54
C GLY A 91 -16.32 10.54 28.03
N HIS A 92 -17.07 11.27 28.87
CA HIS A 92 -18.51 11.04 29.01
C HIS A 92 -19.10 12.16 29.86
N ALA A 93 -20.44 12.18 29.95
CA ALA A 93 -21.13 13.31 30.56
C ALA A 93 -20.73 13.54 32.01
N ASP A 94 -20.21 12.53 32.70
CA ASP A 94 -19.92 12.67 34.13
C ASP A 94 -18.44 12.66 34.44
N MET A 95 -17.60 12.85 33.41
CA MET A 95 -16.15 12.88 33.59
C MET A 95 -15.76 14.19 34.27
N TYR A 96 -14.67 14.14 35.06
CA TYR A 96 -14.15 15.29 35.79
C TYR A 96 -12.65 15.33 35.58
N GLY A 97 -12.04 16.52 35.65
CA GLY A 97 -10.64 16.65 35.30
C GLY A 97 -9.89 17.58 36.23
N ALA A 98 -8.56 17.43 36.21
CA ALA A 98 -7.68 18.29 37.01
C ALA A 98 -6.38 18.55 36.28
N ILE A 99 -6.02 19.84 36.18
CA ILE A 99 -4.70 20.29 35.71
C ILE A 99 -3.88 20.71 36.92
N ILE A 100 -2.69 20.14 37.06
CA ILE A 100 -1.87 20.40 38.23
C ILE A 100 -0.77 21.36 37.82
N THR A 101 -0.61 22.44 38.60
CA THR A 101 0.31 23.51 38.23
C THR A 101 1.36 23.71 39.32
N GLU A 102 2.40 24.46 38.94
CA GLU A 102 3.35 24.87 39.94
C GLU A 102 2.63 25.74 40.95
N PRO A 103 3.08 25.74 42.19
CA PRO A 103 2.36 26.48 43.23
C PRO A 103 2.45 27.97 42.97
N VAL A 104 1.39 28.69 43.38
CA VAL A 104 1.27 30.13 43.21
C VAL A 104 1.66 30.81 44.52
N SER A 105 1.31 30.19 45.66
CA SER A 105 1.58 30.77 46.96
C SER A 105 2.85 30.20 47.58
N GLU A 106 3.43 30.98 48.51
CA GLU A 106 4.79 30.71 48.99
C GLU A 106 4.91 29.37 49.73
N GLU A 107 3.83 28.93 50.38
CA GLU A 107 3.84 27.74 51.21
C GLU A 107 3.28 26.50 50.49
N ALA A 108 2.88 26.61 49.23
CA ALA A 108 2.17 25.51 48.60
C ALA A 108 3.10 24.53 47.90
N ASP A 109 2.65 23.28 47.83
CA ASP A 109 3.37 22.25 47.08
C ASP A 109 3.04 22.32 45.60
N PHE A 110 1.77 22.57 45.26
CA PHE A 110 1.36 22.71 43.86
C PHE A 110 0.02 23.45 43.82
N GLY A 111 -0.41 23.76 42.59
CA GLY A 111 -1.72 24.37 42.33
C GLY A 111 -2.54 23.49 41.42
N VAL A 112 -3.86 23.70 41.37
CA VAL A 112 -4.76 22.85 40.62
C VAL A 112 -5.86 23.70 39.99
N ILE A 113 -6.28 23.30 38.78
CA ILE A 113 -7.51 23.79 38.13
C ILE A 113 -8.40 22.59 37.78
N PHE A 114 -9.68 22.66 38.16
CA PHE A 114 -10.65 21.61 37.89
C PHE A 114 -11.50 21.92 36.65
N MET A 115 -11.98 20.85 36.02
CA MET A 115 -12.75 20.95 34.78
C MET A 115 -13.78 19.82 34.78
N HIS A 116 -14.95 20.11 34.21
CA HIS A 116 -16.06 19.16 34.17
C HIS A 116 -16.76 19.32 32.81
N ASN A 117 -18.02 18.88 32.69
CA ASN A 117 -18.65 18.85 31.35
C ASN A 117 -19.04 20.24 30.84
N GLU A 118 -19.24 21.22 31.74
CA GLU A 118 -19.59 22.59 31.39
C GLU A 118 -18.42 23.57 31.47
N GLY A 119 -17.42 23.30 32.30
CA GLY A 119 -16.40 24.31 32.53
C GLY A 119 -15.42 24.02 33.65
N TYR A 120 -15.22 25.00 34.54
CA TYR A 120 -14.15 24.95 35.54
C TYR A 120 -14.70 25.33 36.91
N SER A 121 -14.72 24.37 37.82
CA SER A 121 -15.22 24.61 39.17
C SER A 121 -14.18 25.39 39.99
N THR A 122 -14.66 25.94 41.11
CA THR A 122 -13.81 26.72 41.99
C THR A 122 -13.12 25.88 43.07
N MET A 123 -13.71 24.76 43.48
CA MET A 123 -13.03 23.78 44.31
C MET A 123 -13.72 22.46 44.11
N CYS A 124 -13.05 21.36 44.48
CA CYS A 124 -13.60 20.01 44.28
C CYS A 124 -13.10 19.08 45.36
N GLY A 125 -14.02 18.61 46.20
CA GLY A 125 -13.61 17.76 47.31
C GLY A 125 -13.08 16.40 46.87
N HIS A 126 -13.82 15.70 46.00
CA HIS A 126 -13.40 14.35 45.64
C HIS A 126 -12.06 14.36 44.92
N ALA A 127 -11.79 15.39 44.13
CA ALA A 127 -10.51 15.49 43.45
C ALA A 127 -9.39 15.73 44.44
N THR A 128 -9.64 16.52 45.48
CA THR A 128 -8.61 16.82 46.45
C THR A 128 -8.20 15.56 47.19
N ILE A 129 -9.17 14.73 47.56
CA ILE A 129 -8.88 13.43 48.15
C ILE A 129 -8.02 12.60 47.21
N ALA A 130 -8.38 12.56 45.93
CA ALA A 130 -7.57 11.81 44.99
C ALA A 130 -6.19 12.42 44.83
N LEU A 131 -6.10 13.76 44.81
CA LEU A 131 -4.81 14.40 44.56
C LEU A 131 -3.83 14.16 45.71
N GLY A 132 -4.32 14.19 46.95
CA GLY A 132 -3.45 13.89 48.08
C GLY A 132 -2.88 12.49 47.99
N LYS A 133 -3.73 11.52 47.62
CA LYS A 133 -3.31 10.13 47.48
C LYS A 133 -2.30 9.95 46.36
N VAL A 134 -2.54 10.58 45.21
CA VAL A 134 -1.62 10.47 44.09
C VAL A 134 -0.32 11.19 44.43
N ALA A 135 -0.40 12.30 45.16
CA ALA A 135 0.80 13.04 45.52
C ALA A 135 1.76 12.17 46.35
N VAL A 136 1.21 11.40 47.28
CA VAL A 136 2.05 10.53 48.12
C VAL A 136 2.51 9.31 47.33
N GLU A 137 1.58 8.61 46.68
CA GLU A 137 1.92 7.36 45.99
C GLU A 137 2.85 7.59 44.81
N CYS A 138 2.66 8.67 44.07
CA CYS A 138 3.34 8.86 42.80
C CYS A 138 4.47 9.88 42.85
N GLY A 139 4.68 10.55 43.97
CA GLY A 139 5.89 11.31 44.14
C GLY A 139 5.84 12.80 43.84
N LEU A 140 4.67 13.44 43.98
CA LEU A 140 4.62 14.91 43.97
C LEU A 140 5.25 15.51 45.24
N VAL A 141 5.11 14.82 46.38
CA VAL A 141 5.67 15.24 47.67
C VAL A 141 6.32 14.01 48.32
N GLU A 142 7.13 14.22 49.38
CA GLU A 142 7.69 13.05 50.05
C GLU A 142 6.68 12.48 51.05
N ALA A 143 6.70 11.17 51.20
CA ALA A 143 5.82 10.48 52.13
C ALA A 143 6.30 10.64 53.58
N LYS A 144 5.38 10.95 54.51
CA LYS A 144 5.75 10.86 55.92
C LYS A 144 4.66 10.11 56.67
N GLU A 145 5.10 9.39 57.64
CA GLU A 145 4.27 8.60 58.49
C GLU A 145 4.31 9.15 59.91
N PRO A 146 3.16 9.23 60.57
CA PRO A 146 1.91 8.68 60.03
C PRO A 146 1.05 9.60 59.10
N ILE A 147 1.39 10.89 59.01
CA ILE A 147 0.55 11.85 58.30
C ILE A 147 1.45 12.70 57.43
N THR A 148 1.06 12.89 56.16
CA THR A 148 1.74 13.82 55.24
C THR A 148 0.86 15.05 55.08
N GLU A 149 1.45 16.22 55.30
CA GLU A 149 0.77 17.50 55.10
C GLU A 149 1.12 18.03 53.72
N ILE A 150 0.08 18.31 52.93
CA ILE A 150 0.21 18.91 51.61
C ILE A 150 -0.59 20.21 51.64
N LYS A 151 -0.03 21.26 51.04
CA LYS A 151 -0.80 22.48 50.89
C LYS A 151 -0.92 22.83 49.42
N MET A 152 -2.16 23.08 48.99
CA MET A 152 -2.51 23.13 47.57
C MET A 152 -3.31 24.38 47.25
N ASP A 153 -2.85 25.12 46.25
CA ASP A 153 -3.55 26.30 45.73
C ASP A 153 -4.73 25.91 44.84
N SER A 154 -5.94 26.29 45.24
CA SER A 154 -7.10 25.98 44.43
C SER A 154 -7.77 27.29 44.00
N PRO A 155 -8.72 27.28 43.04
CA PRO A 155 -9.37 28.55 42.68
C PRO A 155 -10.08 29.23 43.85
N ALA A 156 -10.56 28.46 44.82
CA ALA A 156 -11.28 29.04 45.95
C ALA A 156 -10.34 29.51 47.06
N GLY A 157 -9.04 29.21 46.98
CA GLY A 157 -8.10 29.50 48.05
C GLY A 157 -7.18 28.32 48.34
N LEU A 158 -6.48 28.42 49.47
CA LEU A 158 -5.49 27.41 49.85
C LEU A 158 -6.14 26.23 50.55
N ILE A 159 -5.77 25.02 50.15
CA ILE A 159 -6.32 23.80 50.70
C ILE A 159 -5.22 23.06 51.45
N LYS A 160 -5.53 22.59 52.65
CA LYS A 160 -4.59 21.81 53.46
C LYS A 160 -5.02 20.35 53.41
N ILE A 161 -4.13 19.49 52.93
CA ILE A 161 -4.42 18.07 52.80
C ILE A 161 -3.61 17.31 53.83
N TYR A 162 -4.27 16.39 54.54
CA TYR A 162 -3.61 15.54 55.51
C TYR A 162 -3.79 14.10 55.03
N VAL A 163 -2.67 13.46 54.67
CA VAL A 163 -2.67 12.16 54.05
C VAL A 163 -2.23 11.14 55.08
N LYS A 164 -3.07 10.15 55.32
CA LYS A 164 -2.77 9.10 56.28
C LYS A 164 -1.92 8.02 55.58
N VAL A 165 -0.74 7.74 56.12
CA VAL A 165 0.24 6.84 55.48
C VAL A 165 0.74 5.79 56.50
N ARG A 166 0.58 4.49 56.19
CA ARG A 166 1.12 3.40 57.02
C ARG A 166 2.03 2.55 56.13
N ASP A 167 3.30 2.46 56.48
CA ASP A 167 4.20 1.56 55.78
C ASP A 167 4.24 1.87 54.27
N GLY A 168 4.30 3.16 53.94
CA GLY A 168 4.41 3.60 52.57
C GLY A 168 3.15 3.53 51.73
N LYS A 169 2.00 3.29 52.32
CA LYS A 169 0.76 3.22 51.56
C LYS A 169 -0.25 4.20 52.15
N VAL A 170 -1.05 4.81 51.28
CA VAL A 170 -2.06 5.77 51.72
C VAL A 170 -3.28 4.99 52.21
N GLU A 171 -3.81 5.40 53.36
CA GLU A 171 -4.94 4.69 53.97
C GLU A 171 -6.26 5.44 53.89
N LYS A 172 -6.24 6.78 53.95
CA LYS A 172 -7.38 7.67 53.94
C LYS A 172 -6.84 9.08 53.76
N VAL A 173 -7.60 9.96 53.13
CA VAL A 173 -7.17 11.32 52.89
C VAL A 173 -8.17 12.29 53.49
N TYR A 174 -7.68 13.27 54.24
CA TYR A 174 -8.51 14.32 54.79
C TYR A 174 -8.07 15.64 54.21
N PHE A 175 -8.99 16.60 54.17
CA PHE A 175 -8.56 17.94 53.84
C PHE A 175 -9.39 18.93 54.66
N HIS A 176 -8.83 20.12 54.82
CA HIS A 176 -9.52 21.27 55.38
C HIS A 176 -9.88 22.20 54.22
N ASN A 177 -11.15 22.58 54.13
CA ASN A 177 -11.59 23.43 53.04
C ASN A 177 -11.38 24.90 53.39
N VAL A 178 -11.60 25.76 52.40
CA VAL A 178 -11.66 27.20 52.63
C VAL A 178 -12.83 27.43 53.59
N PRO A 179 -12.91 28.58 54.25
CA PRO A 179 -14.05 28.80 55.17
C PRO A 179 -15.39 28.60 54.45
N SER A 180 -16.28 27.85 55.08
CA SER A 180 -17.58 27.50 54.54
C SER A 180 -18.67 28.15 55.39
N PHE A 181 -19.73 28.63 54.73
CA PHE A 181 -20.75 29.41 55.42
C PHE A 181 -22.10 29.25 54.73
N VAL A 182 -23.13 29.80 55.40
CA VAL A 182 -24.49 29.90 54.87
C VAL A 182 -24.62 31.24 54.15
N LEU A 183 -25.36 31.27 53.05
CA LEU A 183 -25.59 32.51 52.31
C LEU A 183 -27.05 32.95 52.38
N PHE A 184 -27.99 32.00 52.36
CA PHE A 184 -29.42 32.20 52.59
C PHE A 184 -29.93 31.00 53.34
N LYS A 185 -31.08 31.14 53.97
CA LYS A 185 -31.61 30.00 54.73
C LYS A 185 -33.13 29.98 54.71
N ASP A 186 -33.67 28.79 54.47
CA ASP A 186 -35.11 28.54 54.36
C ASP A 186 -35.83 29.46 53.37
N GLU A 187 -35.27 29.57 52.18
CA GLU A 187 -36.00 30.29 51.16
C GLU A 187 -36.98 29.34 50.46
N THR A 188 -37.85 29.94 49.64
CA THR A 188 -38.75 29.27 48.72
C THR A 188 -38.52 29.96 47.38
N ILE A 189 -38.47 29.17 46.33
CA ILE A 189 -38.40 29.65 44.96
C ILE A 189 -39.52 28.92 44.24
N ASN A 190 -40.11 29.60 43.25
CA ASN A 190 -41.04 28.93 42.35
C ASN A 190 -40.25 28.43 41.15
N VAL A 191 -40.25 27.13 40.95
CA VAL A 191 -39.54 26.50 39.84
C VAL A 191 -40.57 26.24 38.73
N PRO A 192 -40.56 27.01 37.65
CA PRO A 192 -41.60 26.84 36.61
C PRO A 192 -41.52 25.43 36.03
N GLY A 193 -42.63 24.71 36.13
CA GLY A 193 -42.66 23.30 35.80
C GLY A 193 -42.74 22.38 36.99
N ILE A 194 -42.35 22.86 38.18
CA ILE A 194 -42.34 22.06 39.39
C ILE A 194 -43.26 22.63 40.46
N GLY A 195 -43.16 23.93 40.71
CA GLY A 195 -43.92 24.57 41.76
C GLY A 195 -43.06 25.30 42.79
N GLU A 196 -43.46 25.23 44.07
CA GLU A 196 -42.74 25.87 45.16
C GLU A 196 -41.77 24.86 45.78
N VAL A 197 -40.52 25.27 45.95
CA VAL A 197 -39.50 24.41 46.54
C VAL A 197 -38.77 25.18 47.63
N LYS A 198 -38.59 24.54 48.79
CA LYS A 198 -37.84 25.10 49.91
C LYS A 198 -36.37 24.74 49.77
N TYR A 199 -35.49 25.72 49.99
CA TYR A 199 -34.07 25.42 49.88
C TYR A 199 -33.25 26.30 50.82
N ASP A 200 -32.07 25.80 51.17
CA ASP A 200 -31.00 26.57 51.80
C ASP A 200 -29.89 26.72 50.77
N LEU A 201 -29.07 27.76 50.91
CA LEU A 201 -27.95 27.96 50.01
C LEU A 201 -26.70 28.27 50.81
N ALA A 202 -25.66 27.44 50.66
CA ALA A 202 -24.43 27.58 51.43
C ALA A 202 -23.22 27.42 50.52
N TYR A 203 -22.07 27.85 51.02
CA TYR A 203 -20.81 27.86 50.31
C TYR A 203 -19.86 26.86 50.94
N GLY A 204 -19.25 26.00 50.11
CA GLY A 204 -18.27 25.06 50.60
C GLY A 204 -17.05 24.96 49.71
N GLY A 205 -16.58 26.10 49.20
CA GLY A 205 -15.66 26.14 48.10
C GLY A 205 -16.33 26.29 46.75
N ALA A 206 -17.62 25.99 46.71
CA ALA A 206 -18.53 26.30 45.61
C ALA A 206 -19.91 26.45 46.25
N PHE A 207 -20.83 27.06 45.50
CA PHE A 207 -22.16 27.39 45.99
C PHE A 207 -23.16 26.31 45.60
N TYR A 208 -23.95 25.85 46.56
CA TYR A 208 -24.95 24.84 46.32
C TYR A 208 -26.28 25.26 46.93
N ALA A 209 -27.36 24.87 46.26
CA ALA A 209 -28.70 24.97 46.82
C ALA A 209 -29.03 23.61 47.39
N PHE A 210 -29.43 23.57 48.65
CA PHE A 210 -29.75 22.33 49.33
C PHE A 210 -31.26 22.18 49.35
N VAL A 211 -31.75 21.04 48.87
CA VAL A 211 -33.17 20.78 48.70
C VAL A 211 -33.50 19.39 49.24
N ASN A 212 -34.67 19.26 49.85
CA ASN A 212 -35.13 18.01 50.42
C ASN A 212 -35.81 17.12 49.37
N ALA A 213 -35.30 15.89 49.21
CA ALA A 213 -35.75 15.00 48.14
C ALA A 213 -37.18 14.49 48.34
N GLU A 214 -37.56 14.01 49.54
CA GLU A 214 -38.98 13.65 49.64
C GLU A 214 -39.93 14.82 49.48
N GLU A 215 -39.49 16.02 49.83
CA GLU A 215 -40.42 17.12 49.73
C GLU A 215 -40.85 17.39 48.29
N ILE A 216 -40.09 16.91 47.30
CA ILE A 216 -40.52 16.93 45.91
C ILE A 216 -40.79 15.51 45.40
N GLY A 217 -41.01 14.55 46.30
CA GLY A 217 -41.40 13.21 45.89
C GLY A 217 -40.37 12.42 45.13
N LEU A 218 -39.10 12.73 45.30
CA LEU A 218 -38.02 11.96 44.72
C LEU A 218 -37.20 11.33 45.82
N LYS A 219 -36.42 10.32 45.48
CA LYS A 219 -35.56 9.65 46.43
C LYS A 219 -34.13 9.64 45.90
N CYS A 220 -33.18 9.71 46.83
CA CYS A 220 -31.77 9.81 46.46
C CYS A 220 -31.19 8.44 46.16
N THR A 221 -31.79 7.79 45.18
CA THR A 221 -31.41 6.44 44.79
C THR A 221 -31.32 6.38 43.27
N PRO A 222 -30.61 5.39 42.72
CA PRO A 222 -30.46 5.36 41.24
C PRO A 222 -31.78 5.36 40.48
N GLU A 223 -32.81 4.79 41.08
CA GLU A 223 -34.12 4.58 40.50
C GLU A 223 -34.67 5.91 39.98
N TYR A 224 -34.28 7.02 40.63
CA TYR A 224 -34.74 8.37 40.33
C TYR A 224 -33.68 9.22 39.63
N TYR A 225 -32.69 8.59 39.02
CA TYR A 225 -31.54 9.28 38.46
C TYR A 225 -31.95 10.43 37.54
N ARG A 226 -32.76 10.13 36.50
CA ARG A 226 -33.03 11.14 35.47
C ARG A 226 -33.95 12.24 35.98
N GLN A 227 -34.82 11.93 36.94
CA GLN A 227 -35.67 12.98 37.51
C GLN A 227 -34.83 13.92 38.38
N LEU A 228 -33.85 13.38 39.12
CA LEU A 228 -32.95 14.22 39.91
C LEU A 228 -32.20 15.19 39.00
N ILE A 229 -31.64 14.69 37.90
CA ILE A 229 -30.98 15.58 36.94
C ILE A 229 -31.99 16.59 36.44
N ASP A 230 -33.19 16.12 36.12
CA ASP A 230 -34.22 16.96 35.52
C ASP A 230 -34.67 18.02 36.51
N VAL A 231 -35.13 17.60 37.70
CA VAL A 231 -35.59 18.57 38.68
C VAL A 231 -34.42 19.40 39.21
N GLY A 232 -33.26 18.77 39.40
CA GLY A 232 -32.13 19.49 39.95
C GLY A 232 -31.70 20.67 39.10
N MET A 233 -31.66 20.48 37.78
CA MET A 233 -31.27 21.57 36.89
C MET A 233 -32.33 22.65 36.85
N LYS A 234 -33.59 22.26 36.96
CA LYS A 234 -34.65 23.27 37.00
C LYS A 234 -34.51 24.15 38.23
N ILE A 235 -34.26 23.53 39.39
CA ILE A 235 -34.06 24.29 40.62
C ILE A 235 -32.86 25.23 40.49
N LYS A 236 -31.74 24.73 39.99
CA LYS A 236 -30.53 25.55 39.82
C LYS A 236 -30.78 26.78 38.96
N ARG A 237 -31.33 26.59 37.75
CA ARG A 237 -31.52 27.69 36.82
C ARG A 237 -32.52 28.71 37.35
N ALA A 238 -33.58 28.26 38.01
CA ALA A 238 -34.55 29.18 38.59
C ALA A 238 -33.90 30.12 39.60
N ILE A 239 -33.10 29.56 40.52
CA ILE A 239 -32.40 30.35 41.52
C ILE A 239 -31.41 31.30 40.85
N MET A 240 -30.71 30.83 39.81
CA MET A 240 -29.71 31.66 39.15
C MET A 240 -30.33 32.89 38.51
N SER A 241 -31.52 32.74 37.91
CA SER A 241 -32.15 33.88 37.24
C SER A 241 -32.73 34.88 38.24
N GLU A 242 -32.96 34.46 39.48
CA GLU A 242 -33.75 35.21 40.45
C GLU A 242 -32.95 35.78 41.63
N LYS A 243 -31.84 35.17 42.02
CA LYS A 243 -31.07 35.56 43.20
C LYS A 243 -29.61 35.83 42.86
N GLU A 244 -28.99 36.76 43.60
CA GLU A 244 -27.54 36.98 43.49
C GLU A 244 -26.79 36.02 44.41
N ILE A 245 -25.83 35.30 43.83
CA ILE A 245 -24.95 34.41 44.56
C ILE A 245 -23.63 35.14 44.69
N ARG A 246 -23.31 35.58 45.90
CA ARG A 246 -22.12 36.37 46.06
C ARG A 246 -21.14 35.79 47.06
N HIS A 247 -19.89 35.63 46.60
CA HIS A 247 -18.66 35.40 47.32
C HIS A 247 -18.14 36.74 47.80
N PRO A 248 -17.72 36.80 49.06
CA PRO A 248 -17.40 38.11 49.64
C PRO A 248 -16.22 38.80 48.96
N PHE A 249 -15.28 38.08 48.37
CA PHE A 249 -14.09 38.75 47.88
C PHE A 249 -13.75 38.52 46.41
N GLU A 250 -14.35 37.53 45.73
CA GLU A 250 -13.89 37.21 44.38
C GLU A 250 -15.03 37.15 43.37
N GLU A 251 -14.82 37.83 42.23
CA GLU A 251 -15.84 37.90 41.19
C GLU A 251 -16.04 36.54 40.52
N ASP A 252 -14.96 35.93 40.03
CA ASP A 252 -15.02 34.66 39.31
C ASP A 252 -15.65 33.54 40.14
N LEU A 253 -15.83 33.74 41.45
CA LEU A 253 -16.36 32.73 42.37
C LEU A 253 -17.85 32.91 42.64
N SER A 254 -18.50 33.90 42.04
CA SER A 254 -19.85 34.30 42.46
C SER A 254 -20.90 33.73 41.51
N PHE A 255 -21.20 32.44 41.66
CA PHE A 255 -22.21 31.78 40.84
C PHE A 255 -22.69 30.50 41.52
N LEU A 256 -23.89 30.06 41.14
CA LEU A 256 -24.47 28.84 41.70
C LEU A 256 -23.93 27.64 40.94
N TYR A 257 -23.21 26.77 41.66
CA TYR A 257 -22.59 25.62 41.02
C TYR A 257 -23.59 24.50 40.81
N GLY A 258 -24.48 24.26 41.77
CA GLY A 258 -25.33 23.09 41.63
C GLY A 258 -26.43 23.05 42.65
N THR A 259 -27.27 22.03 42.49
CA THR A 259 -28.33 21.67 43.41
C THR A 259 -27.96 20.35 44.05
N ILE A 260 -28.06 20.27 45.38
CA ILE A 260 -27.81 19.03 46.13
C ILE A 260 -29.11 18.61 46.80
N PHE A 261 -29.61 17.43 46.41
CA PHE A 261 -30.77 16.84 47.06
C PHE A 261 -30.33 16.05 48.29
N ILE A 262 -31.00 16.30 49.42
CA ILE A 262 -30.68 15.63 50.68
C ILE A 262 -31.63 14.47 50.87
N GLY A 263 -31.08 13.32 51.27
CA GLY A 263 -31.87 12.14 51.42
C GLY A 263 -31.63 11.43 52.73
N GLU A 264 -32.61 10.64 53.05
CA GLU A 264 -32.66 9.79 54.22
C GLU A 264 -31.51 8.77 54.10
N PRO A 265 -30.72 8.49 55.15
CA PRO A 265 -29.62 7.54 54.95
C PRO A 265 -30.10 6.11 54.85
N GLU A 266 -29.36 5.32 54.07
CA GLU A 266 -29.61 3.88 53.94
C GLU A 266 -28.82 3.03 54.94
N ASP A 267 -27.61 3.42 55.31
CA ASP A 267 -26.77 2.58 56.15
C ASP A 267 -26.81 3.07 57.61
N GLU A 268 -26.26 2.23 58.51
CA GLU A 268 -26.45 2.36 59.94
C GLU A 268 -25.85 3.63 60.57
N ASN A 269 -24.56 3.90 60.38
CA ASN A 269 -24.06 5.09 61.07
C ASN A 269 -24.05 6.36 60.23
N SER A 270 -24.68 6.33 59.06
CA SER A 270 -24.64 7.48 58.16
C SER A 270 -25.69 8.50 58.57
N HIS A 271 -25.32 9.77 58.45
CA HIS A 271 -26.19 10.89 58.81
C HIS A 271 -27.30 11.09 57.78
N SER A 272 -26.93 11.16 56.50
CA SER A 272 -27.85 11.47 55.43
C SER A 272 -27.17 11.10 54.11
N ARG A 273 -27.85 11.42 52.99
CA ARG A 273 -27.42 11.08 51.64
C ARG A 273 -27.39 12.33 50.77
N HIS A 274 -26.39 12.43 49.89
CA HIS A 274 -26.25 13.54 48.96
C HIS A 274 -26.37 13.06 47.51
N VAL A 275 -27.08 13.81 46.68
CA VAL A 275 -27.00 13.68 45.22
C VAL A 275 -26.77 15.09 44.70
N CYS A 276 -25.59 15.36 44.16
CA CYS A 276 -25.25 16.70 43.67
C CYS A 276 -25.47 16.77 42.17
N ILE A 277 -26.32 17.71 41.74
CA ILE A 277 -26.55 18.02 40.34
C ILE A 277 -25.79 19.32 40.05
N PHE A 278 -24.76 19.25 39.21
CA PHE A 278 -23.83 20.36 39.00
C PHE A 278 -23.49 20.45 37.53
N ALA A 279 -22.92 21.59 37.14
CA ALA A 279 -22.44 21.88 35.76
C ALA A 279 -23.63 21.72 34.79
N ASP A 280 -23.45 21.09 33.62
CA ASP A 280 -24.57 20.89 32.66
C ASP A 280 -25.19 19.52 32.90
N GLY A 281 -25.96 19.41 33.98
CA GLY A 281 -26.63 18.16 34.25
C GLY A 281 -25.73 17.07 34.80
N GLU A 282 -24.54 17.40 35.28
CA GLU A 282 -23.66 16.37 35.80
C GLU A 282 -24.11 15.89 37.18
N VAL A 283 -23.87 14.62 37.45
CA VAL A 283 -24.23 14.01 38.73
C VAL A 283 -22.96 13.50 39.38
N ASP A 284 -22.74 13.91 40.62
CA ASP A 284 -21.61 13.44 41.40
C ASP A 284 -21.94 12.04 41.96
N ARG A 285 -21.13 11.04 41.61
CA ARG A 285 -21.31 9.68 42.15
C ARG A 285 -20.73 9.52 43.54
N SER A 286 -19.85 10.43 43.95
CA SER A 286 -19.44 10.53 45.33
C SER A 286 -20.40 11.44 46.07
N PRO A 287 -20.38 11.46 47.39
CA PRO A 287 -20.97 12.58 48.09
C PRO A 287 -20.07 13.74 47.76
N THR A 288 -20.54 14.95 47.91
CA THR A 288 -19.73 16.00 47.33
C THR A 288 -18.80 16.54 48.41
N GLY A 289 -17.50 16.54 48.13
CA GLY A 289 -16.56 17.03 49.13
C GLY A 289 -16.82 18.49 49.46
N THR A 290 -17.03 19.31 48.43
CA THR A 290 -17.49 20.68 48.66
C THR A 290 -18.92 20.72 49.18
N GLY A 291 -19.73 19.72 48.83
CA GLY A 291 -21.09 19.69 49.31
C GLY A 291 -21.18 19.37 50.80
N VAL A 292 -20.32 18.47 51.26
CA VAL A 292 -20.23 18.16 52.69
C VAL A 292 -19.73 19.39 53.46
N SER A 293 -18.76 20.12 52.91
CA SER A 293 -18.34 21.36 53.55
C SER A 293 -19.51 22.32 53.73
N ALA A 294 -20.26 22.59 52.65
CA ALA A 294 -21.40 23.50 52.76
C ALA A 294 -22.48 22.94 53.66
N ARG A 295 -22.69 21.63 53.64
CA ARG A 295 -23.69 21.00 54.51
C ARG A 295 -23.29 21.10 55.99
N LEU A 296 -21.99 21.00 56.28
CA LEU A 296 -21.54 21.17 57.66
C LEU A 296 -21.85 22.57 58.15
N ALA A 297 -21.63 23.58 57.32
CA ALA A 297 -21.99 24.94 57.69
C ALA A 297 -23.48 25.05 57.98
N ILE A 298 -24.32 24.37 57.18
CA ILE A 298 -25.75 24.46 57.39
C ILE A 298 -26.15 23.78 58.68
N LEU A 299 -25.63 22.57 58.92
CA LEU A 299 -25.96 21.86 60.15
C LEU A 299 -25.49 22.64 61.38
N TYR A 300 -24.35 23.31 61.26
CA TYR A 300 -23.81 24.03 62.40
C TYR A 300 -24.67 25.26 62.77
N GLU A 301 -25.12 26.06 61.80
CA GLU A 301 -25.80 27.33 62.13
C GLU A 301 -27.20 27.12 62.69
N LYS A 302 -27.82 26.02 62.34
CA LYS A 302 -29.03 25.62 63.00
C LYS A 302 -28.75 24.58 64.10
N GLY A 303 -27.47 24.50 64.53
CA GLY A 303 -27.03 23.83 65.73
C GLY A 303 -27.18 22.33 65.78
N GLU A 304 -27.28 21.67 64.64
CA GLU A 304 -27.56 20.24 64.62
C GLU A 304 -26.33 19.37 64.90
N ILE A 305 -25.12 19.95 64.86
CA ILE A 305 -23.90 19.21 65.21
C ILE A 305 -22.95 20.12 65.99
N ASP A 306 -22.12 19.50 66.83
CA ASP A 306 -21.13 20.23 67.65
C ASP A 306 -19.75 20.18 67.00
N ILE A 307 -18.88 21.12 67.43
CA ILE A 307 -17.52 21.18 66.93
C ILE A 307 -16.77 19.92 67.35
N GLY A 308 -16.08 19.29 66.41
CA GLY A 308 -15.37 18.07 66.68
C GLY A 308 -16.15 16.82 66.35
N GLU A 309 -17.44 16.94 66.06
CA GLU A 309 -18.30 15.79 65.87
C GLU A 309 -18.21 15.39 64.40
N GLU A 310 -17.86 14.13 64.14
CA GLU A 310 -17.73 13.61 62.79
C GLU A 310 -19.01 12.90 62.36
N ILE A 311 -19.52 13.27 61.17
CA ILE A 311 -20.68 12.63 60.58
C ILE A 311 -20.27 11.98 59.26
N THR A 312 -21.06 10.99 58.86
CA THR A 312 -20.87 10.27 57.61
C THR A 312 -22.06 10.54 56.70
N ILE A 313 -21.78 10.97 55.46
CA ILE A 313 -22.79 11.26 54.45
C ILE A 313 -22.55 10.35 53.25
N GLU A 314 -23.63 9.77 52.71
CA GLU A 314 -23.52 8.89 51.56
C GLU A 314 -23.92 9.58 50.26
N SER A 315 -23.66 8.85 49.17
CA SER A 315 -23.95 9.27 47.80
C SER A 315 -25.05 8.39 47.21
N ILE A 316 -25.37 8.66 45.95
CA ILE A 316 -26.44 7.92 45.29
C ILE A 316 -26.09 6.45 45.10
N ILE A 317 -24.81 6.10 44.95
CA ILE A 317 -24.44 4.69 44.82
C ILE A 317 -23.96 4.11 46.16
N GLY A 318 -24.27 4.78 47.27
CA GLY A 318 -23.99 4.23 48.58
C GLY A 318 -22.57 4.35 49.05
N THR A 319 -21.72 5.13 48.37
CA THR A 319 -20.38 5.40 48.87
C THR A 319 -20.43 6.59 49.83
N LYS A 320 -19.33 6.78 50.58
CA LYS A 320 -19.38 7.62 51.77
C LYS A 320 -18.16 8.52 51.91
N PHE A 321 -18.40 9.70 52.48
CA PHE A 321 -17.38 10.60 52.99
C PHE A 321 -17.64 10.82 54.48
N THR A 322 -16.63 11.28 55.22
CA THR A 322 -16.83 11.80 56.56
C THR A 322 -16.69 13.32 56.55
N GLY A 323 -17.39 13.97 57.46
CA GLY A 323 -17.30 15.42 57.62
C GLY A 323 -17.32 15.80 59.09
N LYS A 324 -16.68 16.93 59.41
CA LYS A 324 -16.53 17.39 60.79
C LYS A 324 -16.19 18.87 60.83
N VAL A 325 -16.88 19.61 61.70
CA VAL A 325 -16.56 21.02 61.87
C VAL A 325 -15.34 21.10 62.78
N VAL A 326 -14.26 21.65 62.26
CA VAL A 326 -13.01 21.74 62.99
C VAL A 326 -12.95 22.99 63.84
N GLU A 327 -13.50 24.09 63.35
CA GLU A 327 -13.24 25.37 63.98
C GLU A 327 -14.30 26.37 63.50
N GLU A 328 -14.70 27.27 64.38
CA GLU A 328 -15.44 28.45 63.95
C GLU A 328 -14.51 29.47 63.33
N THR A 329 -15.09 30.42 62.62
CA THR A 329 -14.31 31.45 61.97
C THR A 329 -15.19 32.60 61.53
N ARG A 330 -14.52 33.59 60.92
CA ARG A 330 -15.11 34.76 60.32
C ARG A 330 -14.62 34.83 58.90
N TYR A 331 -15.55 35.00 57.96
CA TYR A 331 -15.19 35.12 56.56
C TYR A 331 -16.00 36.27 56.00
N GLY A 332 -15.33 37.34 55.62
CA GLY A 332 -16.08 38.55 55.31
C GLY A 332 -16.92 38.93 56.50
N LEU A 333 -18.19 39.19 56.26
CA LEU A 333 -19.13 39.49 57.32
C LEU A 333 -19.93 38.26 57.71
N TYR A 334 -19.56 37.10 57.20
CA TYR A 334 -20.31 35.87 57.44
C TYR A 334 -19.78 35.08 58.62
N ARG A 335 -20.71 34.44 59.26
CA ARG A 335 -20.40 33.37 60.19
C ARG A 335 -20.04 32.11 59.40
N ALA A 336 -18.94 31.45 59.79
CA ALA A 336 -18.33 30.41 58.98
C ALA A 336 -17.61 29.35 59.81
N ILE A 337 -17.31 28.21 59.15
CA ILE A 337 -16.60 27.09 59.74
C ILE A 337 -15.44 26.68 58.85
N ILE A 338 -14.44 26.06 59.47
CA ILE A 338 -13.42 25.31 58.73
C ILE A 338 -13.84 23.84 58.78
N PRO A 339 -14.23 23.23 57.66
CA PRO A 339 -14.65 21.83 57.67
C PRO A 339 -13.51 20.90 57.30
N GLU A 340 -13.58 19.70 57.86
CA GLU A 340 -12.67 18.63 57.50
C GLU A 340 -13.49 17.52 56.86
N VAL A 341 -13.10 17.11 55.66
CA VAL A 341 -13.76 16.07 54.89
C VAL A 341 -12.75 14.96 54.62
N GLY A 342 -13.18 13.71 54.71
CA GLY A 342 -12.28 12.59 54.49
C GLY A 342 -12.89 11.52 53.62
N GLY A 343 -12.02 10.82 52.91
CA GLY A 343 -12.44 9.74 52.04
C GLY A 343 -11.23 9.02 51.48
N ASN A 344 -11.49 8.17 50.49
CA ASN A 344 -10.45 7.38 49.86
C ASN A 344 -10.58 7.44 48.35
N ALA A 345 -9.48 7.17 47.65
CA ALA A 345 -9.46 7.17 46.20
C ALA A 345 -8.53 6.08 45.72
N TYR A 346 -8.78 5.58 44.51
CA TYR A 346 -7.96 4.52 43.95
C TYR A 346 -7.60 4.88 42.51
N ILE A 347 -6.40 4.51 42.13
CA ILE A 347 -5.94 4.67 40.76
C ILE A 347 -6.60 3.61 39.91
N VAL A 348 -7.10 3.99 38.73
CA VAL A 348 -7.78 3.03 37.85
C VAL A 348 -7.20 2.99 36.44
N ALA A 349 -6.44 3.98 35.97
CA ALA A 349 -5.95 3.91 34.59
C ALA A 349 -4.81 4.88 34.35
N LYS A 350 -4.02 4.55 33.31
CA LYS A 350 -3.08 5.46 32.67
C LYS A 350 -3.49 5.60 31.22
N ASN A 351 -3.88 6.79 30.80
CA ASN A 351 -4.45 6.95 29.47
C ASN A 351 -3.54 7.78 28.58
N THR A 352 -3.45 7.36 27.31
CA THR A 352 -2.83 8.13 26.25
C THR A 352 -3.93 8.47 25.25
N PHE A 353 -4.36 9.73 25.26
CA PHE A 353 -5.46 10.12 24.39
C PHE A 353 -4.91 10.62 23.08
N LEU A 354 -5.56 10.24 21.99
CA LEU A 354 -5.10 10.55 20.64
C LEU A 354 -6.12 11.45 19.97
N ILE A 355 -5.67 12.59 19.46
CA ILE A 355 -6.54 13.52 18.74
C ILE A 355 -6.07 13.52 17.28
N ASP A 356 -6.86 12.89 16.44
CA ASP A 356 -6.64 12.93 15.01
C ASP A 356 -7.18 14.27 14.49
N PRO A 357 -6.36 15.07 13.79
CA PRO A 357 -6.86 16.39 13.33
C PRO A 357 -7.94 16.29 12.25
N GLN A 358 -8.04 15.15 11.55
CA GLN A 358 -9.12 14.92 10.60
C GLN A 358 -10.33 14.23 11.23
N ASP A 359 -10.29 13.91 12.51
CA ASP A 359 -11.41 13.23 13.15
C ASP A 359 -12.61 14.17 13.30
N PRO A 360 -13.77 13.85 12.72
CA PRO A 360 -14.92 14.79 12.81
C PRO A 360 -15.41 15.06 14.24
N LEU A 361 -15.01 14.29 15.24
CA LEU A 361 -15.39 14.53 16.63
C LEU A 361 -14.17 14.75 17.53
N LYS A 362 -13.07 15.22 16.94
CA LYS A 362 -11.80 15.27 17.67
C LYS A 362 -11.90 16.03 18.98
N TYR A 363 -12.78 17.03 19.09
CA TYR A 363 -13.01 17.78 20.32
C TYR A 363 -14.34 17.42 20.98
N GLY A 364 -14.89 16.26 20.66
CA GLY A 364 -15.98 15.69 21.43
C GLY A 364 -17.35 16.23 21.10
N PHE A 365 -18.35 15.62 21.73
CA PHE A 365 -19.74 16.05 21.59
C PHE A 365 -20.44 15.81 22.92
N PHE A 366 -21.53 16.53 23.15
CA PHE A 366 -22.25 16.44 24.42
C PHE A 366 -23.73 16.69 24.18
N LEU A 367 -24.59 15.76 24.60
CA LEU A 367 -26.03 15.87 24.39
C LEU A 367 -26.75 15.95 25.74
N ARG A 368 -27.51 17.03 25.93
CA ARG A 368 -28.26 17.30 27.17
C ARG A 368 -29.74 17.29 26.88
N LYS B 24 7.15 18.64 38.05
CA LYS B 24 7.42 17.42 38.80
C LYS B 24 6.30 16.44 38.47
N LEU B 25 5.43 16.83 37.53
CA LEU B 25 4.46 15.90 36.98
C LEU B 25 5.12 14.69 36.31
N GLU B 26 6.39 14.79 35.96
CA GLU B 26 7.09 13.65 35.36
C GLU B 26 7.15 12.44 36.27
N ASN B 27 7.07 12.66 37.60
CA ASN B 27 7.04 11.53 38.54
C ASN B 27 5.75 10.71 38.40
N LEU B 28 4.61 11.37 38.15
CA LEU B 28 3.38 10.63 37.88
C LEU B 28 3.48 9.96 36.54
N GLU B 29 4.20 10.59 35.65
CA GLU B 29 4.42 10.12 34.28
C GLU B 29 5.29 8.87 34.32
N LYS B 30 6.27 8.82 35.25
CA LYS B 30 7.14 7.68 35.50
C LYS B 30 6.49 6.55 36.31
N TRP B 31 5.43 6.84 37.05
CA TRP B 31 4.86 5.90 38.01
C TRP B 31 4.39 4.63 37.30
N GLU B 32 4.73 3.49 37.90
CA GLU B 32 4.34 2.19 37.43
C GLU B 32 3.54 1.49 38.51
N PRO B 33 2.46 0.80 38.18
CA PRO B 33 1.68 0.12 39.20
C PRO B 33 2.48 -0.98 39.81
N PRO B 34 2.23 -1.38 41.06
CA PRO B 34 2.89 -2.56 41.59
C PRO B 34 2.58 -3.75 40.72
N LYS B 35 3.52 -4.69 40.65
CA LYS B 35 3.41 -5.78 39.68
C LYS B 35 2.32 -6.80 40.00
N ASP B 36 1.82 -6.86 41.23
CA ASP B 36 0.71 -7.78 41.49
C ASP B 36 -0.61 -7.27 40.93
N TRP B 37 -0.65 -6.01 40.47
CA TRP B 37 -1.86 -5.43 39.90
C TRP B 37 -2.14 -6.00 38.52
N MET B 38 -3.42 -6.20 38.24
CA MET B 38 -3.81 -6.58 36.90
C MET B 38 -3.78 -5.36 36.00
N VAL B 39 -3.17 -5.49 34.82
CA VAL B 39 -3.00 -4.41 33.87
C VAL B 39 -3.53 -4.87 32.53
N ILE B 40 -4.57 -4.21 32.03
CA ILE B 40 -5.22 -4.57 30.78
C ILE B 40 -5.12 -3.35 29.86
N LYS B 41 -4.45 -3.53 28.73
CA LYS B 41 -4.31 -2.50 27.74
C LYS B 41 -5.40 -2.64 26.67
N THR B 42 -5.88 -1.51 26.17
CA THR B 42 -6.87 -1.49 25.11
C THR B 42 -6.51 -0.42 24.10
N LEU B 43 -7.19 -0.46 22.95
CA LEU B 43 -7.19 0.60 21.94
C LEU B 43 -8.63 1.07 21.72
N ASP B 44 -8.87 2.37 21.86
CA ASP B 44 -10.24 2.90 21.84
C ASP B 44 -10.55 3.58 20.50
N THR B 45 -11.78 3.42 20.04
CA THR B 45 -12.21 3.98 18.77
C THR B 45 -13.60 4.57 18.91
N HIS B 46 -13.97 5.39 17.94
CA HIS B 46 -15.37 5.74 17.81
C HIS B 46 -15.79 5.52 16.36
N THR B 47 -17.04 5.10 16.20
CA THR B 47 -17.64 4.86 14.89
C THR B 47 -18.91 5.71 14.84
N ALA B 48 -18.85 6.82 14.11
CA ALA B 48 -19.96 7.77 14.08
C ALA B 48 -20.36 8.20 15.50
N GLY B 49 -19.39 8.28 16.42
CA GLY B 49 -19.65 8.67 17.79
C GLY B 49 -19.80 7.53 18.79
N GLU B 50 -20.04 6.30 18.31
CA GLU B 50 -20.27 5.18 19.22
C GLU B 50 -18.95 4.48 19.52
N PRO B 51 -18.61 4.25 20.78
CA PRO B 51 -17.26 3.77 21.11
C PRO B 51 -17.10 2.26 20.90
N LEU B 52 -15.84 1.84 20.77
CA LEU B 52 -15.47 0.43 20.85
C LEU B 52 -14.12 0.32 21.55
N ARG B 53 -14.07 -0.44 22.63
CA ARG B 53 -12.84 -0.68 23.39
C ARG B 53 -12.27 -2.06 23.01
N ILE B 54 -11.12 -2.07 22.34
CA ILE B 54 -10.53 -3.30 21.82
C ILE B 54 -9.42 -3.76 22.76
N ILE B 55 -9.58 -4.96 23.34
CA ILE B 55 -8.62 -5.45 24.33
C ILE B 55 -7.38 -5.98 23.62
N LEU B 56 -6.21 -5.59 24.10
CA LEU B 56 -4.96 -6.01 23.45
C LEU B 56 -4.15 -7.00 24.26
N SER B 57 -4.14 -6.88 25.58
CA SER B 57 -3.20 -7.67 26.37
C SER B 57 -3.58 -7.54 27.84
N GLY B 58 -3.03 -8.42 28.66
CA GLY B 58 -3.30 -8.43 30.08
C GLY B 58 -4.58 -9.15 30.47
N PHE B 59 -5.39 -9.56 29.50
CA PHE B 59 -6.62 -10.30 29.75
C PHE B 59 -6.30 -11.79 29.99
N PRO B 60 -7.05 -12.48 30.86
CA PRO B 60 -6.78 -13.91 31.08
C PRO B 60 -7.18 -14.74 29.87
N GLU B 61 -6.66 -15.97 29.81
CA GLU B 61 -6.96 -16.82 28.66
C GLU B 61 -8.46 -17.14 28.64
N ILE B 62 -9.00 -17.25 27.43
CA ILE B 62 -10.41 -17.56 27.24
C ILE B 62 -10.48 -18.84 26.41
N PRO B 63 -10.43 -20.00 27.06
CA PRO B 63 -10.39 -21.26 26.31
C PRO B 63 -11.73 -21.62 25.65
N GLY B 64 -11.63 -22.46 24.64
CA GLY B 64 -12.83 -22.91 23.95
C GLY B 64 -12.46 -23.04 22.50
N LYS B 65 -13.13 -23.95 21.81
CA LYS B 65 -12.85 -24.21 20.41
C LYS B 65 -13.84 -23.55 19.46
N THR B 66 -14.93 -22.99 19.97
CA THR B 66 -15.84 -22.17 19.17
C THR B 66 -15.96 -20.79 19.82
N ILE B 67 -16.46 -19.80 19.05
CA ILE B 67 -16.69 -18.50 19.64
C ILE B 67 -17.74 -18.58 20.73
N LEU B 68 -18.77 -19.40 20.52
CA LEU B 68 -19.83 -19.53 21.52
C LEU B 68 -19.28 -20.14 22.81
N GLU B 69 -18.34 -21.10 22.69
CA GLU B 69 -17.74 -21.70 23.88
C GLU B 69 -16.87 -20.68 24.62
N LYS B 70 -16.00 -19.97 23.87
CA LYS B 70 -15.22 -18.87 24.45
C LYS B 70 -16.14 -17.82 25.06
N ARG B 71 -17.22 -17.48 24.37
CA ARG B 71 -18.16 -16.51 24.94
C ARG B 71 -18.78 -17.06 26.22
N ARG B 72 -19.08 -18.36 26.25
CA ARG B 72 -19.64 -18.95 27.47
C ARG B 72 -18.64 -18.92 28.60
N TYR B 73 -17.36 -19.17 28.30
CA TYR B 73 -16.34 -19.13 29.34
C TYR B 73 -16.22 -17.71 29.90
N LEU B 74 -16.27 -16.70 29.03
CA LEU B 74 -16.15 -15.31 29.48
C LEU B 74 -17.32 -14.94 30.39
N MET B 75 -18.55 -15.23 29.97
CA MET B 75 -19.70 -14.84 30.75
C MET B 75 -19.71 -15.54 32.11
N GLU B 76 -19.27 -16.80 32.15
CA GLU B 76 -19.40 -17.63 33.35
C GLU B 76 -18.25 -17.41 34.34
N ASN B 77 -17.08 -17.02 33.84
CA ASN B 77 -15.87 -16.95 34.66
C ASN B 77 -15.23 -15.58 34.73
N LEU B 78 -15.41 -14.73 33.72
CA LEU B 78 -14.66 -13.48 33.64
C LEU B 78 -15.57 -12.28 33.53
N ASP B 79 -16.85 -12.42 33.91
CA ASP B 79 -17.79 -11.33 33.72
C ASP B 79 -17.42 -10.11 34.55
N HIS B 80 -16.77 -10.33 35.71
CA HIS B 80 -16.32 -9.21 36.51
C HIS B 80 -15.34 -8.34 35.74
N LEU B 81 -14.59 -8.93 34.81
CA LEU B 81 -13.66 -8.16 34.00
C LEU B 81 -14.38 -7.38 32.90
N ARG B 82 -15.49 -7.89 32.37
CA ARG B 82 -16.30 -7.06 31.49
C ARG B 82 -16.75 -5.79 32.20
N LYS B 83 -17.22 -5.94 33.44
CA LYS B 83 -17.68 -4.76 34.18
C LYS B 83 -16.50 -3.87 34.58
N ALA B 84 -15.32 -4.44 34.83
CA ALA B 84 -14.17 -3.59 35.14
C ALA B 84 -13.82 -2.68 33.96
N LEU B 85 -14.04 -3.12 32.72
CA LEU B 85 -13.72 -2.34 31.53
C LEU B 85 -14.90 -1.59 30.91
N MET B 86 -16.12 -2.12 30.98
CA MET B 86 -17.29 -1.47 30.39
C MET B 86 -17.95 -0.47 31.33
N TRP B 87 -18.00 -0.78 32.62
CA TRP B 87 -18.72 0.04 33.59
C TRP B 87 -17.84 1.17 34.12
N GLU B 88 -18.50 2.20 34.67
CA GLU B 88 -17.80 3.25 35.42
C GLU B 88 -16.98 2.61 36.56
N PRO B 89 -15.83 3.19 36.94
CA PRO B 89 -15.22 4.45 36.51
C PRO B 89 -14.32 4.36 35.28
N ARG B 90 -14.17 3.18 34.72
CA ARG B 90 -13.22 3.00 33.63
C ARG B 90 -13.93 3.12 32.30
N GLY B 91 -15.24 2.84 32.32
CA GLY B 91 -16.11 2.91 31.17
C GLY B 91 -17.29 3.82 31.49
N HIS B 92 -18.41 3.58 30.86
CA HIS B 92 -19.62 4.35 31.14
C HIS B 92 -20.77 3.63 30.46
N ALA B 93 -21.97 4.15 30.68
CA ALA B 93 -23.20 3.47 30.30
C ALA B 93 -23.26 3.15 28.80
N PHD B 94 -22.55 3.95 27.99
CA PHD B 94 -22.58 3.75 26.55
C PHD B 94 -21.35 3.02 25.99
O PHD B 94 -21.21 2.89 24.73
CB PHD B 94 -22.73 5.12 25.84
CG PHD B 94 -24.20 5.58 25.80
OD1 PHD B 94 -25.24 4.88 25.14
OD2 PHD B 94 -24.51 6.57 26.36
P PHD B 94 -25.08 3.63 24.05
OP1 PHD B 94 -23.86 3.63 23.24
OP2 PHD B 94 -25.11 2.32 24.72
OP3 PHD B 94 -26.19 3.56 23.10
N MET B 95 -20.48 2.51 26.86
CA MET B 95 -19.27 1.83 26.36
C MET B 95 -19.58 0.45 25.74
N TYR B 96 -18.75 0.08 24.75
CA TYR B 96 -18.77 -1.20 24.08
C TYR B 96 -17.36 -1.71 24.00
N GLY B 97 -17.22 -3.04 23.96
CA GLY B 97 -15.92 -3.67 23.97
C GLY B 97 -15.87 -4.83 22.99
N ALA B 98 -14.65 -5.21 22.63
CA ALA B 98 -14.41 -6.34 21.78
C ALA B 98 -13.17 -7.09 22.24
N ILE B 99 -13.32 -8.39 22.42
CA ILE B 99 -12.19 -9.28 22.65
C ILE B 99 -11.88 -9.92 21.30
N ILE B 100 -10.62 -9.88 20.90
CA ILE B 100 -10.18 -10.43 19.63
C ILE B 100 -9.43 -11.72 19.91
N THR B 101 -9.83 -12.81 19.23
CA THR B 101 -9.29 -14.13 19.48
C THR B 101 -8.62 -14.68 18.23
N GLU B 102 -7.98 -15.82 18.40
CA GLU B 102 -7.47 -16.58 17.29
C GLU B 102 -8.65 -17.01 16.42
N PRO B 103 -8.47 -17.15 15.11
CA PRO B 103 -9.59 -17.60 14.29
C PRO B 103 -9.94 -19.02 14.69
N VAL B 104 -11.23 -19.33 14.62
CA VAL B 104 -11.74 -20.64 14.98
C VAL B 104 -12.02 -21.48 13.74
N SER B 105 -12.49 -20.86 12.65
CA SER B 105 -12.77 -21.57 11.42
C SER B 105 -11.58 -21.45 10.46
N GLU B 106 -11.58 -22.31 9.44
CA GLU B 106 -10.43 -22.49 8.55
C GLU B 106 -10.15 -21.26 7.71
N GLU B 107 -11.15 -20.40 7.49
CA GLU B 107 -11.00 -19.28 6.59
C GLU B 107 -10.89 -17.93 7.30
N ALA B 108 -11.27 -17.87 8.57
CA ALA B 108 -11.30 -16.59 9.26
C ALA B 108 -9.90 -16.05 9.47
N ASP B 109 -9.80 -14.72 9.54
CA ASP B 109 -8.57 -14.03 9.89
C ASP B 109 -8.41 -13.90 11.41
N PHE B 110 -9.52 -13.68 12.12
CA PHE B 110 -9.48 -13.66 13.58
C PHE B 110 -10.91 -13.86 14.07
N GLY B 111 -11.06 -13.95 15.40
CA GLY B 111 -12.36 -14.07 16.00
C GLY B 111 -12.68 -12.92 16.92
N VAL B 112 -13.95 -12.74 17.27
CA VAL B 112 -14.33 -11.58 18.07
C VAL B 112 -15.47 -11.98 18.99
N ILE B 113 -15.44 -11.45 20.21
CA ILE B 113 -16.56 -11.54 21.13
C ILE B 113 -16.95 -10.12 21.51
N PHE B 114 -18.23 -9.82 21.40
CA PHE B 114 -18.70 -8.47 21.68
C PHE B 114 -19.15 -8.37 23.12
N MET B 115 -19.05 -7.16 23.64
CA MET B 115 -19.23 -6.90 25.05
C MET B 115 -19.82 -5.51 25.19
N HIS B 116 -20.73 -5.32 26.14
CA HIS B 116 -21.17 -3.95 26.43
C HIS B 116 -21.58 -3.87 27.91
N ASN B 117 -22.38 -2.86 28.24
CA ASN B 117 -22.71 -2.62 29.64
C ASN B 117 -23.74 -3.60 30.18
N GLU B 118 -24.58 -4.15 29.32
CA GLU B 118 -25.61 -5.07 29.76
C GLU B 118 -25.21 -6.53 29.59
N GLY B 119 -24.30 -6.82 28.66
CA GLY B 119 -23.98 -8.19 28.37
C GLY B 119 -23.14 -8.37 27.12
N TYR B 120 -23.52 -9.32 26.28
CA TYR B 120 -22.72 -9.73 25.14
C TYR B 120 -23.65 -9.84 23.93
N SER B 121 -23.48 -8.94 22.97
CA SER B 121 -24.29 -9.00 21.76
C SER B 121 -23.78 -10.08 20.82
N THR B 122 -24.65 -10.53 19.93
CA THR B 122 -24.28 -11.52 18.93
C THR B 122 -23.76 -10.85 17.67
N MET B 123 -24.18 -9.61 17.42
CA MET B 123 -23.68 -8.81 16.33
C MET B 123 -23.76 -7.35 16.73
N CYS B 124 -22.89 -6.55 16.12
CA CYS B 124 -22.78 -5.14 16.46
C CYS B 124 -22.26 -4.43 15.22
N GLY B 125 -23.11 -3.58 14.62
CA GLY B 125 -22.75 -2.97 13.36
C GLY B 125 -21.62 -1.97 13.49
N HIS B 126 -21.76 -1.03 14.41
CA HIS B 126 -20.70 -0.03 14.52
C HIS B 126 -19.38 -0.67 14.92
N ALA B 127 -19.44 -1.77 15.69
CA ALA B 127 -18.21 -2.46 16.08
C ALA B 127 -17.53 -3.10 14.88
N THR B 128 -18.33 -3.64 13.95
CA THR B 128 -17.77 -4.29 12.77
C THR B 128 -16.97 -3.30 11.94
N ILE B 129 -17.50 -2.08 11.78
CA ILE B 129 -16.79 -1.00 11.09
C ILE B 129 -15.47 -0.68 11.80
N ALA B 130 -15.51 -0.50 13.13
CA ALA B 130 -14.28 -0.17 13.85
C ALA B 130 -13.26 -1.29 13.72
N LEU B 131 -13.73 -2.56 13.73
CA LEU B 131 -12.81 -3.68 13.62
C LEU B 131 -12.16 -3.76 12.24
N GLY B 132 -12.91 -3.50 11.17
CA GLY B 132 -12.30 -3.48 9.86
C GLY B 132 -11.24 -2.40 9.75
N LYS B 133 -11.55 -1.21 10.25
CA LYS B 133 -10.60 -0.10 10.17
C LYS B 133 -9.32 -0.38 10.98
N VAL B 134 -9.47 -0.83 12.22
CA VAL B 134 -8.27 -1.08 13.05
C VAL B 134 -7.44 -2.24 12.51
N ALA B 135 -8.08 -3.27 11.95
CA ALA B 135 -7.33 -4.42 11.44
C ALA B 135 -6.37 -4.02 10.32
N VAL B 136 -6.84 -3.21 9.38
CA VAL B 136 -6.00 -2.80 8.26
C VAL B 136 -5.00 -1.72 8.68
N GLU B 137 -5.46 -0.69 9.38
CA GLU B 137 -4.57 0.39 9.82
C GLU B 137 -3.53 -0.10 10.85
N CYS B 138 -3.92 -0.97 11.77
CA CYS B 138 -3.04 -1.35 12.88
C CYS B 138 -2.42 -2.73 12.73
N GLY B 139 -2.69 -3.46 11.64
CA GLY B 139 -1.91 -4.63 11.30
C GLY B 139 -2.40 -5.98 11.77
N LEU B 140 -3.71 -6.15 11.99
CA LEU B 140 -4.25 -7.48 12.23
C LEU B 140 -4.24 -8.34 10.98
N VAL B 141 -4.47 -7.73 9.82
CA VAL B 141 -4.44 -8.42 8.54
C VAL B 141 -3.63 -7.55 7.59
N GLU B 142 -3.31 -8.11 6.42
CA GLU B 142 -2.52 -7.39 5.44
C GLU B 142 -3.38 -6.47 4.60
N ALA B 143 -2.85 -5.28 4.30
CA ALA B 143 -3.56 -4.27 3.53
C ALA B 143 -3.57 -4.65 2.06
N LYS B 144 -4.74 -4.54 1.42
CA LYS B 144 -4.87 -4.82 0.00
C LYS B 144 -5.57 -3.63 -0.64
N GLU B 145 -5.13 -3.25 -1.85
CA GLU B 145 -5.77 -2.16 -2.54
C GLU B 145 -6.37 -2.66 -3.85
N PRO B 146 -7.61 -2.26 -4.18
CA PRO B 146 -8.35 -1.24 -3.44
C PRO B 146 -9.20 -1.75 -2.26
N ILE B 147 -9.29 -3.06 -2.07
CA ILE B 147 -10.20 -3.64 -1.07
C ILE B 147 -9.49 -4.76 -0.33
N THR B 148 -9.62 -4.76 0.99
CA THR B 148 -9.19 -5.87 1.84
C THR B 148 -10.43 -6.62 2.30
N GLU B 149 -10.43 -7.94 2.15
CA GLU B 149 -11.53 -8.76 2.66
C GLU B 149 -11.10 -9.27 4.02
N ILE B 150 -11.94 -9.05 5.02
CA ILE B 150 -11.72 -9.59 6.34
C ILE B 150 -12.88 -10.53 6.60
N LYS B 151 -12.55 -11.73 7.09
CA LYS B 151 -13.54 -12.68 7.55
C LYS B 151 -13.27 -12.91 9.02
N MET B 152 -14.32 -12.80 9.81
CA MET B 152 -14.23 -12.63 11.25
C MET B 152 -15.16 -13.64 11.88
N ASP B 153 -14.62 -14.49 12.76
CA ASP B 153 -15.45 -15.44 13.48
C ASP B 153 -16.17 -14.71 14.59
N SER B 154 -17.50 -14.70 14.55
CA SER B 154 -18.26 -13.99 15.57
C SER B 154 -19.23 -14.93 16.28
N PRO B 155 -19.86 -14.50 17.37
CA PRO B 155 -20.89 -15.35 17.99
C PRO B 155 -22.04 -15.69 17.06
N ALA B 156 -22.35 -14.81 16.11
CA ALA B 156 -23.47 -15.02 15.19
C ALA B 156 -23.09 -15.84 13.97
N GLY B 157 -21.81 -16.11 13.74
CA GLY B 157 -21.37 -16.80 12.55
C GLY B 157 -20.22 -16.07 11.94
N LEU B 158 -19.91 -16.40 10.68
CA LEU B 158 -18.81 -15.74 10.00
C LEU B 158 -19.30 -14.41 9.41
N ILE B 159 -18.53 -13.34 9.64
CA ILE B 159 -18.86 -12.00 9.17
C ILE B 159 -17.77 -11.58 8.19
N LYS B 160 -18.19 -11.07 7.04
CA LYS B 160 -17.30 -10.65 5.98
C LYS B 160 -17.30 -9.13 5.94
N ILE B 161 -16.12 -8.54 6.12
CA ILE B 161 -15.93 -7.10 6.16
C ILE B 161 -15.13 -6.69 4.93
N TYR B 162 -15.53 -5.57 4.32
CA TYR B 162 -14.83 -5.02 3.15
C TYR B 162 -14.27 -3.64 3.49
N VAL B 163 -12.95 -3.49 3.37
CA VAL B 163 -12.28 -2.24 3.73
C VAL B 163 -11.74 -1.58 2.45
N LYS B 164 -12.16 -0.35 2.17
CA LYS B 164 -11.63 0.36 1.01
C LYS B 164 -10.37 1.14 1.41
N VAL B 165 -9.27 0.85 0.72
CA VAL B 165 -7.91 1.34 1.05
C VAL B 165 -7.28 1.98 -0.18
N ARG B 166 -6.90 3.25 -0.06
CA ARG B 166 -6.22 4.02 -1.09
C ARG B 166 -4.98 4.66 -0.46
N ASP B 167 -3.80 4.43 -1.06
CA ASP B 167 -2.55 5.02 -0.59
C ASP B 167 -2.23 4.60 0.84
N GLY B 168 -2.52 3.34 1.16
CA GLY B 168 -2.22 2.82 2.47
C GLY B 168 -3.09 3.34 3.59
N LYS B 169 -4.16 4.05 3.28
CA LYS B 169 -5.05 4.60 4.30
C LYS B 169 -6.46 4.10 4.07
N VAL B 170 -7.18 3.89 5.17
CA VAL B 170 -8.53 3.35 5.11
C VAL B 170 -9.51 4.47 4.79
N GLU B 171 -10.38 4.23 3.81
CA GLU B 171 -11.38 5.21 3.40
C GLU B 171 -12.79 4.84 3.83
N LYS B 172 -13.12 3.55 3.90
CA LYS B 172 -14.47 3.13 4.20
C LYS B 172 -14.44 1.66 4.60
N VAL B 173 -15.39 1.30 5.46
CA VAL B 173 -15.63 -0.07 5.88
C VAL B 173 -17.09 -0.35 5.62
N TYR B 174 -17.37 -1.43 4.91
CA TYR B 174 -18.76 -1.80 4.70
C TYR B 174 -18.94 -3.30 4.91
N PHE B 175 -20.18 -3.68 5.23
CA PHE B 175 -20.62 -5.07 5.37
C PHE B 175 -22.05 -5.20 4.87
N HIS B 176 -22.50 -6.45 4.71
CA HIS B 176 -23.89 -6.79 4.43
C HIS B 176 -24.58 -7.22 5.72
N ASN B 177 -25.73 -6.63 6.00
CA ASN B 177 -26.51 -7.01 7.17
C ASN B 177 -27.43 -8.18 6.84
N VAL B 178 -28.12 -8.69 7.86
CA VAL B 178 -29.13 -9.73 7.68
C VAL B 178 -30.25 -9.24 6.76
N PRO B 179 -31.02 -10.14 6.14
CA PRO B 179 -32.15 -9.71 5.32
C PRO B 179 -33.12 -8.82 6.08
N SER B 180 -33.53 -7.73 5.43
CA SER B 180 -34.39 -6.72 6.04
C SER B 180 -35.69 -6.63 5.25
N PHE B 181 -36.79 -6.35 5.94
CA PHE B 181 -38.11 -6.33 5.30
C PHE B 181 -39.00 -5.32 5.99
N VAL B 182 -40.11 -4.97 5.33
CA VAL B 182 -41.12 -4.04 5.85
C VAL B 182 -42.21 -4.84 6.55
N LEU B 183 -42.78 -4.29 7.62
CA LEU B 183 -43.86 -4.94 8.35
C LEU B 183 -45.19 -4.22 8.29
N PHE B 184 -45.21 -2.88 8.36
CA PHE B 184 -46.43 -2.08 8.32
C PHE B 184 -46.16 -0.74 7.64
N LYS B 185 -47.28 0.01 7.32
CA LYS B 185 -47.27 1.41 6.75
C LYS B 185 -48.50 2.21 7.25
N ASP B 186 -48.54 2.51 8.58
CA ASP B 186 -49.75 2.69 9.39
C ASP B 186 -49.96 3.98 10.18
N GLU B 187 -51.03 4.03 10.99
CA GLU B 187 -51.34 5.08 11.96
C GLU B 187 -51.61 4.64 13.39
N THR B 188 -51.24 5.54 14.30
CA THR B 188 -51.47 5.48 15.73
C THR B 188 -51.63 6.91 16.28
N ILE B 189 -52.38 7.04 17.38
CA ILE B 189 -52.50 8.35 18.05
C ILE B 189 -51.99 8.25 19.49
N GLY B 195 -50.54 13.81 19.42
CA GLY B 195 -51.59 13.64 18.43
C GLY B 195 -51.57 12.38 17.58
N GLU B 196 -51.88 12.52 16.30
CA GLU B 196 -51.88 11.41 15.35
C GLU B 196 -50.53 11.36 14.63
N VAL B 197 -49.92 10.19 14.60
CA VAL B 197 -48.56 10.02 14.11
C VAL B 197 -48.54 8.97 13.01
N LYS B 198 -47.91 9.30 11.88
CA LYS B 198 -47.75 8.37 10.75
C LYS B 198 -46.44 7.63 10.88
N TYR B 199 -46.46 6.32 10.58
CA TYR B 199 -45.23 5.54 10.69
C TYR B 199 -45.20 4.34 9.76
N ASP B 200 -43.98 3.94 9.43
CA ASP B 200 -43.67 2.65 8.84
C ASP B 200 -42.90 1.81 9.86
N LEU B 201 -43.00 0.49 9.75
CA LEU B 201 -42.32 -0.41 10.66
C LEU B 201 -41.59 -1.49 9.88
N ALA B 202 -40.27 -1.59 10.07
CA ALA B 202 -39.44 -2.51 9.33
C ALA B 202 -38.40 -3.15 10.24
N TYR B 203 -37.81 -4.22 9.73
CA TYR B 203 -36.83 -5.03 10.44
C TYR B 203 -35.49 -4.90 9.72
N GLY B 204 -34.43 -4.64 10.49
CA GLY B 204 -33.09 -4.62 9.91
C GLY B 204 -32.09 -5.35 10.80
N GLY B 205 -32.54 -6.46 11.42
CA GLY B 205 -31.90 -7.07 12.56
C GLY B 205 -32.55 -6.70 13.88
N ALA B 206 -33.35 -5.63 13.90
CA ALA B 206 -34.23 -5.28 15.01
C ALA B 206 -35.40 -4.53 14.40
N PHE B 207 -36.46 -4.36 15.19
CA PHE B 207 -37.68 -3.74 14.70
C PHE B 207 -37.72 -2.27 15.09
N TYR B 208 -37.99 -1.40 14.11
CA TYR B 208 -38.08 0.03 14.34
C TYR B 208 -39.32 0.59 13.71
N ALA B 209 -39.92 1.57 14.37
CA ALA B 209 -40.96 2.41 13.77
C ALA B 209 -40.32 3.69 13.29
N PHE B 210 -40.51 4.01 12.02
CA PHE B 210 -39.95 5.21 11.41
C PHE B 210 -41.03 6.29 11.34
N VAL B 211 -40.68 7.48 11.81
CA VAL B 211 -41.61 8.60 11.93
C VAL B 211 -40.91 9.83 11.39
N ASN B 212 -41.67 10.72 10.77
CA ASN B 212 -41.11 11.97 10.26
C ASN B 212 -41.02 13.01 11.37
N ALA B 213 -39.81 13.53 11.61
CA ALA B 213 -39.61 14.43 12.74
C ALA B 213 -40.33 15.75 12.52
N GLU B 214 -40.22 16.32 11.32
CA GLU B 214 -40.82 17.62 11.05
C GLU B 214 -42.34 17.55 11.05
N GLU B 215 -42.91 16.39 10.74
CA GLU B 215 -44.36 16.25 10.78
C GLU B 215 -44.92 16.39 12.20
N ILE B 216 -44.12 16.14 13.23
CA ILE B 216 -44.55 16.38 14.61
C ILE B 216 -43.81 17.58 15.23
N GLY B 217 -43.25 18.47 14.41
CA GLY B 217 -42.63 19.67 14.90
C GLY B 217 -41.34 19.51 15.67
N LEU B 218 -40.59 18.46 15.43
CA LEU B 218 -39.27 18.28 16.01
C LEU B 218 -38.24 18.25 14.90
N LYS B 219 -36.99 18.43 15.27
CA LYS B 219 -35.89 18.33 14.32
C LYS B 219 -34.87 17.35 14.87
N CYS B 220 -34.18 16.68 13.96
CA CYS B 220 -33.20 15.67 14.35
C CYS B 220 -31.86 16.33 14.65
N THR B 221 -31.86 17.22 15.63
CA THR B 221 -30.70 18.00 16.02
C THR B 221 -30.55 18.06 17.54
N PRO B 222 -29.34 18.36 18.05
CA PRO B 222 -29.14 18.38 19.51
C PRO B 222 -30.05 19.33 20.29
N GLU B 223 -30.45 20.48 19.73
CA GLU B 223 -31.39 21.35 20.45
C GLU B 223 -32.66 20.60 20.87
N TYR B 224 -33.02 19.51 20.17
CA TYR B 224 -34.25 18.75 20.42
C TYR B 224 -34.01 17.43 21.14
N TYR B 225 -32.86 17.28 21.82
CA TYR B 225 -32.48 15.99 22.38
C TYR B 225 -33.58 15.40 23.26
N ARG B 226 -34.04 16.17 24.25
CA ARG B 226 -34.99 15.63 25.23
C ARG B 226 -36.39 15.43 24.67
N GLN B 227 -36.79 16.25 23.68
CA GLN B 227 -38.11 16.04 23.08
C GLN B 227 -38.11 14.81 22.18
N LEU B 228 -37.01 14.56 21.46
CA LEU B 228 -36.89 13.32 20.69
C LEU B 228 -37.02 12.10 21.60
N ILE B 229 -36.31 12.11 22.74
CA ILE B 229 -36.43 11.02 23.69
C ILE B 229 -37.87 10.92 24.21
N ASP B 230 -38.44 12.08 24.59
CA ASP B 230 -39.77 12.09 25.19
C ASP B 230 -40.83 11.63 24.19
N VAL B 231 -40.87 12.28 23.02
CA VAL B 231 -41.86 11.93 22.01
C VAL B 231 -41.55 10.55 21.44
N GLY B 232 -40.27 10.22 21.28
CA GLY B 232 -39.92 8.92 20.74
C GLY B 232 -40.42 7.80 21.61
N MET B 233 -40.32 7.97 22.93
CA MET B 233 -40.74 6.93 23.87
C MET B 233 -42.25 6.76 23.91
N LYS B 234 -42.98 7.86 23.80
CA LYS B 234 -44.44 7.77 23.75
C LYS B 234 -44.90 7.00 22.51
N ILE B 235 -44.34 7.32 21.35
CA ILE B 235 -44.69 6.63 20.11
C ILE B 235 -44.40 5.15 20.26
N LYS B 236 -43.20 4.81 20.75
CA LYS B 236 -42.83 3.41 20.94
C LYS B 236 -43.85 2.69 21.81
N ARG B 237 -44.22 3.30 22.94
CA ARG B 237 -45.16 2.66 23.85
C ARG B 237 -46.54 2.52 23.23
N ALA B 238 -47.01 3.57 22.56
CA ALA B 238 -48.31 3.50 21.91
C ALA B 238 -48.37 2.40 20.86
N ILE B 239 -47.36 2.33 20.00
CA ILE B 239 -47.32 1.30 18.96
C ILE B 239 -47.23 -0.09 19.60
N MET B 240 -46.42 -0.24 20.64
CA MET B 240 -46.24 -1.56 21.25
C MET B 240 -47.55 -2.08 21.83
N SER B 241 -48.34 -1.21 22.45
CA SER B 241 -49.57 -1.65 23.10
C SER B 241 -50.65 -1.98 22.09
N GLU B 242 -50.54 -1.49 20.86
CA GLU B 242 -51.64 -1.55 19.91
C GLU B 242 -51.39 -2.50 18.75
N LYS B 243 -50.14 -2.73 18.36
CA LYS B 243 -49.84 -3.56 17.21
C LYS B 243 -48.97 -4.70 17.68
N GLU B 244 -49.13 -5.85 17.06
CA GLU B 244 -48.33 -7.02 17.35
C GLU B 244 -47.14 -7.08 16.41
N ILE B 245 -45.94 -7.06 16.98
CA ILE B 245 -44.70 -7.09 16.22
C ILE B 245 -44.19 -8.52 16.25
N ARG B 246 -44.28 -9.26 15.13
CA ARG B 246 -43.92 -10.67 15.22
C ARG B 246 -42.82 -10.97 14.21
N HIS B 247 -41.74 -11.51 14.70
CA HIS B 247 -40.69 -12.03 13.83
C HIS B 247 -41.04 -13.44 13.35
N PRO B 248 -40.75 -13.77 12.08
CA PRO B 248 -41.18 -15.08 11.58
C PRO B 248 -40.60 -16.28 12.34
N PHE B 249 -39.48 -16.15 13.03
CA PHE B 249 -38.87 -17.35 13.60
C PHE B 249 -38.65 -17.30 15.11
N GLU B 250 -38.27 -16.15 15.67
CA GLU B 250 -38.00 -16.06 17.10
C GLU B 250 -38.64 -14.85 17.76
N SER B 254 -41.00 -11.18 17.80
CA SER B 254 -40.15 -10.50 18.77
C SER B 254 -40.84 -9.28 19.36
N PHE B 255 -40.23 -8.10 19.17
CA PHE B 255 -40.68 -6.88 19.85
C PHE B 255 -40.20 -5.63 19.13
N LEU B 256 -40.82 -4.51 19.46
CA LEU B 256 -40.41 -3.23 18.89
C LEU B 256 -39.22 -2.67 19.65
N TYR B 257 -38.08 -2.56 18.96
CA TYR B 257 -36.85 -2.13 19.62
C TYR B 257 -36.83 -0.63 19.82
N GLY B 258 -37.30 0.14 18.84
CA GLY B 258 -37.16 1.56 18.97
C GLY B 258 -37.91 2.33 17.90
N THR B 259 -37.90 3.64 18.09
CA THR B 259 -38.44 4.60 17.16
C THR B 259 -37.27 5.31 16.52
N ILE B 260 -37.30 5.42 15.19
CA ILE B 260 -36.30 6.19 14.47
C ILE B 260 -37.00 7.39 13.84
N PHE B 261 -36.60 8.58 14.26
CA PHE B 261 -37.07 9.82 13.66
C PHE B 261 -36.28 10.09 12.40
N ILE B 262 -36.98 10.45 11.34
CA ILE B 262 -36.38 10.80 10.06
C ILE B 262 -36.38 12.32 9.95
N GLY B 263 -35.23 12.88 9.54
CA GLY B 263 -35.10 14.31 9.41
C GLY B 263 -34.48 14.68 8.08
N GLU B 264 -34.65 15.95 7.73
CA GLU B 264 -34.03 16.50 6.53
C GLU B 264 -32.52 16.50 6.69
N PRO B 265 -31.77 16.22 5.64
CA PRO B 265 -30.31 16.21 5.74
C PRO B 265 -29.75 17.63 5.90
N GLU B 266 -28.58 17.73 6.55
CA GLU B 266 -27.88 19.00 6.65
C GLU B 266 -27.01 19.23 5.42
N ASP B 267 -26.41 18.17 4.90
CA ASP B 267 -25.53 18.26 3.75
C ASP B 267 -26.33 17.85 2.51
N GLU B 268 -26.08 18.56 1.40
CA GLU B 268 -26.92 18.41 0.21
C GLU B 268 -26.76 17.03 -0.39
N ASN B 269 -25.61 16.39 -0.16
CA ASN B 269 -25.32 15.07 -0.67
C ASN B 269 -25.80 13.97 0.28
N SER B 270 -26.42 14.34 1.40
CA SER B 270 -26.95 13.36 2.34
C SER B 270 -28.42 13.13 2.02
N HIS B 271 -28.85 11.88 2.13
CA HIS B 271 -30.24 11.53 1.83
C HIS B 271 -31.18 12.08 2.90
N SER B 272 -30.87 11.82 4.17
CA SER B 272 -31.74 12.14 5.30
C SER B 272 -30.97 11.95 6.62
N ARG B 273 -31.71 12.10 7.72
CA ARG B 273 -31.19 12.04 9.08
C ARG B 273 -31.98 11.02 9.89
N HIS B 274 -31.26 10.29 10.75
CA HIS B 274 -31.83 9.31 11.69
C HIS B 274 -31.55 9.72 13.14
N VAL B 275 -32.56 9.66 13.99
CA VAL B 275 -32.37 9.69 15.44
C VAL B 275 -33.14 8.51 16.03
N CYS B 276 -32.41 7.52 16.54
CA CYS B 276 -33.03 6.30 17.04
C CYS B 276 -33.18 6.38 18.55
N ILE B 277 -34.43 6.30 19.01
CA ILE B 277 -34.78 6.23 20.42
C ILE B 277 -35.13 4.77 20.72
N PHE B 278 -34.37 4.11 21.60
CA PHE B 278 -34.55 2.68 21.80
C PHE B 278 -34.44 2.32 23.29
N ALA B 279 -34.90 1.12 23.62
CA ALA B 279 -34.91 0.61 25.02
C ALA B 279 -35.70 1.61 25.86
N ASP B 280 -35.25 1.95 27.07
CA ASP B 280 -35.94 2.95 27.88
C ASP B 280 -35.24 4.29 27.75
N GLY B 281 -35.46 4.95 26.62
CA GLY B 281 -34.93 6.28 26.42
C GLY B 281 -33.49 6.38 25.99
N GLU B 282 -32.88 5.30 25.52
CA GLU B 282 -31.51 5.36 25.02
C GLU B 282 -31.48 5.96 23.62
N VAL B 283 -30.41 6.69 23.30
CA VAL B 283 -30.30 7.36 22.01
C VAL B 283 -29.05 6.88 21.29
N ASP B 284 -29.21 6.48 20.02
CA ASP B 284 -28.11 6.09 19.14
C ASP B 284 -27.49 7.34 18.53
N ARG B 285 -26.22 7.60 18.81
CA ARG B 285 -25.54 8.75 18.21
C ARG B 285 -25.00 8.46 16.82
N SER B 286 -24.94 7.18 16.42
CA SER B 286 -24.72 6.84 15.03
C SER B 286 -26.06 6.81 14.31
N PRO B 287 -26.07 6.84 12.96
CA PRO B 287 -27.29 6.47 12.22
C PRO B 287 -27.47 4.97 12.22
N THR B 288 -28.07 4.39 13.28
CA THR B 288 -28.11 2.95 13.54
C THR B 288 -27.89 2.03 12.33
N GLY B 289 -26.94 1.11 12.42
CA GLY B 289 -26.68 0.19 11.31
C GLY B 289 -27.87 -0.70 10.97
N THR B 290 -28.49 -1.28 11.99
CA THR B 290 -29.73 -2.01 11.75
C THR B 290 -30.85 -1.08 11.30
N GLY B 291 -30.77 0.20 11.70
CA GLY B 291 -31.79 1.15 11.30
C GLY B 291 -31.69 1.51 9.83
N VAL B 292 -30.46 1.66 9.33
CA VAL B 292 -30.27 1.92 7.92
C VAL B 292 -30.75 0.72 7.12
N SER B 293 -30.43 -0.48 7.59
CA SER B 293 -30.89 -1.69 6.93
C SER B 293 -32.40 -1.71 6.85
N ALA B 294 -33.07 -1.49 7.97
CA ALA B 294 -34.53 -1.43 7.92
C ALA B 294 -35.00 -0.27 7.04
N ARG B 295 -34.26 0.84 7.03
CA ARG B 295 -34.68 1.99 6.23
C ARG B 295 -34.59 1.67 4.75
N LEU B 296 -33.53 0.99 4.34
CA LEU B 296 -33.37 0.62 2.93
C LEU B 296 -34.53 -0.25 2.46
N ALA B 297 -34.97 -1.19 3.30
CA ALA B 297 -36.10 -2.06 2.95
C ALA B 297 -37.36 -1.24 2.69
N ILE B 298 -37.60 -0.21 3.50
CA ILE B 298 -38.80 0.60 3.29
C ILE B 298 -38.65 1.44 2.04
N LEU B 299 -37.47 2.06 1.87
CA LEU B 299 -37.24 2.91 0.71
C LEU B 299 -37.35 2.11 -0.58
N TYR B 300 -36.86 0.87 -0.57
CA TYR B 300 -36.92 0.04 -1.77
C TYR B 300 -38.35 -0.35 -2.07
N GLU B 301 -39.11 -0.76 -1.04
CA GLU B 301 -40.47 -1.19 -1.27
C GLU B 301 -41.37 -0.05 -1.71
N LYS B 302 -41.03 1.20 -1.39
CA LYS B 302 -41.75 2.36 -1.88
C LYS B 302 -41.21 2.86 -3.21
N GLY B 303 -40.26 2.17 -3.82
CA GLY B 303 -39.66 2.63 -5.06
C GLY B 303 -38.84 3.90 -4.95
N GLU B 304 -38.47 4.30 -3.75
CA GLU B 304 -37.73 5.53 -3.59
C GLU B 304 -36.22 5.36 -3.79
N ILE B 305 -35.70 4.13 -3.84
CA ILE B 305 -34.31 3.90 -4.18
C ILE B 305 -34.24 2.71 -5.12
N ASP B 306 -33.19 2.68 -5.94
CA ASP B 306 -32.97 1.60 -6.88
C ASP B 306 -31.96 0.62 -6.31
N ILE B 307 -31.86 -0.55 -6.94
CA ILE B 307 -30.99 -1.59 -6.40
C ILE B 307 -29.55 -1.11 -6.34
N GLY B 308 -29.11 -0.36 -7.32
CA GLY B 308 -27.69 -0.07 -7.14
C GLY B 308 -27.29 1.12 -6.29
N GLU B 309 -28.22 1.96 -5.85
CA GLU B 309 -27.85 3.29 -5.36
C GLU B 309 -27.54 3.36 -3.87
N GLU B 310 -26.39 3.94 -3.57
CA GLU B 310 -25.95 4.13 -2.22
C GLU B 310 -26.51 5.46 -1.73
N ILE B 311 -27.07 5.48 -0.52
CA ILE B 311 -27.51 6.73 0.08
C ILE B 311 -26.70 6.98 1.35
N THR B 312 -26.62 8.24 1.75
CA THR B 312 -25.86 8.65 2.93
C THR B 312 -26.84 9.18 3.97
N ILE B 313 -26.80 8.59 5.16
CA ILE B 313 -27.71 8.98 6.24
C ILE B 313 -26.89 9.50 7.41
N GLU B 314 -27.34 10.63 7.98
CA GLU B 314 -26.69 11.33 9.07
C GLU B 314 -27.38 11.01 10.39
N SER B 315 -26.70 11.34 11.48
CA SER B 315 -27.18 11.13 12.84
C SER B 315 -27.43 12.47 13.53
N ILE B 316 -27.78 12.40 14.81
CA ILE B 316 -28.10 13.60 15.57
C ILE B 316 -26.87 14.51 15.71
N ILE B 317 -25.67 13.93 15.74
CA ILE B 317 -24.43 14.68 15.82
C ILE B 317 -23.74 14.81 14.47
N GLY B 318 -24.47 14.55 13.37
CA GLY B 318 -23.94 14.78 12.05
C GLY B 318 -22.97 13.76 11.51
N THR B 319 -22.81 12.61 12.18
CA THR B 319 -21.99 11.55 11.63
C THR B 319 -22.82 10.75 10.62
N LYS B 320 -22.15 9.98 9.78
CA LYS B 320 -22.79 9.45 8.58
C LYS B 320 -22.48 7.98 8.36
N PHE B 321 -23.48 7.26 7.85
CA PHE B 321 -23.33 5.93 7.27
C PHE B 321 -23.85 5.97 5.84
N THR B 322 -23.37 5.02 5.05
CA THR B 322 -23.93 4.79 3.73
C THR B 322 -24.79 3.54 3.76
N GLY B 323 -25.80 3.52 2.90
CA GLY B 323 -26.66 2.36 2.78
C GLY B 323 -26.92 2.11 1.31
N LYS B 324 -27.17 0.84 0.99
CA LYS B 324 -27.35 0.43 -0.40
C LYS B 324 -27.98 -0.95 -0.42
N VAL B 325 -28.99 -1.12 -1.26
CA VAL B 325 -29.62 -2.42 -1.43
C VAL B 325 -28.75 -3.25 -2.35
N VAL B 326 -28.25 -4.38 -1.87
CA VAL B 326 -27.38 -5.19 -2.71
C VAL B 326 -28.20 -6.06 -3.65
N GLU B 327 -29.32 -6.59 -3.14
CA GLU B 327 -30.00 -7.67 -3.79
C GLU B 327 -31.42 -7.68 -3.27
N GLU B 328 -32.35 -8.09 -4.11
CA GLU B 328 -33.60 -8.54 -3.54
C GLU B 328 -33.38 -9.94 -2.96
N THR B 329 -34.26 -10.34 -2.06
CA THR B 329 -34.19 -11.67 -1.49
C THR B 329 -35.52 -11.94 -0.82
N ARG B 330 -35.66 -13.14 -0.24
CA ARG B 330 -36.86 -13.38 0.53
C ARG B 330 -36.52 -13.94 1.89
N TYR B 331 -37.30 -13.53 2.88
CA TYR B 331 -37.10 -13.94 4.26
C TYR B 331 -38.44 -14.43 4.82
N GLY B 332 -38.55 -15.73 5.08
CA GLY B 332 -39.85 -16.29 5.39
C GLY B 332 -40.78 -16.07 4.21
N LEU B 333 -41.98 -15.53 4.49
CA LEU B 333 -42.97 -15.23 3.47
C LEU B 333 -42.94 -13.79 3.02
N TYR B 334 -41.94 -13.01 3.44
CA TYR B 334 -41.82 -11.59 3.12
C TYR B 334 -40.95 -11.37 1.89
N ARG B 335 -41.23 -10.29 1.17
CA ARG B 335 -40.23 -9.76 0.26
C ARG B 335 -39.16 -9.08 1.12
N ALA B 336 -37.89 -9.23 0.73
CA ALA B 336 -36.79 -8.80 1.58
C ALA B 336 -35.63 -8.27 0.72
N ILE B 337 -34.69 -7.57 1.36
CA ILE B 337 -33.51 -7.06 0.69
C ILE B 337 -32.28 -7.47 1.48
N ILE B 338 -31.14 -7.58 0.80
CA ILE B 338 -29.84 -7.67 1.44
C ILE B 338 -29.24 -6.27 1.47
N PRO B 339 -29.11 -5.65 2.63
CA PRO B 339 -28.58 -4.28 2.67
C PRO B 339 -27.09 -4.25 2.92
N GLU B 340 -26.45 -3.21 2.40
CA GLU B 340 -25.03 -2.94 2.65
C GLU B 340 -24.87 -1.64 3.43
N VAL B 341 -24.14 -1.69 4.55
CA VAL B 341 -23.95 -0.54 5.42
C VAL B 341 -22.46 -0.20 5.50
N GLY B 342 -22.14 1.08 5.41
CA GLY B 342 -20.75 1.51 5.38
C GLY B 342 -20.47 2.74 6.21
N GLY B 343 -19.23 2.87 6.65
CA GLY B 343 -18.87 4.00 7.49
C GLY B 343 -17.38 4.01 7.80
N ASN B 344 -16.99 4.85 8.75
CA ASN B 344 -15.61 4.82 9.18
C ASN B 344 -15.50 4.97 10.68
N ALA B 345 -14.31 4.70 11.17
CA ALA B 345 -14.01 4.75 12.58
C ALA B 345 -12.70 5.50 12.75
N TYR B 346 -12.51 6.07 13.93
CA TYR B 346 -11.34 6.87 14.24
C TYR B 346 -10.77 6.43 15.57
N ILE B 347 -9.44 6.33 15.61
CA ILE B 347 -8.75 5.98 16.84
C ILE B 347 -8.69 7.20 17.75
N VAL B 348 -9.04 7.00 19.02
CA VAL B 348 -9.11 8.09 20.01
C VAL B 348 -8.29 7.83 21.27
N ALA B 349 -7.83 6.61 21.56
CA ALA B 349 -7.07 6.43 22.79
C ALA B 349 -6.30 5.13 22.74
N LYS B 350 -5.19 5.10 23.47
CA LYS B 350 -4.51 3.87 23.84
C LYS B 350 -4.44 3.86 25.36
N ASN B 351 -5.23 2.99 25.99
CA ASN B 351 -5.43 3.04 27.43
C ASN B 351 -4.78 1.87 28.13
N THR B 352 -4.23 2.12 29.31
CA THR B 352 -3.70 1.09 30.19
C THR B 352 -4.58 1.06 31.43
N PHE B 353 -5.39 0.03 31.57
CA PHE B 353 -6.31 -0.03 32.69
C PHE B 353 -5.68 -0.77 33.86
N LEU B 354 -5.83 -0.19 35.05
CA LEU B 354 -5.22 -0.68 36.27
C LEU B 354 -6.30 -1.09 37.25
N ILE B 355 -6.15 -2.27 37.86
CA ILE B 355 -7.06 -2.78 38.87
C ILE B 355 -6.32 -2.81 40.20
N ASP B 356 -6.73 -1.94 41.12
CA ASP B 356 -6.19 -1.94 42.47
C ASP B 356 -6.89 -3.04 43.28
N PRO B 357 -6.16 -4.01 43.86
CA PRO B 357 -6.83 -5.11 44.58
C PRO B 357 -7.55 -4.67 45.83
N GLN B 358 -7.23 -3.50 46.38
CA GLN B 358 -7.94 -2.95 47.51
C GLN B 358 -9.17 -2.12 47.11
N ASP B 359 -9.36 -1.85 45.83
CA ASP B 359 -10.44 -0.96 45.39
C ASP B 359 -11.78 -1.65 45.56
N PRO B 360 -12.67 -1.15 46.42
CA PRO B 360 -14.00 -1.80 46.56
C PRO B 360 -14.86 -1.68 45.33
N LEU B 361 -14.53 -0.79 44.38
CA LEU B 361 -15.26 -0.63 43.14
C LEU B 361 -14.42 -1.05 41.95
N LYS B 362 -13.43 -1.92 42.20
CA LYS B 362 -12.55 -2.41 41.13
C LYS B 362 -13.34 -3.04 39.97
N TYR B 363 -14.53 -3.60 40.23
CA TYR B 363 -15.34 -4.14 39.14
C TYR B 363 -16.52 -3.24 38.83
N GLY B 364 -16.42 -1.96 39.18
CA GLY B 364 -17.31 -0.97 38.61
C GLY B 364 -18.69 -0.90 39.24
N PHE B 365 -19.45 0.05 38.71
CA PHE B 365 -20.83 0.26 39.08
C PHE B 365 -21.56 0.73 37.83
N PHE B 366 -22.88 0.69 37.89
CA PHE B 366 -23.71 0.97 36.72
C PHE B 366 -24.79 1.94 37.14
N LEU B 367 -24.79 3.12 36.55
CA LEU B 367 -25.76 4.14 36.89
C LEU B 367 -26.50 4.60 35.64
N PHE C 22 32.59 -31.06 -41.81
CA PHE C 22 33.37 -30.96 -40.57
C PHE C 22 34.80 -30.49 -40.84
N LYS C 23 35.58 -31.23 -41.64
CA LYS C 23 36.99 -30.88 -41.78
C LYS C 23 37.15 -29.57 -42.55
N LYS C 24 36.29 -29.31 -43.54
CA LYS C 24 36.40 -28.09 -44.32
C LYS C 24 35.86 -26.87 -43.56
N LEU C 25 35.42 -27.06 -42.32
CA LEU C 25 35.07 -25.91 -41.49
C LEU C 25 36.26 -25.01 -41.16
N GLU C 26 37.49 -25.56 -41.18
CA GLU C 26 38.65 -24.72 -40.93
C GLU C 26 38.83 -23.66 -42.00
N ASN C 27 38.33 -23.90 -43.21
CA ASN C 27 38.40 -22.86 -44.24
C ASN C 27 37.59 -21.63 -43.85
N LEU C 28 36.51 -21.83 -43.11
CA LEU C 28 35.76 -20.71 -42.58
C LEU C 28 36.54 -20.04 -41.45
N GLU C 29 37.28 -20.83 -40.66
CA GLU C 29 38.07 -20.25 -39.57
C GLU C 29 39.23 -19.44 -40.12
N LYS C 30 39.87 -19.91 -41.20
CA LYS C 30 40.98 -19.23 -41.85
C LYS C 30 40.55 -18.06 -42.74
N TRP C 31 39.26 -17.98 -43.09
CA TRP C 31 38.78 -16.99 -44.04
C TRP C 31 38.98 -15.57 -43.54
N GLU C 32 39.47 -14.71 -44.40
CA GLU C 32 39.55 -13.36 -43.91
C GLU C 32 38.88 -12.30 -44.78
N PRO C 33 38.26 -11.32 -44.15
CA PRO C 33 37.50 -10.33 -44.87
C PRO C 33 38.42 -9.45 -45.69
N PRO C 34 37.89 -8.86 -46.76
CA PRO C 34 38.67 -7.88 -47.55
C PRO C 34 39.13 -6.71 -46.70
N LYS C 35 40.22 -6.08 -47.16
CA LYS C 35 40.92 -5.06 -46.37
C LYS C 35 40.08 -3.81 -46.16
N ASP C 36 39.14 -3.51 -47.07
CA ASP C 36 38.30 -2.33 -46.95
C ASP C 36 37.16 -2.52 -45.94
N TRP C 37 36.97 -3.73 -45.42
CA TRP C 37 35.97 -3.93 -44.37
C TRP C 37 36.48 -3.31 -43.07
N MET C 38 35.54 -2.79 -42.30
CA MET C 38 35.83 -2.37 -40.94
C MET C 38 35.83 -3.59 -40.02
N VAL C 39 36.78 -3.63 -39.10
CA VAL C 39 36.90 -4.73 -38.14
C VAL C 39 36.92 -4.14 -36.75
N ILE C 40 35.97 -4.54 -35.90
CA ILE C 40 35.93 -4.06 -34.53
C ILE C 40 35.87 -5.26 -33.61
N LYS C 41 36.90 -5.42 -32.79
CA LYS C 41 36.93 -6.52 -31.84
C LYS C 41 36.34 -6.04 -30.52
N THR C 42 35.65 -6.94 -29.83
CA THR C 42 35.09 -6.64 -28.52
C THR C 42 35.42 -7.78 -27.57
N LEU C 43 35.16 -7.50 -26.29
CA LEU C 43 35.07 -8.52 -25.24
C LEU C 43 33.70 -8.36 -24.59
N ASP C 44 32.93 -9.45 -24.55
CA ASP C 44 31.56 -9.42 -24.07
C ASP C 44 31.48 -10.08 -22.71
N THR C 45 30.61 -9.53 -21.85
CA THR C 45 30.40 -10.01 -20.51
C THR C 45 28.91 -9.96 -20.22
N HIS C 46 28.51 -10.60 -19.12
CA HIS C 46 27.19 -10.36 -18.54
C HIS C 46 27.30 -10.15 -17.04
N THR C 47 26.46 -9.26 -16.53
CA THR C 47 26.35 -8.95 -15.12
C THR C 47 24.90 -9.18 -14.73
N ALA C 48 24.65 -10.21 -13.92
CA ALA C 48 23.28 -10.54 -13.48
C ALA C 48 22.33 -10.67 -14.68
N GLY C 49 22.87 -11.19 -15.79
CA GLY C 49 22.12 -11.42 -16.99
C GLY C 49 22.22 -10.31 -18.02
N GLU C 50 22.69 -9.12 -17.60
CA GLU C 50 22.71 -7.93 -18.45
C GLU C 50 24.04 -7.80 -19.18
N PRO C 51 24.05 -7.69 -20.50
CA PRO C 51 25.31 -7.74 -21.25
C PRO C 51 26.05 -6.41 -21.21
N LEU C 52 27.35 -6.50 -21.51
CA LEU C 52 28.20 -5.35 -21.78
C LEU C 52 29.13 -5.73 -22.91
N ARG C 53 29.13 -4.94 -23.97
CA ARG C 53 30.01 -5.13 -25.11
C ARG C 53 31.15 -4.11 -24.94
N ILE C 54 32.36 -4.60 -24.73
CA ILE C 54 33.50 -3.75 -24.43
C ILE C 54 34.34 -3.62 -25.69
N ILE C 55 34.46 -2.42 -26.24
CA ILE C 55 35.16 -2.28 -27.51
C ILE C 55 36.66 -2.30 -27.26
N LEU C 56 37.38 -3.07 -28.07
CA LEU C 56 38.81 -3.25 -27.91
C LEU C 56 39.67 -2.56 -28.97
N SER C 57 39.20 -2.47 -30.21
CA SER C 57 40.07 -1.99 -31.30
C SER C 57 39.24 -1.76 -32.55
N GLY C 58 39.84 -1.08 -33.53
CA GLY C 58 39.23 -0.79 -34.80
C GLY C 58 38.34 0.43 -34.85
N PHE C 59 38.09 1.05 -33.73
CA PHE C 59 37.34 2.28 -33.53
C PHE C 59 38.20 3.51 -33.83
N PRO C 60 37.62 4.57 -34.42
CA PRO C 60 38.38 5.80 -34.66
C PRO C 60 38.66 6.56 -33.38
N GLU C 61 39.44 7.63 -33.55
CA GLU C 61 39.82 8.52 -32.47
C GLU C 61 38.62 9.12 -31.75
N ILE C 62 38.74 9.31 -30.44
CA ILE C 62 37.70 9.97 -29.66
C ILE C 62 38.34 11.15 -28.95
N PRO C 63 38.39 12.32 -29.59
CA PRO C 63 39.06 13.47 -28.98
C PRO C 63 38.24 14.00 -27.82
N GLY C 64 38.93 14.68 -26.92
CA GLY C 64 38.27 15.29 -25.78
C GLY C 64 39.12 15.25 -24.52
N LYS C 65 38.95 16.29 -23.67
CA LYS C 65 39.64 16.45 -22.39
C LYS C 65 38.88 15.86 -21.24
N THR C 66 37.57 15.78 -21.38
CA THR C 66 36.67 15.31 -20.34
C THR C 66 35.86 14.15 -20.88
N ILE C 67 35.26 13.39 -19.96
CA ILE C 67 34.39 12.30 -20.38
C ILE C 67 33.17 12.84 -21.11
N LEU C 68 32.67 13.98 -20.64
CA LEU C 68 31.50 14.57 -21.28
C LEU C 68 31.80 14.98 -22.73
N GLU C 69 33.01 15.52 -22.99
CA GLU C 69 33.36 15.91 -24.35
C GLU C 69 33.45 14.70 -25.26
N LYS C 70 34.15 13.65 -24.80
CA LYS C 70 34.23 12.42 -25.56
C LYS C 70 32.84 11.86 -25.84
N ARG C 71 31.98 11.85 -24.82
CA ARG C 71 30.63 11.36 -25.01
C ARG C 71 29.88 12.22 -26.00
N ARG C 72 30.08 13.54 -25.95
CA ARG C 72 29.44 14.45 -26.89
C ARG C 72 30.00 14.26 -28.29
N TYR C 73 31.31 13.98 -28.39
CA TYR C 73 31.86 13.70 -29.71
C TYR C 73 31.23 12.45 -30.33
N LEU C 74 31.01 11.40 -29.53
CA LEU C 74 30.48 10.14 -30.07
C LEU C 74 29.11 10.33 -30.69
N MET C 75 28.20 10.99 -29.95
CA MET C 75 26.83 11.12 -30.45
C MET C 75 26.81 11.89 -31.77
N GLU C 76 27.65 12.90 -31.90
CA GLU C 76 27.55 13.78 -33.06
C GLU C 76 28.32 13.29 -34.26
N ASN C 77 29.37 12.47 -34.06
CA ASN C 77 30.19 12.08 -35.21
C ASN C 77 30.24 10.59 -35.47
N LEU C 78 30.01 9.72 -34.47
CA LEU C 78 30.22 8.30 -34.68
C LEU C 78 28.98 7.45 -34.33
N ASP C 79 27.80 8.06 -34.29
CA ASP C 79 26.63 7.33 -33.83
C ASP C 79 26.29 6.14 -34.73
N HIS C 80 26.68 6.16 -36.01
CA HIS C 80 26.47 4.98 -36.85
C HIS C 80 27.22 3.76 -36.30
N LEU C 81 28.31 3.99 -35.58
CA LEU C 81 29.07 2.87 -35.01
C LEU C 81 28.39 2.29 -33.77
N ARG C 82 27.73 3.13 -32.97
CA ARG C 82 26.93 2.57 -31.88
C ARG C 82 25.86 1.63 -32.43
N LYS C 83 25.15 2.05 -33.47
CA LYS C 83 24.09 1.21 -34.03
C LYS C 83 24.66 -0.01 -34.75
N ALA C 84 25.86 0.12 -35.33
CA ALA C 84 26.48 -1.03 -35.96
C ALA C 84 26.81 -2.13 -34.93
N LEU C 85 27.19 -1.75 -33.70
CA LEU C 85 27.51 -2.72 -32.65
C LEU C 85 26.36 -2.97 -31.68
N MET C 86 25.49 -1.98 -31.42
CA MET C 86 24.41 -2.23 -30.46
C MET C 86 23.20 -2.91 -31.10
N TRP C 87 22.86 -2.55 -32.34
CA TRP C 87 21.64 -2.96 -33.02
C TRP C 87 21.82 -4.27 -33.78
N GLU C 88 20.72 -4.94 -34.02
CA GLU C 88 20.71 -6.08 -34.92
C GLU C 88 21.28 -5.64 -36.26
N PRO C 89 21.98 -6.51 -37.00
CA PRO C 89 22.14 -7.92 -36.59
C PRO C 89 23.31 -8.27 -35.64
N ARG C 90 24.07 -7.32 -35.06
CA ARG C 90 25.32 -7.73 -34.41
C ARG C 90 25.33 -8.01 -32.91
N GLY C 91 24.52 -7.45 -32.01
CA GLY C 91 23.45 -6.51 -32.13
C GLY C 91 22.12 -7.03 -31.60
N HIS C 92 21.47 -6.32 -30.67
CA HIS C 92 20.04 -6.48 -30.43
C HIS C 92 19.53 -5.37 -29.51
N ALA C 93 18.21 -5.33 -29.37
CA ALA C 93 17.53 -4.19 -28.76
C ALA C 93 17.98 -3.95 -27.32
N ASP C 94 18.45 -4.98 -26.65
CA ASP C 94 18.82 -4.90 -25.24
C ASP C 94 20.33 -5.00 -25.02
N MET C 95 21.13 -4.83 -26.09
CA MET C 95 22.58 -4.81 -25.96
C MET C 95 23.03 -3.51 -25.29
N TYR C 96 24.17 -3.59 -24.59
CA TYR C 96 24.81 -2.46 -23.90
C TYR C 96 26.29 -2.46 -24.23
N GLY C 97 26.92 -1.28 -24.20
CA GLY C 97 28.29 -1.17 -24.64
C GLY C 97 29.09 -0.21 -23.77
N ALA C 98 30.42 -0.33 -23.87
CA ALA C 98 31.36 0.52 -23.15
C ALA C 98 32.60 0.77 -23.99
N ILE C 99 32.98 2.05 -24.11
CA ILE C 99 34.25 2.48 -24.67
C ILE C 99 35.17 2.84 -23.50
N ILE C 100 36.37 2.27 -23.47
CA ILE C 100 37.31 2.52 -22.37
C ILE C 100 38.38 3.46 -22.89
N THR C 101 38.64 4.52 -22.12
CA THR C 101 39.56 5.55 -22.53
C THR C 101 40.67 5.76 -21.51
N GLU C 102 41.67 6.53 -21.94
CA GLU C 102 42.73 7.01 -21.09
C GLU C 102 42.03 7.75 -19.93
N PRO C 103 42.60 7.72 -18.73
CA PRO C 103 41.95 8.43 -17.61
C PRO C 103 42.03 9.93 -17.82
N VAL C 104 41.04 10.63 -17.27
CA VAL C 104 40.98 12.09 -17.36
C VAL C 104 41.46 12.77 -16.08
N SER C 105 41.11 12.24 -14.91
CA SER C 105 41.51 12.81 -13.63
C SER C 105 42.70 12.09 -13.00
N ALA C 108 42.61 8.62 -11.66
CA ALA C 108 41.81 7.49 -12.14
C ALA C 108 42.67 6.54 -12.96
N ASP C 109 42.24 5.28 -13.01
CA ASP C 109 42.95 4.29 -13.83
C ASP C 109 42.52 4.36 -15.29
N PHE C 110 41.23 4.59 -15.56
CA PHE C 110 40.77 4.77 -16.92
C PHE C 110 39.43 5.48 -16.87
N GLY C 111 38.91 5.80 -18.06
CA GLY C 111 37.60 6.39 -18.20
C GLY C 111 36.71 5.54 -19.08
N VAL C 112 35.41 5.77 -19.01
CA VAL C 112 34.47 4.92 -19.73
C VAL C 112 33.32 5.77 -20.25
N ILE C 113 32.84 5.42 -21.44
CA ILE C 113 31.60 5.92 -22.01
C ILE C 113 30.70 4.72 -22.31
N PHE C 114 29.45 4.81 -21.88
CA PHE C 114 28.44 3.79 -22.08
C PHE C 114 27.55 4.11 -23.29
N MET C 115 26.97 3.04 -23.87
CA MET C 115 26.18 3.03 -25.10
C MET C 115 25.02 2.05 -24.93
N HIS C 116 23.88 2.38 -25.52
CA HIS C 116 22.76 1.47 -25.47
C HIS C 116 22.00 1.60 -26.78
N ASN C 117 20.74 1.18 -26.78
CA ASN C 117 20.03 1.15 -28.05
C ASN C 117 19.62 2.53 -28.52
N GLU C 118 19.56 3.51 -27.62
CA GLU C 118 19.19 4.88 -27.94
C GLU C 118 20.35 5.86 -27.99
N GLY C 119 21.41 5.65 -27.24
CA GLY C 119 22.39 6.71 -27.12
C GLY C 119 23.42 6.44 -26.03
N TYR C 120 23.67 7.42 -25.17
CA TYR C 120 24.80 7.36 -24.23
C TYR C 120 24.33 7.73 -22.83
N SER C 121 24.33 6.73 -21.93
CA SER C 121 23.91 6.92 -20.55
C SER C 121 25.01 7.62 -19.76
N THR C 122 24.65 8.15 -18.59
CA THR C 122 25.62 8.87 -17.77
C THR C 122 26.37 8.01 -16.75
N MET C 123 25.80 6.89 -16.29
CA MET C 123 26.55 5.92 -15.49
C MET C 123 25.87 4.58 -15.62
N CYS C 124 26.60 3.50 -15.28
CA CYS C 124 26.05 2.16 -15.44
C CYS C 124 26.64 1.18 -14.43
N GLY C 125 25.77 0.71 -13.51
CA GLY C 125 26.22 -0.13 -12.42
C GLY C 125 26.64 -1.51 -12.88
N HIS C 126 25.78 -2.20 -13.65
CA HIS C 126 26.12 -3.55 -14.07
C HIS C 126 27.40 -3.55 -14.91
N ALA C 127 27.61 -2.50 -15.71
CA ALA C 127 28.83 -2.40 -16.50
C ALA C 127 30.02 -2.14 -15.60
N THR C 128 29.81 -1.37 -14.54
CA THR C 128 30.93 -1.08 -13.63
C THR C 128 31.41 -2.35 -12.95
N ILE C 129 30.48 -3.18 -12.50
CA ILE C 129 30.86 -4.46 -11.92
C ILE C 129 31.68 -5.27 -12.92
N ALA C 130 31.20 -5.38 -14.16
CA ALA C 130 31.90 -6.16 -15.18
C ALA C 130 33.28 -5.57 -15.52
N LEU C 131 33.38 -4.24 -15.56
CA LEU C 131 34.67 -3.62 -15.91
C LEU C 131 35.71 -3.88 -14.82
N GLY C 132 35.32 -3.85 -13.55
CA GLY C 132 36.26 -4.14 -12.48
C GLY C 132 36.79 -5.56 -12.57
N LYS C 133 35.90 -6.53 -12.76
CA LYS C 133 36.31 -7.92 -12.91
C LYS C 133 37.18 -8.10 -14.15
N VAL C 134 36.81 -7.43 -15.25
CA VAL C 134 37.59 -7.56 -16.49
C VAL C 134 38.96 -6.91 -16.32
N ALA C 135 39.01 -5.77 -15.62
CA ALA C 135 40.28 -5.07 -15.43
C ALA C 135 41.31 -5.94 -14.69
N VAL C 136 40.88 -6.66 -13.66
CA VAL C 136 41.80 -7.53 -12.92
C VAL C 136 42.12 -8.79 -13.72
N GLU C 137 41.08 -9.47 -14.20
CA GLU C 137 41.25 -10.75 -14.89
C GLU C 137 42.06 -10.60 -16.17
N CYS C 138 41.85 -9.50 -16.91
CA CYS C 138 42.43 -9.37 -18.24
C CYS C 138 43.57 -8.36 -18.34
N GLY C 139 43.90 -7.65 -17.27
CA GLY C 139 45.11 -6.85 -17.23
C GLY C 139 44.98 -5.38 -17.57
N LEU C 140 43.84 -4.76 -17.30
CA LEU C 140 43.77 -3.29 -17.35
C LEU C 140 44.54 -2.67 -16.18
N VAL C 141 44.54 -3.34 -15.03
CA VAL C 141 45.22 -2.87 -13.85
C VAL C 141 45.96 -4.07 -13.25
N GLU C 142 46.78 -3.79 -12.25
CA GLU C 142 47.51 -4.86 -11.58
C GLU C 142 46.64 -5.50 -10.50
N ALA C 143 46.66 -6.82 -10.47
CA ALA C 143 45.85 -7.58 -9.53
C ALA C 143 46.50 -7.51 -8.16
N LYS C 144 45.70 -7.30 -7.12
CA LYS C 144 46.26 -7.11 -5.80
C LYS C 144 45.40 -7.93 -4.86
N GLU C 145 46.06 -8.57 -3.90
CA GLU C 145 45.34 -9.45 -3.00
C GLU C 145 45.42 -8.96 -1.57
N PRO C 146 44.30 -9.03 -0.83
CA PRO C 146 43.09 -9.67 -1.37
C PRO C 146 42.22 -8.75 -2.25
N ILE C 147 42.53 -7.46 -2.35
CA ILE C 147 41.62 -6.49 -2.94
C ILE C 147 42.40 -5.56 -3.88
N THR C 148 41.80 -5.29 -5.05
CA THR C 148 42.27 -4.24 -5.96
C THR C 148 41.29 -3.08 -5.92
N GLU C 149 41.81 -1.87 -5.74
CA GLU C 149 41.02 -0.64 -5.80
C GLU C 149 41.23 0.00 -7.17
N ILE C 150 40.13 0.25 -7.88
CA ILE C 150 40.17 0.90 -9.18
C ILE C 150 39.37 2.20 -9.11
N LYS C 151 39.91 3.25 -9.72
CA LYS C 151 39.20 4.52 -9.85
C LYS C 151 38.89 4.78 -11.31
N MET C 152 37.63 5.06 -11.59
CA MET C 152 37.11 5.07 -12.95
C MET C 152 36.40 6.40 -13.19
N ASP C 153 36.84 7.12 -14.23
CA ASP C 153 36.18 8.34 -14.68
C ASP C 153 34.96 7.99 -15.51
N SER C 154 33.77 8.38 -15.04
CA SER C 154 32.55 8.07 -15.78
C SER C 154 31.88 9.39 -16.17
N PRO C 155 30.84 9.40 -17.02
CA PRO C 155 30.17 10.66 -17.31
C PRO C 155 29.61 11.34 -16.07
N ALA C 156 29.23 10.58 -15.05
CA ALA C 156 28.64 11.19 -13.87
C ALA C 156 29.67 11.67 -12.85
N GLY C 157 30.96 11.30 -12.98
CA GLY C 157 32.00 11.59 -12.02
C GLY C 157 32.87 10.37 -11.75
N LEU C 158 33.69 10.49 -10.69
CA LEU C 158 34.66 9.45 -10.35
C LEU C 158 33.98 8.31 -9.60
N ILE C 159 34.30 7.08 -10.00
CA ILE C 159 33.74 5.86 -9.44
C ILE C 159 34.88 5.06 -8.83
N LYS C 160 34.68 4.56 -7.62
CA LYS C 160 35.69 3.75 -6.95
C LYS C 160 35.22 2.30 -6.95
N ILE C 161 36.00 1.42 -7.56
CA ILE C 161 35.65 0.01 -7.68
C ILE C 161 36.59 -0.79 -6.78
N TYR C 162 36.02 -1.70 -6.00
CA TYR C 162 36.78 -2.58 -5.13
C TYR C 162 36.54 -4.01 -5.60
N VAL C 163 37.57 -4.65 -6.11
CA VAL C 163 37.47 -5.98 -6.68
C VAL C 163 38.14 -6.92 -5.69
N LYS C 164 37.37 -7.85 -5.14
CA LYS C 164 37.92 -8.87 -4.24
C LYS C 164 38.52 -10.02 -5.03
N VAL C 165 39.78 -10.36 -4.71
CA VAL C 165 40.61 -11.31 -5.44
C VAL C 165 41.16 -12.39 -4.49
N ARG C 166 40.93 -13.67 -4.82
CA ARG C 166 41.45 -14.83 -4.07
C ARG C 166 42.29 -15.67 -5.01
N ASP C 167 43.57 -15.89 -4.70
CA ASP C 167 44.35 -16.82 -5.54
C ASP C 167 44.34 -16.37 -7.00
N GLY C 168 44.42 -15.06 -7.23
CA GLY C 168 44.46 -14.54 -8.58
C GLY C 168 43.15 -14.58 -9.35
N LYS C 169 42.02 -14.90 -8.72
CA LYS C 169 40.73 -14.96 -9.39
C LYS C 169 39.73 -14.04 -8.68
N VAL C 170 38.85 -13.43 -9.46
CA VAL C 170 37.91 -12.44 -8.92
C VAL C 170 36.69 -13.14 -8.33
N GLU C 171 36.28 -12.73 -7.13
CA GLU C 171 35.17 -13.35 -6.43
C GLU C 171 33.91 -12.50 -6.38
N LYS C 172 34.03 -11.18 -6.35
CA LYS C 172 32.91 -10.25 -6.28
C LYS C 172 33.44 -8.85 -6.52
N VAL C 173 32.59 -7.99 -7.08
CA VAL C 173 32.95 -6.60 -7.34
C VAL C 173 31.94 -5.70 -6.64
N TYR C 174 32.45 -4.68 -5.96
CA TYR C 174 31.64 -3.63 -5.35
C TYR C 174 32.14 -2.30 -5.92
N PHE C 175 31.25 -1.31 -5.96
CA PHE C 175 31.70 0.03 -6.31
C PHE C 175 30.96 1.03 -5.45
N HIS C 176 31.54 2.22 -5.37
CA HIS C 176 30.92 3.37 -4.75
C HIS C 176 30.43 4.33 -5.84
N ASN C 177 29.17 4.69 -5.78
CA ASN C 177 28.68 5.56 -6.81
C ASN C 177 28.98 7.01 -6.45
N VAL C 178 28.74 7.89 -7.41
CA VAL C 178 28.72 9.33 -7.19
C VAL C 178 27.61 9.57 -6.16
N PRO C 179 27.56 10.73 -5.52
CA PRO C 179 26.45 11.02 -4.60
C PRO C 179 25.08 10.81 -5.25
N SER C 180 24.21 10.13 -4.52
CA SER C 180 22.86 9.82 -4.94
C SER C 180 21.88 10.51 -4.01
N PHE C 181 20.77 10.98 -4.57
CA PHE C 181 19.82 11.77 -3.81
C PHE C 181 18.43 11.65 -4.43
N VAL C 182 17.45 12.10 -3.67
CA VAL C 182 16.08 12.22 -4.13
C VAL C 182 15.91 13.61 -4.72
N LEU C 183 15.13 13.74 -5.79
CA LEU C 183 14.87 15.03 -6.40
C LEU C 183 13.42 15.47 -6.21
N PHE C 184 12.46 14.54 -6.32
CA PHE C 184 11.07 14.76 -5.95
C PHE C 184 10.55 13.46 -5.34
N LYS C 185 9.48 13.55 -4.55
CA LYS C 185 8.92 12.36 -3.93
C LYS C 185 7.42 12.50 -3.71
N ASP C 186 6.74 11.35 -3.72
CA ASP C 186 5.28 11.27 -3.57
C ASP C 186 4.54 12.12 -4.59
N GLU C 187 5.06 12.15 -5.81
CA GLU C 187 4.54 12.95 -6.90
C GLU C 187 3.49 12.15 -7.68
N THR C 188 2.61 12.87 -8.37
CA THR C 188 1.64 12.20 -9.24
C THR C 188 1.61 12.90 -10.58
N ILE C 189 1.48 12.09 -11.63
CA ILE C 189 1.38 12.57 -13.01
C ILE C 189 0.27 11.82 -13.72
N ASN C 190 -0.50 12.52 -14.55
CA ASN C 190 -1.40 11.82 -15.47
C ASN C 190 -0.58 11.41 -16.68
N VAL C 191 -0.51 10.08 -16.92
CA VAL C 191 0.14 9.54 -18.05
C VAL C 191 -0.91 9.37 -19.17
N PRO C 192 -0.86 10.18 -20.23
CA PRO C 192 -1.78 9.99 -21.35
C PRO C 192 -1.75 8.55 -21.80
N GLY C 193 -2.91 7.88 -21.76
CA GLY C 193 -3.03 6.48 -22.13
C GLY C 193 -3.05 5.50 -20.97
N ILE C 194 -2.72 5.96 -19.75
CA ILE C 194 -2.71 5.10 -18.56
C ILE C 194 -3.65 5.63 -17.49
N GLY C 195 -3.50 6.90 -17.11
CA GLY C 195 -4.23 7.52 -16.02
C GLY C 195 -3.30 8.25 -15.07
N GLU C 196 -3.59 8.25 -13.77
CA GLU C 196 -2.76 8.92 -12.78
C GLU C 196 -1.80 7.93 -12.17
N VAL C 197 -0.53 8.31 -12.09
CA VAL C 197 0.53 7.41 -11.64
C VAL C 197 1.33 8.09 -10.53
N LYS C 198 1.53 7.38 -9.41
CA LYS C 198 2.34 7.87 -8.31
C LYS C 198 3.80 7.46 -8.54
N TYR C 199 4.73 8.38 -8.30
CA TYR C 199 6.14 8.07 -8.53
C TYR C 199 7.05 8.89 -7.61
N ASP C 200 8.26 8.36 -7.41
CA ASP C 200 9.41 9.08 -6.87
C ASP C 200 10.44 9.25 -7.97
N LEU C 201 11.28 10.28 -7.84
CA LEU C 201 12.35 10.51 -8.80
C LEU C 201 13.65 10.72 -8.02
N ALA C 202 14.66 9.91 -8.33
CA ALA C 202 15.92 9.93 -7.60
C ALA C 202 17.08 9.90 -8.57
N TYR C 203 18.25 10.31 -8.07
CA TYR C 203 19.47 10.34 -8.87
C TYR C 203 20.43 9.30 -8.31
N GLY C 204 20.99 8.48 -9.19
CA GLY C 204 21.98 7.49 -8.81
C GLY C 204 23.11 7.34 -9.80
N GLY C 205 23.58 8.46 -10.37
CA GLY C 205 24.39 8.44 -11.57
C GLY C 205 23.55 8.56 -12.84
N ALA C 206 22.24 8.31 -12.70
CA ALA C 206 21.24 8.56 -13.71
C ALA C 206 19.94 8.81 -12.97
N PHE C 207 18.99 9.44 -13.67
CA PHE C 207 17.71 9.84 -13.08
C PHE C 207 16.67 8.77 -13.40
N TYR C 208 15.92 8.35 -12.40
CA TYR C 208 14.89 7.35 -12.58
C TYR C 208 13.62 7.81 -11.87
N ALA C 209 12.48 7.44 -12.46
CA ALA C 209 11.19 7.54 -11.81
C ALA C 209 10.81 6.17 -11.26
N PHE C 210 10.54 6.13 -9.96
CA PHE C 210 10.21 4.87 -9.31
C PHE C 210 8.70 4.77 -9.15
N VAL C 211 8.14 3.66 -9.62
CA VAL C 211 6.71 3.44 -9.64
C VAL C 211 6.44 2.05 -9.09
N ASN C 212 5.38 1.93 -8.28
CA ASN C 212 4.98 0.67 -7.70
C ASN C 212 4.15 -0.10 -8.73
N ALA C 213 4.60 -1.30 -9.08
CA ALA C 213 4.02 -2.02 -10.21
C ALA C 213 2.58 -2.41 -9.94
N GLU C 214 2.27 -2.81 -8.74
CA GLU C 214 1.00 -3.43 -8.45
C GLU C 214 -0.09 -2.36 -8.43
N GLU C 215 0.32 -1.13 -8.15
CA GLU C 215 -0.54 0.05 -8.22
C GLU C 215 -0.99 0.35 -9.64
N ILE C 216 -0.26 -0.12 -10.66
CA ILE C 216 -0.69 -0.01 -12.05
C ILE C 216 -1.15 -1.34 -12.60
N GLY C 217 -1.45 -2.30 -11.73
CA GLY C 217 -1.95 -3.59 -12.20
C GLY C 217 -0.92 -4.40 -12.95
N LEU C 218 0.36 -4.20 -12.65
CA LEU C 218 1.47 -4.94 -13.25
C LEU C 218 2.23 -5.73 -12.19
N LYS C 219 3.03 -6.69 -12.68
CA LYS C 219 3.94 -7.54 -11.91
C LYS C 219 5.34 -7.51 -12.51
N CYS C 220 6.33 -7.64 -11.66
CA CYS C 220 7.71 -7.63 -12.14
C CYS C 220 8.15 -9.05 -12.55
N THR C 221 7.45 -9.62 -13.52
CA THR C 221 7.77 -10.97 -13.94
C THR C 221 7.88 -11.06 -15.46
N PRO C 222 8.57 -12.09 -15.98
CA PRO C 222 8.67 -12.20 -17.44
C PRO C 222 7.30 -12.21 -18.11
N GLU C 223 6.26 -12.73 -17.45
CA GLU C 223 4.92 -12.61 -18.03
C GLU C 223 4.56 -11.25 -18.54
N TYR C 224 5.02 -10.22 -17.85
CA TYR C 224 4.54 -8.88 -18.08
C TYR C 224 5.53 -8.07 -18.90
N TYR C 225 6.43 -8.75 -19.61
CA TYR C 225 7.52 -8.08 -20.30
C TYR C 225 7.02 -6.96 -21.19
N ARG C 226 6.13 -7.28 -22.14
CA ARG C 226 5.76 -6.25 -23.10
C ARG C 226 4.90 -5.17 -22.47
N GLN C 227 4.13 -5.49 -21.43
CA GLN C 227 3.35 -4.44 -20.77
C GLN C 227 4.25 -3.51 -19.97
N LEU C 228 5.29 -4.06 -19.30
CA LEU C 228 6.24 -3.21 -18.56
C LEU C 228 6.96 -2.23 -19.49
N ILE C 229 7.43 -2.71 -20.65
CA ILE C 229 8.08 -1.81 -21.61
C ILE C 229 7.13 -0.71 -22.04
N ASP C 230 5.88 -1.07 -22.35
CA ASP C 230 4.93 -0.09 -22.86
C ASP C 230 4.59 0.95 -21.79
N VAL C 231 4.20 0.49 -20.60
CA VAL C 231 3.82 1.42 -19.54
C VAL C 231 5.02 2.23 -19.04
N GLY C 232 6.19 1.59 -18.97
CA GLY C 232 7.37 2.31 -18.50
C GLY C 232 7.74 3.47 -19.40
N MET C 233 7.65 3.26 -20.73
CA MET C 233 7.98 4.32 -21.68
C MET C 233 6.94 5.42 -21.66
N LYS C 234 5.67 5.08 -21.45
CA LYS C 234 4.65 6.12 -21.33
C LYS C 234 4.91 6.98 -20.09
N ILE C 235 5.24 6.34 -18.96
CA ILE C 235 5.53 7.10 -17.74
C ILE C 235 6.74 8.02 -17.97
N LYS C 236 7.83 7.48 -18.51
CA LYS C 236 9.02 8.28 -18.79
C LYS C 236 8.69 9.49 -19.68
N ARG C 237 8.00 9.25 -20.81
CA ARG C 237 7.71 10.32 -21.75
C ARG C 237 6.84 11.39 -21.13
N ALA C 238 5.85 10.99 -20.33
CA ALA C 238 5.00 11.95 -19.64
C ALA C 238 5.83 12.81 -18.69
N ILE C 239 6.68 12.18 -17.86
CA ILE C 239 7.46 12.96 -16.91
C ILE C 239 8.39 13.92 -17.64
N MET C 240 8.98 13.50 -18.75
CA MET C 240 9.90 14.38 -19.48
C MET C 240 9.17 15.63 -20.02
N SER C 241 7.90 15.49 -20.41
CA SER C 241 7.19 16.65 -20.93
C SER C 241 6.79 17.62 -19.84
N GLU C 242 6.67 17.14 -18.61
CA GLU C 242 6.00 17.88 -17.55
C GLU C 242 6.91 18.36 -16.43
N LYS C 243 8.04 17.67 -16.18
CA LYS C 243 8.90 17.94 -15.03
C LYS C 243 10.30 18.33 -15.48
N GLU C 244 10.95 19.22 -14.74
CA GLU C 244 12.30 19.58 -15.11
C GLU C 244 13.22 18.62 -14.33
N ILE C 245 14.07 17.88 -15.02
CA ILE C 245 14.99 16.95 -14.39
C ILE C 245 16.35 17.65 -14.35
N ARG C 246 16.76 18.09 -13.16
CA ARG C 246 17.90 18.98 -13.04
C ARG C 246 19.00 18.34 -12.20
N HIS C 247 20.20 18.19 -12.81
CA HIS C 247 21.43 17.89 -12.08
C HIS C 247 22.03 19.20 -11.57
N PRO C 248 22.53 19.23 -10.33
CA PRO C 248 22.95 20.53 -9.76
C PRO C 248 24.11 21.21 -10.49
N PHE C 249 24.98 20.48 -11.20
CA PHE C 249 26.17 21.09 -11.78
C PHE C 249 26.36 20.89 -13.29
N GLU C 250 25.78 19.83 -13.89
CA GLU C 250 26.06 19.50 -15.29
C GLU C 250 24.78 19.43 -16.10
N GLU C 251 24.72 20.22 -17.17
CA GLU C 251 23.57 20.19 -18.07
C GLU C 251 23.44 18.84 -18.74
N ASP C 252 24.55 18.30 -19.26
CA ASP C 252 24.53 17.04 -19.97
C ASP C 252 23.95 15.90 -19.14
N LEU C 253 24.02 16.00 -17.83
CA LEU C 253 23.47 14.96 -16.96
C LEU C 253 22.00 15.18 -16.62
N SER C 254 21.35 16.22 -17.17
CA SER C 254 20.01 16.62 -16.76
C SER C 254 18.93 16.03 -17.66
N PHE C 255 18.62 14.74 -17.45
CA PHE C 255 17.52 14.15 -18.22
C PHE C 255 17.01 12.91 -17.49
N LEU C 256 15.77 12.53 -17.82
CA LEU C 256 15.16 11.34 -17.25
C LEU C 256 15.62 10.13 -18.03
N TYR C 257 16.32 9.22 -17.36
CA TYR C 257 16.88 8.05 -18.02
C TYR C 257 15.88 6.92 -18.18
N GLY C 258 15.06 6.65 -17.17
CA GLY C 258 14.23 5.48 -17.29
C GLY C 258 13.22 5.40 -16.16
N THR C 259 12.34 4.42 -16.28
CA THR C 259 11.34 4.09 -15.28
C THR C 259 11.71 2.78 -14.63
N ILE C 260 11.70 2.75 -13.29
CA ILE C 260 11.99 1.54 -12.54
C ILE C 260 10.72 1.15 -11.77
N PHE C 261 10.16 0.00 -12.13
CA PHE C 261 9.02 -0.54 -11.41
C PHE C 261 9.50 -1.32 -10.18
N ILE C 262 8.86 -1.08 -9.01
CA ILE C 262 9.18 -1.75 -7.76
C ILE C 262 8.18 -2.88 -7.54
N GLY C 263 8.69 -4.08 -7.24
CA GLY C 263 7.86 -5.24 -7.08
C GLY C 263 8.19 -6.02 -5.81
N GLU C 264 7.25 -6.91 -5.45
CA GLU C 264 7.44 -7.82 -4.31
C GLU C 264 8.55 -8.83 -4.61
N PRO C 265 9.38 -9.17 -3.62
CA PRO C 265 10.45 -10.15 -3.83
C PRO C 265 9.95 -11.58 -3.92
N GLU C 266 10.69 -12.40 -4.66
CA GLU C 266 10.40 -13.83 -4.72
C GLU C 266 11.17 -14.67 -3.69
N ASP C 267 12.40 -14.30 -3.34
CA ASP C 267 13.20 -15.07 -2.41
C ASP C 267 13.19 -14.40 -1.04
N GLU C 268 13.30 -15.21 0.02
CA GLU C 268 13.08 -14.61 1.32
C GLU C 268 14.15 -13.63 1.78
N ASN C 269 15.39 -13.70 1.32
CA ASN C 269 16.25 -12.64 1.85
C ASN C 269 16.26 -11.38 0.98
N SER C 270 15.43 -11.29 -0.04
CA SER C 270 15.44 -10.13 -0.92
C SER C 270 14.52 -9.02 -0.43
N HIS C 271 14.99 -7.77 -0.60
CA HIS C 271 14.20 -6.61 -0.21
C HIS C 271 13.02 -6.38 -1.14
N SER C 272 13.28 -6.33 -2.45
CA SER C 272 12.24 -6.01 -3.43
C SER C 272 12.80 -6.34 -4.81
N ARG C 273 12.04 -6.01 -5.86
CA ARG C 273 12.41 -6.33 -7.24
C ARG C 273 12.40 -5.08 -8.11
N HIS C 274 13.37 -4.99 -9.02
CA HIS C 274 13.49 -3.86 -9.95
C HIS C 274 13.32 -4.34 -11.37
N VAL C 275 12.56 -3.58 -12.16
CA VAL C 275 12.56 -3.71 -13.61
C VAL C 275 12.75 -2.30 -14.19
N CYS C 276 13.91 -2.05 -14.76
CA CYS C 276 14.25 -0.75 -15.30
C CYS C 276 13.94 -0.72 -16.79
N ILE C 277 13.05 0.19 -17.18
CA ILE C 277 12.77 0.50 -18.59
C ILE C 277 13.50 1.78 -18.93
N PHE C 278 14.50 1.70 -19.81
CA PHE C 278 15.36 2.84 -20.07
C PHE C 278 15.65 2.95 -21.55
N ALA C 279 16.02 4.15 -21.98
CA ALA C 279 16.65 4.37 -23.28
C ALA C 279 15.89 3.73 -24.43
N ASP C 280 14.67 4.14 -24.71
CA ASP C 280 13.95 3.65 -25.90
C ASP C 280 13.54 2.16 -25.80
N GLY C 281 12.73 1.83 -24.79
CA GLY C 281 12.21 0.48 -24.70
C GLY C 281 13.16 -0.60 -24.23
N GLU C 282 14.35 -0.27 -23.77
CA GLU C 282 15.29 -1.29 -23.30
C GLU C 282 14.93 -1.77 -21.90
N VAL C 283 15.24 -3.03 -21.63
CA VAL C 283 14.94 -3.63 -20.34
C VAL C 283 16.25 -4.12 -19.73
N ASP C 284 16.51 -3.71 -18.49
CA ASP C 284 17.69 -4.16 -17.76
C ASP C 284 17.39 -5.54 -17.18
N ARG C 285 18.17 -6.56 -17.61
CA ARG C 285 17.97 -7.90 -17.02
C ARG C 285 18.62 -8.03 -15.66
N SER C 286 19.51 -7.09 -15.30
CA SER C 286 19.98 -6.97 -13.95
C SER C 286 19.05 -6.05 -13.17
N PRO C 287 19.10 -6.07 -11.84
CA PRO C 287 18.54 -4.95 -11.08
C PRO C 287 19.53 -3.80 -11.20
N THR C 288 19.08 -2.69 -11.73
CA THR C 288 20.03 -1.70 -12.22
C THR C 288 20.95 -1.21 -11.11
N GLY C 289 22.26 -1.21 -11.40
CA GLY C 289 23.24 -0.76 -10.42
C GLY C 289 23.04 0.69 -10.04
N THR C 290 22.84 1.54 -11.05
CA THR C 290 22.47 2.92 -10.77
C THR C 290 21.06 3.01 -10.19
N GLY C 291 20.21 2.05 -10.51
CA GLY C 291 18.87 2.05 -9.96
C GLY C 291 18.86 1.72 -8.49
N VAL C 292 19.70 0.74 -8.08
CA VAL C 292 19.84 0.45 -6.66
C VAL C 292 20.41 1.66 -5.92
N SER C 293 21.41 2.34 -6.51
CA SER C 293 21.94 3.56 -5.92
C SER C 293 20.85 4.60 -5.71
N ALA C 294 20.03 4.83 -6.74
CA ALA C 294 18.93 5.78 -6.62
C ALA C 294 17.88 5.31 -5.61
N ARG C 295 17.59 4.01 -5.60
CA ARG C 295 16.61 3.48 -4.67
C ARG C 295 17.09 3.60 -3.22
N LEU C 296 18.39 3.40 -2.98
CA LEU C 296 18.91 3.57 -1.61
C LEU C 296 18.71 5.00 -1.14
N ALA C 297 18.93 5.99 -2.02
CA ALA C 297 18.68 7.38 -1.64
C ALA C 297 17.23 7.58 -1.21
N ILE C 298 16.29 6.92 -1.88
CA ILE C 298 14.88 7.07 -1.51
C ILE C 298 14.58 6.39 -0.18
N LEU C 299 15.06 5.14 -0.01
CA LEU C 299 14.78 4.38 1.21
C LEU C 299 15.35 5.08 2.43
N TYR C 300 16.53 5.66 2.27
CA TYR C 300 17.17 6.36 3.36
C TYR C 300 16.41 7.62 3.73
N GLU C 301 15.89 8.36 2.74
CA GLU C 301 15.34 9.61 3.21
C GLU C 301 13.96 9.40 3.79
N LYS C 302 13.36 8.23 3.51
CA LYS C 302 12.14 7.73 4.11
C LYS C 302 12.41 6.99 5.41
N GLY C 303 13.68 6.94 5.86
CA GLY C 303 14.10 6.29 7.08
C GLY C 303 13.95 4.78 7.12
N GLU C 304 13.75 4.13 5.98
CA GLU C 304 13.47 2.70 5.95
C GLU C 304 14.74 1.84 5.98
N ILE C 305 15.92 2.42 5.80
CA ILE C 305 17.18 1.68 5.98
C ILE C 305 18.16 2.58 6.73
N ASP C 306 19.06 1.95 7.49
CA ASP C 306 20.07 2.65 8.26
C ASP C 306 21.44 2.59 7.58
N ILE C 307 22.36 3.45 8.02
CA ILE C 307 23.71 3.45 7.44
C ILE C 307 24.33 2.09 7.68
N GLY C 308 24.92 1.52 6.64
CA GLY C 308 25.62 0.27 6.77
C GLY C 308 24.76 -0.94 6.52
N GLU C 309 23.45 -0.77 6.42
CA GLU C 309 22.55 -1.91 6.36
C GLU C 309 22.48 -2.37 4.91
N GLU C 310 22.76 -3.64 4.69
CA GLU C 310 22.77 -4.19 3.34
C GLU C 310 21.42 -4.80 2.99
N ILE C 311 20.92 -4.45 1.81
CA ILE C 311 19.71 -5.04 1.26
C ILE C 311 20.07 -5.70 -0.07
N THR C 312 19.23 -6.65 -0.47
CA THR C 312 19.38 -7.35 -1.75
C THR C 312 18.15 -7.06 -2.60
N ILE C 313 18.36 -6.67 -3.85
CA ILE C 313 17.27 -6.38 -4.77
C ILE C 313 17.35 -7.30 -5.98
N GLU C 314 16.20 -7.81 -6.41
CA GLU C 314 16.09 -8.77 -7.49
C GLU C 314 15.76 -8.08 -8.81
N SER C 315 15.91 -8.85 -9.90
CA SER C 315 15.62 -8.40 -11.26
C SER C 315 14.46 -9.19 -11.83
N ILE C 316 14.13 -8.89 -13.09
CA ILE C 316 13.01 -9.58 -13.72
C ILE C 316 13.30 -11.08 -13.93
N ILE C 317 14.56 -11.46 -14.12
CA ILE C 317 14.93 -12.86 -14.27
C ILE C 317 15.49 -13.42 -12.96
N GLY C 318 15.22 -12.76 -11.83
CA GLY C 318 15.58 -13.31 -10.54
C GLY C 318 17.02 -13.19 -10.14
N THR C 319 17.85 -12.43 -10.86
CA THR C 319 19.21 -12.17 -10.41
C THR C 319 19.22 -10.99 -9.45
N LYS C 320 20.32 -10.84 -8.73
CA LYS C 320 20.35 -10.00 -7.54
C LYS C 320 21.60 -9.13 -7.49
N PHE C 321 21.44 -7.93 -6.93
CA PHE C 321 22.52 -7.08 -6.47
C PHE C 321 22.35 -6.85 -4.97
N THR C 322 23.45 -6.46 -4.30
CA THR C 322 23.40 -5.94 -2.95
C THR C 322 23.61 -4.43 -3.00
N GLY C 323 22.99 -3.72 -2.07
CA GLY C 323 23.15 -2.28 -1.96
C GLY C 323 23.17 -1.86 -0.50
N LYS C 324 23.88 -0.77 -0.22
CA LYS C 324 24.02 -0.30 1.15
C LYS C 324 24.54 1.14 1.16
N VAL C 325 24.00 1.93 2.08
CA VAL C 325 24.45 3.31 2.28
C VAL C 325 25.77 3.29 3.06
N VAL C 326 26.82 3.84 2.46
CA VAL C 326 28.12 3.86 3.12
C VAL C 326 28.21 5.08 4.05
N GLU C 327 27.69 6.23 3.63
CA GLU C 327 27.84 7.47 4.37
C GLU C 327 26.86 8.48 3.80
N GLU C 328 26.41 9.38 4.66
CA GLU C 328 25.77 10.60 4.18
C GLU C 328 26.81 11.58 3.63
N THR C 329 26.32 12.53 2.84
CA THR C 329 27.13 13.60 2.32
C THR C 329 26.17 14.71 1.89
N ARG C 330 26.71 15.79 1.39
CA ARG C 330 25.89 16.87 0.89
C ARG C 330 26.33 17.12 -0.54
N TYR C 331 25.36 17.16 -1.44
CA TYR C 331 25.63 17.33 -2.85
C TYR C 331 24.69 18.44 -3.30
N GLY C 332 25.27 19.59 -3.66
CA GLY C 332 24.45 20.77 -3.89
C GLY C 332 23.65 21.06 -2.63
N LEU C 333 22.36 21.29 -2.82
CA LEU C 333 21.48 21.53 -1.69
C LEU C 333 20.78 20.26 -1.22
N TYR C 334 21.21 19.10 -1.73
CA TYR C 334 20.58 17.83 -1.37
C TYR C 334 21.37 17.19 -0.25
N ARG C 335 20.64 16.55 0.64
CA ARG C 335 21.22 15.55 1.51
C ARG C 335 21.39 14.32 0.64
N ALA C 336 22.51 13.64 0.77
CA ALA C 336 22.86 12.66 -0.23
C ALA C 336 23.49 11.47 0.45
N ILE C 337 23.62 10.39 -0.29
CA ILE C 337 24.29 9.20 0.20
C ILE C 337 25.37 8.80 -0.78
N ILE C 338 26.38 8.14 -0.27
CA ILE C 338 27.30 7.37 -1.10
C ILE C 338 26.82 5.92 -1.08
N PRO C 339 26.34 5.38 -2.19
CA PRO C 339 25.88 3.99 -2.18
C PRO C 339 26.99 3.03 -2.56
N GLU C 340 26.89 1.84 -1.97
CA GLU C 340 27.75 0.71 -2.31
C GLU C 340 26.87 -0.35 -2.93
N VAL C 341 27.20 -0.79 -4.14
CA VAL C 341 26.46 -1.80 -4.90
C VAL C 341 27.42 -2.93 -5.26
N GLY C 342 26.94 -4.16 -5.16
CA GLY C 342 27.79 -5.30 -5.43
C GLY C 342 27.08 -6.38 -6.22
N GLY C 343 27.87 -7.12 -7.00
CA GLY C 343 27.38 -8.20 -7.82
C GLY C 343 28.55 -8.90 -8.48
N ASN C 344 28.24 -9.74 -9.47
CA ASN C 344 29.26 -10.49 -10.20
C ASN C 344 29.02 -10.41 -11.70
N ALA C 345 30.07 -10.67 -12.47
CA ALA C 345 30.03 -10.66 -13.93
C ALA C 345 30.88 -11.79 -14.48
N TYR C 346 30.52 -12.25 -15.69
CA TYR C 346 31.20 -13.37 -16.33
C TYR C 346 31.50 -13.05 -17.78
N ILE C 347 32.68 -13.42 -18.25
CA ILE C 347 33.07 -13.24 -19.64
C ILE C 347 32.35 -14.29 -20.48
N VAL C 348 31.78 -13.87 -21.62
CA VAL C 348 31.00 -14.79 -22.45
C VAL C 348 31.46 -14.85 -23.90
N ALA C 349 32.29 -13.91 -24.36
CA ALA C 349 32.70 -13.98 -25.78
C ALA C 349 33.88 -13.07 -26.08
N LYS C 350 34.61 -13.42 -27.14
CA LYS C 350 35.55 -12.51 -27.81
C LYS C 350 35.09 -12.40 -29.26
N ASN C 351 34.64 -11.22 -29.67
CA ASN C 351 33.99 -11.01 -30.95
C ASN C 351 34.88 -10.24 -31.90
N THR C 352 34.86 -10.63 -33.17
CA THR C 352 35.46 -9.87 -34.25
C THR C 352 34.31 -9.47 -35.16
N PHE C 353 33.92 -8.19 -35.12
CA PHE C 353 32.78 -7.72 -35.89
C PHE C 353 33.25 -7.17 -37.22
N LEU C 354 32.55 -7.54 -38.29
CA LEU C 354 32.95 -7.18 -39.64
C LEU C 354 31.86 -6.33 -40.28
N ILE C 355 32.24 -5.18 -40.81
CA ILE C 355 31.31 -4.29 -41.50
C ILE C 355 31.70 -4.31 -42.97
N ASP C 356 30.90 -5.00 -43.76
CA ASP C 356 31.06 -5.03 -45.20
C ASP C 356 30.52 -3.70 -45.71
N PRO C 357 31.31 -2.90 -46.45
CA PRO C 357 30.82 -1.58 -46.86
C PRO C 357 29.67 -1.63 -47.83
N GLN C 358 29.46 -2.76 -48.51
CA GLN C 358 28.32 -2.96 -49.40
C GLN C 358 27.11 -3.55 -48.69
N ASP C 359 27.22 -3.84 -47.40
CA ASP C 359 26.13 -4.45 -46.64
C ASP C 359 25.01 -3.44 -46.46
N PRO C 360 23.80 -3.68 -46.97
CA PRO C 360 22.73 -2.67 -46.83
C PRO C 360 22.28 -2.45 -45.39
N LEU C 361 22.65 -3.34 -44.46
CA LEU C 361 22.34 -3.16 -43.03
C LEU C 361 23.62 -3.01 -42.21
N LYS C 362 24.70 -2.52 -42.85
CA LYS C 362 25.99 -2.47 -42.18
C LYS C 362 25.97 -1.68 -40.88
N TYR C 363 25.10 -0.67 -40.76
CA TYR C 363 25.03 0.09 -39.51
C TYR C 363 23.77 -0.24 -38.73
N GLY C 364 23.16 -1.38 -39.04
CA GLY C 364 22.16 -1.99 -38.18
C GLY C 364 20.77 -1.44 -38.38
N PHE C 365 19.83 -2.07 -37.70
CA PHE C 365 18.43 -1.67 -37.77
C PHE C 365 17.80 -1.97 -36.42
N PHE C 366 16.74 -1.22 -36.09
CA PHE C 366 16.10 -1.28 -34.78
C PHE C 366 14.61 -1.02 -34.96
N LEU C 367 13.76 -1.93 -34.52
CA LEU C 367 12.32 -1.79 -34.66
C LEU C 367 11.72 -1.73 -33.26
N ARG C 368 11.01 -0.63 -32.98
CA ARG C 368 10.55 -0.33 -31.63
C ARG C 368 9.03 -0.33 -31.59
N PHE D 22 43.48 3.07 -22.89
CA PHE D 22 43.15 2.63 -24.25
C PHE D 22 44.24 1.77 -24.86
N LYS D 23 45.50 2.16 -24.68
CA LYS D 23 46.58 1.33 -25.17
C LYS D 23 46.79 0.08 -24.31
N LYS D 24 46.20 0.03 -23.11
CA LYS D 24 46.14 -1.23 -22.36
C LYS D 24 44.99 -2.12 -22.79
N LEU D 25 44.18 -1.69 -23.78
CA LEU D 25 43.17 -2.60 -24.32
C LEU D 25 43.77 -3.80 -25.03
N GLU D 26 45.01 -3.69 -25.54
CA GLU D 26 45.62 -4.85 -26.21
C GLU D 26 45.75 -6.04 -25.27
N ASN D 27 45.82 -5.79 -23.96
CA ASN D 27 45.86 -6.90 -23.01
C ASN D 27 44.55 -7.68 -23.02
N LEU D 28 43.43 -6.98 -23.20
CA LEU D 28 42.15 -7.69 -23.33
C LEU D 28 42.06 -8.43 -24.65
N GLU D 29 42.69 -7.89 -25.70
CA GLU D 29 42.68 -8.60 -26.98
C GLU D 29 43.60 -9.82 -26.93
N LYS D 30 44.72 -9.73 -26.20
CA LYS D 30 45.65 -10.84 -26.02
C LYS D 30 45.15 -11.87 -25.01
N TRP D 31 44.20 -11.50 -24.15
CA TRP D 31 43.77 -12.37 -23.08
C TRP D 31 43.20 -13.66 -23.65
N GLU D 32 43.63 -14.79 -23.10
CA GLU D 32 43.10 -16.07 -23.50
C GLU D 32 42.41 -16.71 -22.31
N PRO D 33 41.26 -17.34 -22.52
CA PRO D 33 40.49 -17.90 -21.39
C PRO D 33 41.25 -19.06 -20.78
N PRO D 34 40.96 -19.43 -19.52
CA PRO D 34 41.63 -20.60 -18.95
C PRO D 34 41.37 -21.83 -19.81
N LYS D 35 42.31 -22.77 -19.77
CA LYS D 35 42.35 -23.89 -20.70
C LYS D 35 41.21 -24.89 -20.52
N ASP D 36 40.59 -24.94 -19.33
CA ASP D 36 39.46 -25.82 -19.09
C ASP D 36 38.14 -25.28 -19.60
N TRP D 37 38.09 -24.00 -20.00
CA TRP D 37 36.84 -23.41 -20.50
C TRP D 37 36.47 -23.97 -21.86
N MET D 38 35.19 -24.21 -22.07
CA MET D 38 34.72 -24.59 -23.41
C MET D 38 34.66 -23.36 -24.31
N VAL D 39 35.19 -23.50 -25.52
CA VAL D 39 35.31 -22.39 -26.46
C VAL D 39 34.70 -22.82 -27.79
N ILE D 40 33.69 -22.09 -28.25
CA ILE D 40 33.01 -22.45 -29.50
C ILE D 40 33.11 -21.29 -30.47
N LYS D 41 33.80 -21.50 -31.57
CA LYS D 41 33.95 -20.46 -32.58
C LYS D 41 32.81 -20.56 -33.60
N THR D 42 32.32 -19.40 -34.02
CA THR D 42 31.26 -19.30 -35.00
C THR D 42 31.58 -18.21 -36.03
N LEU D 43 30.82 -18.22 -37.13
CA LEU D 43 30.78 -17.14 -38.09
C LEU D 43 29.33 -16.71 -38.27
N ASP D 44 29.04 -15.41 -38.11
CA ASP D 44 27.68 -14.89 -38.10
C ASP D 44 27.32 -14.19 -39.43
N THR D 45 26.05 -14.33 -39.84
CA THR D 45 25.56 -13.74 -41.08
C THR D 45 24.18 -13.13 -40.85
N HIS D 46 23.74 -12.34 -41.83
CA HIS D 46 22.34 -11.99 -41.92
C HIS D 46 21.86 -12.20 -43.36
N THR D 47 20.58 -12.55 -43.50
CA THR D 47 19.93 -12.77 -44.78
C THR D 47 18.70 -11.87 -44.77
N ALA D 48 18.77 -10.72 -45.46
CA ALA D 48 17.70 -9.73 -45.39
C ALA D 48 17.38 -9.32 -43.95
N GLY D 49 18.39 -9.28 -43.07
CA GLY D 49 18.20 -8.91 -41.70
C GLY D 49 18.06 -10.06 -40.71
N GLU D 50 17.76 -11.28 -41.18
CA GLU D 50 17.58 -12.35 -40.19
C GLU D 50 18.90 -13.09 -39.95
N PRO D 51 19.28 -13.33 -38.70
CA PRO D 51 20.62 -13.86 -38.41
C PRO D 51 20.72 -15.36 -38.67
N LEU D 52 21.97 -15.80 -38.85
CA LEU D 52 22.33 -17.23 -38.81
C LEU D 52 23.73 -17.33 -38.21
N ARG D 53 23.85 -18.08 -37.12
CA ARG D 53 25.11 -18.33 -36.45
C ARG D 53 25.62 -19.72 -36.84
N ILE D 54 26.73 -19.78 -37.57
CA ILE D 54 27.27 -21.03 -38.09
C ILE D 54 28.42 -21.52 -37.20
N ILE D 55 28.27 -22.72 -36.61
CA ILE D 55 29.24 -23.24 -35.65
C ILE D 55 30.45 -23.76 -36.40
N LEU D 56 31.65 -23.39 -35.96
CA LEU D 56 32.87 -23.77 -36.66
C LEU D 56 33.71 -24.80 -35.92
N SER D 57 33.79 -24.73 -34.60
CA SER D 57 34.72 -25.57 -33.87
C SER D 57 34.37 -25.46 -32.41
N GLY D 58 34.90 -26.40 -31.62
CA GLY D 58 34.65 -26.45 -30.20
C GLY D 58 33.38 -27.16 -29.80
N PHE D 59 32.56 -27.56 -30.74
CA PHE D 59 31.35 -28.28 -30.39
C PHE D 59 31.69 -29.75 -30.13
N PRO D 60 31.01 -30.40 -29.19
CA PRO D 60 31.25 -31.82 -28.93
C PRO D 60 30.75 -32.70 -30.08
N GLU D 61 31.20 -33.94 -30.08
CA GLU D 61 30.84 -34.82 -31.19
C GLU D 61 29.33 -35.07 -31.20
N ILE D 62 28.76 -35.16 -32.40
CA ILE D 62 27.34 -35.45 -32.56
C ILE D 62 27.23 -36.71 -33.40
N PRO D 63 27.28 -37.89 -32.81
CA PRO D 63 27.28 -39.15 -33.58
C PRO D 63 25.91 -39.48 -34.18
N GLY D 64 25.94 -40.29 -35.22
CA GLY D 64 24.76 -40.74 -35.92
C GLY D 64 25.02 -40.81 -37.40
N LYS D 65 24.30 -41.71 -38.08
CA LYS D 65 24.54 -41.83 -39.52
C LYS D 65 23.47 -41.21 -40.39
N THR D 66 22.42 -40.67 -39.77
CA THR D 66 21.51 -39.80 -40.48
C THR D 66 21.44 -38.48 -39.73
N ILE D 67 20.99 -37.45 -40.45
CA ILE D 67 20.82 -36.13 -39.86
C ILE D 67 19.78 -36.19 -38.76
N LEU D 68 18.74 -36.98 -38.94
CA LEU D 68 17.75 -37.11 -37.87
C LEU D 68 18.35 -37.80 -36.65
N GLU D 69 19.27 -38.76 -36.85
CA GLU D 69 19.95 -39.37 -35.71
C GLU D 69 20.85 -38.35 -35.02
N LYS D 70 21.64 -37.61 -35.80
CA LYS D 70 22.46 -36.53 -35.23
C LYS D 70 21.59 -35.51 -34.51
N ARG D 71 20.48 -35.12 -35.12
CA ARG D 71 19.56 -34.14 -34.52
C ARG D 71 18.98 -34.69 -33.23
N ARG D 72 18.67 -35.98 -33.19
CA ARG D 72 18.14 -36.58 -31.97
C ARG D 72 19.19 -36.57 -30.86
N TYR D 73 20.45 -36.84 -31.21
CA TYR D 73 21.51 -36.78 -30.22
C TYR D 73 21.68 -35.36 -29.67
N LEU D 74 21.60 -34.35 -30.54
CA LEU D 74 21.79 -32.98 -30.10
C LEU D 74 20.71 -32.57 -29.11
N MET D 75 19.44 -32.83 -29.45
CA MET D 75 18.35 -32.46 -28.57
C MET D 75 18.42 -33.21 -27.26
N GLU D 76 18.88 -34.46 -27.28
CA GLU D 76 18.82 -35.33 -26.12
C GLU D 76 20.01 -35.14 -25.20
N ASN D 77 21.16 -34.71 -25.74
CA ASN D 77 22.37 -34.64 -24.95
C ASN D 77 23.02 -33.27 -24.89
N LEU D 78 22.80 -32.41 -25.89
CA LEU D 78 23.57 -31.17 -25.98
C LEU D 78 22.67 -29.94 -26.07
N ASP D 79 21.41 -30.05 -25.62
CA ASP D 79 20.49 -28.93 -25.74
C ASP D 79 20.94 -27.72 -24.94
N HIS D 80 21.69 -27.93 -23.85
CA HIS D 80 22.22 -26.81 -23.09
C HIS D 80 23.17 -25.97 -23.94
N LEU D 81 23.82 -26.58 -24.92
CA LEU D 81 24.71 -25.83 -25.81
C LEU D 81 23.92 -25.07 -26.89
N ARG D 82 22.78 -25.61 -27.33
CA ARG D 82 21.92 -24.80 -28.20
C ARG D 82 21.49 -23.53 -27.48
N LYS D 83 21.03 -23.66 -26.24
CA LYS D 83 20.61 -22.47 -25.52
C LYS D 83 21.78 -21.55 -25.18
N ALA D 84 22.99 -22.11 -24.98
CA ALA D 84 24.14 -21.25 -24.67
C ALA D 84 24.50 -20.33 -25.84
N LEU D 85 24.25 -20.76 -27.07
CA LEU D 85 24.55 -20.02 -28.29
C LEU D 85 23.35 -19.24 -28.84
N MET D 86 22.13 -19.74 -28.67
CA MET D 86 20.94 -19.07 -29.18
C MET D 86 20.36 -18.05 -28.22
N TRP D 87 20.36 -18.36 -26.92
CA TRP D 87 19.72 -17.52 -25.93
C TRP D 87 20.65 -16.41 -25.46
N GLU D 88 20.06 -15.39 -24.85
CA GLU D 88 20.82 -14.40 -24.08
C GLU D 88 21.64 -15.11 -22.99
N PRO D 89 22.83 -14.57 -22.63
CA PRO D 89 23.41 -13.29 -23.08
C PRO D 89 24.24 -13.33 -24.37
N ARG D 90 24.38 -14.50 -24.98
CA ARG D 90 25.25 -14.63 -26.13
C ARG D 90 24.50 -14.50 -27.43
N GLY D 91 23.20 -14.80 -27.37
CA GLY D 91 22.26 -14.62 -28.46
C GLY D 91 21.16 -13.66 -28.05
N HIS D 92 19.99 -13.86 -28.60
CA HIS D 92 18.78 -13.12 -28.25
C HIS D 92 17.63 -13.90 -28.86
N ALA D 93 16.41 -13.44 -28.59
CA ALA D 93 15.19 -14.16 -28.94
C ALA D 93 15.00 -14.42 -30.46
N PHD D 94 15.69 -13.64 -31.30
CA PHD D 94 15.59 -13.79 -32.75
C PHD D 94 16.75 -14.58 -33.39
O PHD D 94 16.77 -14.76 -34.63
CB PHD D 94 15.53 -12.41 -33.43
CG PHD D 94 14.10 -11.87 -33.46
OD1 PHD D 94 13.06 -12.32 -34.29
OD2 PHD D 94 13.85 -10.98 -32.73
P PHD D 94 13.00 -13.76 -35.15
OP1 PHD D 94 11.86 -13.84 -36.07
OP2 PHD D 94 14.17 -13.97 -36.02
OP3 PHD D 94 12.90 -14.99 -34.33
N MET D 95 17.69 -15.05 -32.59
CA MET D 95 18.88 -15.73 -33.10
C MET D 95 18.56 -17.11 -33.77
N TYR D 96 19.36 -17.47 -34.78
CA TYR D 96 19.26 -18.74 -35.46
C TYR D 96 20.67 -19.32 -35.60
N GLY D 97 20.75 -20.65 -35.63
CA GLY D 97 22.04 -21.31 -35.69
C GLY D 97 22.01 -22.48 -36.66
N ALA D 98 23.22 -22.88 -37.08
CA ALA D 98 23.38 -24.02 -37.96
C ALA D 98 24.63 -24.76 -37.53
N ILE D 99 24.49 -26.08 -37.36
CA ILE D 99 25.62 -26.97 -37.17
C ILE D 99 25.88 -27.67 -38.49
N ILE D 100 27.12 -27.63 -38.93
CA ILE D 100 27.53 -28.19 -40.20
C ILE D 100 28.26 -29.50 -39.94
N THR D 101 27.81 -30.55 -40.61
CA THR D 101 28.35 -31.88 -40.40
C THR D 101 28.91 -32.43 -41.71
N GLU D 102 29.57 -33.56 -41.57
CA GLU D 102 29.98 -34.39 -42.68
C GLU D 102 28.74 -34.76 -43.49
N PRO D 103 28.87 -34.94 -44.81
CA PRO D 103 27.69 -35.34 -45.59
C PRO D 103 27.30 -36.77 -45.22
N VAL D 104 26.00 -37.03 -45.27
CA VAL D 104 25.44 -38.30 -44.85
C VAL D 104 25.13 -39.20 -46.05
N SER D 105 24.72 -38.62 -47.16
CA SER D 105 24.46 -39.33 -48.40
C SER D 105 25.66 -39.22 -49.33
N GLU D 106 25.70 -40.11 -50.32
CA GLU D 106 26.85 -40.18 -51.21
C GLU D 106 27.03 -38.92 -52.05
N GLU D 107 25.94 -38.21 -52.38
CA GLU D 107 26.03 -37.08 -53.30
C GLU D 107 26.17 -35.74 -52.61
N ALA D 108 25.93 -35.66 -51.30
CA ALA D 108 25.88 -34.37 -50.63
C ALA D 108 27.27 -33.82 -50.37
N ASP D 109 27.35 -32.48 -50.31
CA ASP D 109 28.57 -31.77 -49.96
C ASP D 109 28.77 -31.70 -48.45
N PHE D 110 27.68 -31.49 -47.70
CA PHE D 110 27.74 -31.52 -46.24
C PHE D 110 26.32 -31.69 -45.70
N GLY D 111 26.23 -31.82 -44.39
CA GLY D 111 24.94 -31.89 -43.74
C GLY D 111 24.73 -30.73 -42.79
N VAL D 112 23.49 -30.48 -42.38
CA VAL D 112 23.22 -29.34 -41.51
C VAL D 112 22.08 -29.70 -40.57
N ILE D 113 22.16 -29.17 -39.35
CA ILE D 113 21.07 -29.18 -38.39
C ILE D 113 20.75 -27.74 -38.03
N PHE D 114 19.48 -27.38 -38.09
CA PHE D 114 19.06 -26.01 -37.83
C PHE D 114 18.64 -25.87 -36.38
N MET D 115 18.78 -24.65 -35.88
CA MET D 115 18.67 -24.37 -34.46
C MET D 115 18.08 -22.98 -34.28
N HIS D 116 17.23 -22.81 -33.28
CA HIS D 116 16.78 -21.45 -32.95
C HIS D 116 16.45 -21.39 -31.45
N ASN D 117 15.73 -20.35 -31.04
CA ASN D 117 15.46 -20.11 -29.62
C ASN D 117 14.39 -21.03 -29.06
N GLU D 118 13.54 -21.62 -29.91
CA GLU D 118 12.52 -22.54 -29.44
C GLU D 118 12.94 -24.00 -29.58
N GLY D 119 13.85 -24.30 -30.50
CA GLY D 119 14.16 -25.68 -30.77
C GLY D 119 15.00 -25.90 -32.02
N TYR D 120 14.54 -26.84 -32.84
CA TYR D 120 15.27 -27.31 -34.02
C TYR D 120 14.30 -27.35 -35.18
N SER D 121 14.46 -26.45 -36.15
CA SER D 121 13.58 -26.44 -37.32
C SER D 121 13.97 -27.57 -38.28
N THR D 122 13.02 -27.99 -39.11
CA THR D 122 13.33 -29.08 -40.04
C THR D 122 13.97 -28.55 -41.33
N MET D 123 13.62 -27.30 -41.70
CA MET D 123 14.26 -26.55 -42.76
C MET D 123 14.01 -25.06 -42.51
N CYS D 124 14.87 -24.23 -43.10
CA CYS D 124 14.94 -22.80 -42.81
C CYS D 124 15.36 -22.07 -44.08
N GLY D 125 14.45 -21.27 -44.64
CA GLY D 125 14.72 -20.68 -45.93
C GLY D 125 15.81 -19.64 -45.88
N HIS D 126 15.71 -18.70 -44.94
CA HIS D 126 16.73 -17.66 -44.86
C HIS D 126 18.09 -18.27 -44.53
N ALA D 127 18.11 -19.39 -43.80
CA ALA D 127 19.38 -20.05 -43.48
C ALA D 127 20.01 -20.65 -44.73
N THR D 128 19.19 -21.20 -45.63
CA THR D 128 19.72 -21.84 -46.83
C THR D 128 20.46 -20.84 -47.71
N ILE D 129 19.91 -19.62 -47.83
CA ILE D 129 20.60 -18.55 -48.54
C ILE D 129 21.94 -18.25 -47.89
N ALA D 130 21.95 -18.13 -46.56
CA ALA D 130 23.19 -17.82 -45.85
C ALA D 130 24.25 -18.91 -46.04
N LEU D 131 23.82 -20.18 -46.01
CA LEU D 131 24.77 -21.29 -46.12
C LEU D 131 25.36 -21.38 -47.53
N GLY D 132 24.53 -21.16 -48.55
CA GLY D 132 25.05 -21.14 -49.91
C GLY D 132 26.07 -20.03 -50.11
N LYS D 133 25.79 -18.84 -49.55
CA LYS D 133 26.75 -17.75 -49.66
C LYS D 133 28.05 -18.07 -48.93
N VAL D 134 27.97 -18.58 -47.71
CA VAL D 134 29.19 -18.85 -46.94
C VAL D 134 29.97 -20.02 -47.53
N ALA D 135 29.25 -21.04 -48.04
CA ALA D 135 29.93 -22.22 -48.57
C ALA D 135 30.81 -21.87 -49.76
N VAL D 136 30.31 -21.00 -50.64
CA VAL D 136 31.08 -20.56 -51.80
C VAL D 136 32.15 -19.56 -51.37
N GLU D 137 31.75 -18.55 -50.60
CA GLU D 137 32.68 -17.48 -50.27
C GLU D 137 33.83 -17.96 -49.39
N CYS D 138 33.57 -18.84 -48.42
CA CYS D 138 34.56 -19.22 -47.42
C CYS D 138 35.14 -20.62 -47.62
N GLY D 139 34.69 -21.38 -48.60
CA GLY D 139 35.36 -22.61 -48.97
C GLY D 139 34.83 -23.92 -48.40
N LEU D 140 33.53 -24.02 -48.12
CA LEU D 140 32.95 -25.34 -47.84
C LEU D 140 32.94 -26.21 -49.09
N VAL D 141 32.77 -25.61 -50.26
CA VAL D 141 32.79 -26.29 -51.54
C VAL D 141 33.64 -25.47 -52.50
N GLU D 142 33.88 -26.03 -53.67
CA GLU D 142 34.64 -25.33 -54.70
C GLU D 142 33.74 -24.39 -55.49
N ALA D 143 34.25 -23.19 -55.77
CA ALA D 143 33.49 -22.17 -56.50
C ALA D 143 33.48 -22.47 -57.99
N LYS D 144 32.30 -22.39 -58.59
CA LYS D 144 32.11 -22.64 -60.02
C LYS D 144 31.35 -21.48 -60.64
N GLU D 145 31.75 -21.11 -61.85
CA GLU D 145 31.12 -20.01 -62.53
C GLU D 145 30.46 -20.51 -63.81
N PRO D 146 29.26 -20.04 -64.14
CA PRO D 146 28.55 -18.99 -63.41
C PRO D 146 27.69 -19.49 -62.26
N ILE D 147 27.58 -20.81 -62.05
CA ILE D 147 26.66 -21.38 -61.06
C ILE D 147 27.36 -22.53 -60.32
N THR D 148 27.28 -22.50 -58.99
CA THR D 148 27.72 -23.58 -58.12
C THR D 148 26.50 -24.28 -57.55
N GLU D 149 26.48 -25.60 -57.67
CA GLU D 149 25.43 -26.42 -57.09
C GLU D 149 25.92 -26.97 -55.77
N ILE D 150 25.11 -26.84 -54.74
CA ILE D 150 25.38 -27.44 -53.44
C ILE D 150 24.24 -28.41 -53.11
N LYS D 151 24.61 -29.58 -52.62
CA LYS D 151 23.63 -30.54 -52.14
C LYS D 151 23.92 -30.78 -50.68
N MET D 152 22.88 -30.65 -49.86
CA MET D 152 23.02 -30.48 -48.42
C MET D 152 22.09 -31.45 -47.70
N ASP D 153 22.64 -32.29 -46.85
CA ASP D 153 21.83 -33.20 -46.06
C ASP D 153 21.22 -32.44 -44.89
N SER D 154 19.91 -32.35 -44.87
CA SER D 154 19.20 -31.58 -43.84
C SER D 154 18.23 -32.49 -43.09
N PRO D 155 17.63 -32.01 -41.99
CA PRO D 155 16.61 -32.84 -41.31
C PRO D 155 15.42 -33.22 -42.19
N ALA D 156 15.06 -32.37 -43.17
CA ALA D 156 13.90 -32.60 -44.03
C ALA D 156 14.21 -33.41 -45.29
N GLY D 157 15.47 -33.65 -45.61
CA GLY D 157 15.86 -34.29 -46.85
C GLY D 157 17.03 -33.54 -47.45
N LEU D 158 17.31 -33.84 -48.71
CA LEU D 158 18.42 -33.20 -49.41
C LEU D 158 17.96 -31.85 -49.96
N ILE D 159 18.77 -30.82 -49.75
CA ILE D 159 18.46 -29.46 -50.19
C ILE D 159 19.48 -29.06 -51.25
N LYS D 160 19.00 -28.59 -52.39
CA LYS D 160 19.85 -28.18 -53.50
C LYS D 160 19.87 -26.66 -53.56
N ILE D 161 21.07 -26.11 -53.45
CA ILE D 161 21.28 -24.68 -53.46
C ILE D 161 22.01 -24.32 -54.75
N TYR D 162 21.55 -23.25 -55.40
CA TYR D 162 22.17 -22.71 -56.61
C TYR D 162 22.73 -21.34 -56.28
N VAL D 163 24.05 -21.19 -56.42
CA VAL D 163 24.77 -19.97 -56.09
C VAL D 163 25.30 -19.37 -57.37
N LYS D 164 24.91 -18.14 -57.63
CA LYS D 164 25.36 -17.42 -58.80
C LYS D 164 26.73 -16.81 -58.51
N VAL D 165 27.72 -17.10 -59.36
CA VAL D 165 29.09 -16.67 -59.10
C VAL D 165 29.66 -15.98 -60.34
N ARG D 166 30.02 -14.71 -60.19
CA ARG D 166 30.64 -13.93 -61.27
C ARG D 166 31.92 -13.28 -60.74
N ASP D 167 33.05 -13.55 -61.40
CA ASP D 167 34.34 -12.95 -61.03
C ASP D 167 34.70 -13.32 -59.59
N GLY D 168 34.45 -14.58 -59.21
CA GLY D 168 34.81 -15.05 -57.89
C GLY D 168 33.98 -14.54 -56.74
N LYS D 169 32.89 -13.82 -57.00
CA LYS D 169 32.07 -13.24 -55.95
C LYS D 169 30.64 -13.74 -56.05
N VAL D 170 30.01 -13.96 -54.90
CA VAL D 170 28.64 -14.47 -54.85
C VAL D 170 27.67 -13.34 -55.11
N GLU D 171 26.75 -13.56 -56.05
CA GLU D 171 25.79 -12.56 -56.48
C GLU D 171 24.35 -12.87 -56.09
N LYS D 172 24.00 -14.14 -55.92
CA LYS D 172 22.64 -14.52 -55.59
C LYS D 172 22.65 -15.97 -55.16
N VAL D 173 21.73 -16.31 -54.26
CA VAL D 173 21.53 -17.68 -53.82
C VAL D 173 20.05 -17.98 -53.99
N TYR D 174 19.73 -19.08 -54.66
CA TYR D 174 18.34 -19.48 -54.78
C TYR D 174 18.19 -20.99 -54.56
N PHE D 175 16.99 -21.37 -54.13
CA PHE D 175 16.61 -22.76 -53.94
C PHE D 175 15.16 -22.91 -54.35
N HIS D 176 14.72 -24.16 -54.45
CA HIS D 176 13.32 -24.46 -54.69
C HIS D 176 12.65 -24.84 -53.38
N ASN D 177 11.54 -24.19 -53.09
CA ASN D 177 10.79 -24.52 -51.89
C ASN D 177 9.85 -25.71 -52.16
N VAL D 178 9.20 -26.19 -51.11
CA VAL D 178 8.19 -27.23 -51.26
C VAL D 178 7.02 -26.73 -52.12
N PRO D 179 6.20 -27.63 -52.68
CA PRO D 179 5.04 -27.20 -53.47
C PRO D 179 4.09 -26.30 -52.68
N SER D 180 3.64 -25.23 -53.31
CA SER D 180 2.80 -24.23 -52.68
C SER D 180 1.46 -24.14 -53.37
N PHE D 181 0.41 -23.85 -52.59
CA PHE D 181 -0.94 -23.84 -53.15
C PHE D 181 -1.82 -22.83 -52.40
N VAL D 182 -2.95 -22.48 -53.02
CA VAL D 182 -3.95 -21.54 -52.47
C VAL D 182 -5.05 -22.31 -51.74
N LEU D 183 -5.58 -21.71 -50.68
CA LEU D 183 -6.69 -22.28 -49.91
C LEU D 183 -8.00 -21.49 -49.98
N PHE D 184 -7.98 -20.15 -49.96
CA PHE D 184 -9.22 -19.36 -49.89
C PHE D 184 -9.09 -18.00 -50.58
N LYS D 185 -10.23 -17.30 -50.68
CA LYS D 185 -10.34 -15.92 -51.22
C LYS D 185 -11.46 -15.09 -50.53
N ASP D 186 -11.46 -14.99 -49.18
CA ASP D 186 -12.66 -14.41 -48.53
C ASP D 186 -12.52 -13.13 -47.70
N GLU D 187 -13.54 -12.89 -46.87
CA GLU D 187 -13.70 -11.70 -46.06
C GLU D 187 -13.96 -12.08 -44.60
N THR D 188 -13.52 -11.23 -43.67
CA THR D 188 -13.88 -11.39 -42.26
C THR D 188 -13.93 -10.03 -41.59
N ILE D 189 -14.83 -9.87 -40.60
CA ILE D 189 -14.92 -8.63 -39.84
C ILE D 189 -14.27 -8.86 -38.48
N ASN D 190 -13.56 -7.83 -38.01
CA ASN D 190 -12.52 -7.98 -37.00
C ASN D 190 -12.76 -7.10 -35.77
N VAL D 191 -12.61 -5.79 -35.93
CA VAL D 191 -12.10 -4.86 -34.91
C VAL D 191 -11.84 -5.48 -33.56
N GLY D 195 -12.05 -3.42 -38.44
CA GLY D 195 -13.16 -3.47 -39.39
C GLY D 195 -13.32 -4.74 -40.23
N GLU D 196 -13.68 -4.54 -41.50
CA GLU D 196 -13.89 -5.62 -42.47
C GLU D 196 -12.62 -5.78 -43.32
N VAL D 197 -12.14 -7.00 -43.45
CA VAL D 197 -10.84 -7.26 -44.08
C VAL D 197 -10.96 -8.32 -45.16
N LYS D 198 -10.38 -8.03 -46.34
CA LYS D 198 -10.29 -8.97 -47.45
C LYS D 198 -8.98 -9.75 -47.34
N TYR D 199 -9.03 -11.05 -47.59
CA TYR D 199 -7.79 -11.81 -47.48
C TYR D 199 -7.79 -13.06 -48.36
N ASP D 200 -6.58 -13.47 -48.73
CA ASP D 200 -6.30 -14.78 -49.29
C ASP D 200 -5.55 -15.61 -48.26
N LEU D 201 -5.64 -16.93 -48.38
CA LEU D 201 -4.94 -17.83 -47.48
C LEU D 201 -4.23 -18.88 -48.31
N ALA D 202 -2.91 -18.94 -48.23
CA ALA D 202 -2.12 -19.83 -49.08
C ALA D 202 -1.04 -20.51 -48.26
N TYR D 203 -0.49 -21.58 -48.83
CA TYR D 203 0.52 -22.41 -48.19
C TYR D 203 1.85 -22.31 -48.93
N GLY D 204 2.93 -22.06 -48.18
CA GLY D 204 4.25 -22.08 -48.79
C GLY D 204 5.28 -22.80 -47.94
N GLY D 205 4.88 -23.89 -47.29
CA GLY D 205 5.62 -24.48 -46.19
C GLY D 205 5.07 -24.11 -44.82
N ALA D 206 4.24 -23.08 -44.76
CA ALA D 206 3.42 -22.75 -43.60
C ALA D 206 2.21 -22.01 -44.15
N PHE D 207 1.17 -21.86 -43.34
CA PHE D 207 -0.07 -21.25 -43.78
C PHE D 207 -0.09 -19.78 -43.39
N TYR D 208 -0.41 -18.91 -44.35
CA TYR D 208 -0.46 -17.48 -44.16
C TYR D 208 -1.73 -16.88 -44.75
N ALA D 209 -2.23 -15.87 -44.06
CA ALA D 209 -3.28 -15.02 -44.56
C ALA D 209 -2.66 -13.75 -45.14
N PHE D 210 -2.95 -13.46 -46.40
CA PHE D 210 -2.42 -12.28 -47.07
C PHE D 210 -3.47 -11.18 -47.08
N VAL D 211 -3.08 -10.00 -46.63
CA VAL D 211 -3.99 -8.87 -46.49
C VAL D 211 -3.30 -7.65 -47.04
N ASN D 212 -4.06 -6.79 -47.70
CA ASN D 212 -3.51 -5.58 -48.27
C ASN D 212 -3.42 -4.51 -47.18
N ALA D 213 -2.21 -3.99 -46.97
CA ALA D 213 -2.00 -3.07 -45.85
C ALA D 213 -2.71 -1.75 -46.07
N GLU D 214 -2.62 -1.20 -47.28
CA GLU D 214 -3.20 0.12 -47.52
C GLU D 214 -4.71 0.10 -47.43
N GLU D 215 -5.33 -1.05 -47.66
CA GLU D 215 -6.77 -1.18 -47.48
C GLU D 215 -7.20 -1.06 -46.03
N ILE D 216 -6.29 -1.24 -45.07
CA ILE D 216 -6.69 -0.98 -43.69
C ILE D 216 -6.00 0.28 -43.18
N GLY D 217 -5.54 1.16 -44.08
CA GLY D 217 -4.91 2.38 -43.59
C GLY D 217 -3.60 2.17 -42.89
N LEU D 218 -2.87 1.10 -43.20
CA LEU D 218 -1.52 0.91 -42.67
C LEU D 218 -0.52 0.93 -43.80
N LYS D 219 0.75 1.05 -43.43
CA LYS D 219 1.85 0.96 -44.37
C LYS D 219 2.90 -0.04 -43.85
N CYS D 220 3.56 -0.70 -44.78
CA CYS D 220 4.57 -1.71 -44.46
C CYS D 220 5.93 -1.04 -44.23
N THR D 221 5.97 -0.16 -43.24
CA THR D 221 7.17 0.58 -42.91
C THR D 221 7.40 0.57 -41.40
N PRO D 222 8.63 0.80 -40.94
CA PRO D 222 8.93 0.75 -39.50
C PRO D 222 8.05 1.66 -38.64
N GLU D 223 7.54 2.72 -39.21
CA GLU D 223 6.66 3.74 -38.65
C GLU D 223 5.49 3.06 -37.95
N TYR D 224 5.00 2.01 -38.62
CA TYR D 224 3.78 1.32 -38.28
C TYR D 224 4.05 0.02 -37.56
N TYR D 225 5.25 -0.10 -36.97
CA TYR D 225 5.69 -1.36 -36.39
C TYR D 225 4.66 -1.93 -35.43
N ARG D 226 4.25 -1.15 -34.42
CA ARG D 226 3.39 -1.81 -33.47
C ARG D 226 1.95 -1.93 -33.96
N GLN D 227 1.50 -1.09 -34.89
CA GLN D 227 0.16 -1.30 -35.44
C GLN D 227 0.12 -2.55 -36.31
N LEU D 228 1.17 -2.79 -37.09
CA LEU D 228 1.23 -4.00 -37.91
C LEU D 228 1.12 -5.26 -37.07
N ILE D 229 1.89 -5.32 -35.97
CA ILE D 229 1.83 -6.45 -35.05
C ILE D 229 0.42 -6.58 -34.48
N ASP D 230 -0.12 -5.46 -34.00
CA ASP D 230 -1.41 -5.52 -33.30
C ASP D 230 -2.52 -5.93 -34.26
N VAL D 231 -2.63 -5.23 -35.39
CA VAL D 231 -3.69 -5.51 -36.34
C VAL D 231 -3.49 -6.90 -36.92
N GLY D 232 -2.23 -7.28 -37.18
CA GLY D 232 -1.96 -8.60 -37.73
C GLY D 232 -2.42 -9.70 -36.80
N MET D 233 -2.17 -9.52 -35.50
CA MET D 233 -2.53 -10.54 -34.51
C MET D 233 -4.04 -10.67 -34.38
N LYS D 234 -4.76 -9.54 -34.45
CA LYS D 234 -6.22 -9.60 -34.41
C LYS D 234 -6.75 -10.35 -35.61
N ILE D 235 -6.22 -10.06 -36.80
CA ILE D 235 -6.64 -10.76 -38.02
C ILE D 235 -6.37 -12.25 -37.89
N LYS D 236 -5.16 -12.60 -37.47
CA LYS D 236 -4.80 -14.01 -37.30
C LYS D 236 -5.78 -14.73 -36.38
N ARG D 237 -6.10 -14.12 -35.23
CA ARG D 237 -7.02 -14.76 -34.28
C ARG D 237 -8.43 -14.90 -34.86
N ALA D 238 -8.93 -13.86 -35.54
CA ALA D 238 -10.26 -13.93 -36.11
C ALA D 238 -10.36 -15.06 -37.14
N ILE D 239 -9.40 -15.13 -38.06
CA ILE D 239 -9.43 -16.15 -39.11
C ILE D 239 -9.38 -17.55 -38.50
N MET D 240 -8.56 -17.73 -37.46
CA MET D 240 -8.44 -19.05 -36.84
C MET D 240 -9.77 -19.50 -36.27
N SER D 241 -10.60 -18.56 -35.80
CA SER D 241 -11.89 -18.92 -35.24
C SER D 241 -12.87 -19.39 -36.28
N GLU D 242 -12.69 -19.00 -37.54
CA GLU D 242 -13.73 -19.16 -38.53
C GLU D 242 -13.48 -20.24 -39.56
N LYS D 243 -12.22 -20.56 -39.88
CA LYS D 243 -11.95 -21.54 -40.91
C LYS D 243 -10.98 -22.60 -40.41
N GLU D 244 -11.25 -23.86 -40.75
CA GLU D 244 -10.21 -24.89 -40.81
C GLU D 244 -9.05 -24.59 -41.75
N ILE D 245 -7.85 -24.64 -41.19
CA ILE D 245 -6.64 -24.64 -41.98
C ILE D 245 -6.16 -26.09 -41.98
N ARG D 246 -6.29 -26.76 -43.12
CA ARG D 246 -5.98 -28.17 -43.22
C ARG D 246 -4.85 -28.42 -44.21
N HIS D 247 -3.82 -29.10 -43.74
CA HIS D 247 -2.78 -29.59 -44.62
C HIS D 247 -3.22 -30.91 -45.25
N PRO D 248 -2.94 -31.12 -46.55
CA PRO D 248 -3.44 -32.35 -47.21
C PRO D 248 -2.89 -33.64 -46.63
N PHE D 249 -1.75 -33.62 -45.93
CA PHE D 249 -1.13 -34.86 -45.44
C PHE D 249 -0.83 -34.86 -43.93
N SER D 254 -3.33 -28.41 -40.35
CA SER D 254 -2.35 -27.76 -39.49
C SER D 254 -2.92 -26.53 -38.80
N PHE D 255 -2.31 -25.37 -39.04
CA PHE D 255 -2.70 -24.17 -38.33
C PHE D 255 -2.27 -22.94 -39.12
N LEU D 256 -2.89 -21.83 -38.78
CA LEU D 256 -2.55 -20.56 -39.41
C LEU D 256 -1.28 -20.05 -38.76
N TYR D 257 -0.19 -20.00 -39.52
CA TYR D 257 1.10 -19.61 -38.95
C TYR D 257 1.20 -18.10 -38.76
N GLY D 258 0.67 -17.32 -39.71
CA GLY D 258 0.84 -15.88 -39.60
C GLY D 258 -0.04 -15.11 -40.58
N THR D 259 0.01 -13.79 -40.38
CA THR D 259 -0.63 -12.80 -41.26
C THR D 259 0.48 -12.09 -42.00
N ILE D 260 0.35 -11.99 -43.33
CA ILE D 260 1.33 -11.25 -44.13
C ILE D 260 0.63 -10.07 -44.76
N PHE D 261 1.10 -8.86 -44.41
CA PHE D 261 0.62 -7.64 -45.02
C PHE D 261 1.34 -7.39 -46.33
N ILE D 262 0.57 -7.06 -47.36
CA ILE D 262 1.09 -6.71 -48.68
C ILE D 262 1.08 -5.19 -48.77
N GLY D 263 2.19 -4.62 -49.20
CA GLY D 263 2.31 -3.18 -49.30
C GLY D 263 2.90 -2.78 -50.62
N GLU D 264 2.68 -1.52 -50.98
CA GLU D 264 3.24 -0.99 -52.21
C GLU D 264 4.77 -0.98 -52.13
N PRO D 265 5.47 -1.30 -53.22
CA PRO D 265 6.93 -1.33 -53.18
C PRO D 265 7.50 0.08 -53.08
N GLU D 266 8.68 0.19 -52.46
CA GLU D 266 9.36 1.49 -52.40
C GLU D 266 10.20 1.74 -53.65
N ASP D 267 10.82 0.71 -54.21
CA ASP D 267 11.62 0.86 -55.42
C ASP D 267 10.82 0.35 -56.61
N GLU D 268 11.01 1.01 -57.75
CA GLU D 268 10.16 0.77 -58.92
C GLU D 268 10.39 -0.62 -59.52
N ASN D 269 11.55 -1.23 -59.28
CA ASN D 269 11.83 -2.56 -59.80
C ASN D 269 11.34 -3.65 -58.86
N SER D 270 10.76 -3.29 -57.72
CA SER D 270 10.22 -4.24 -56.76
C SER D 270 8.75 -4.48 -57.05
N HIS D 271 8.31 -5.73 -56.86
CA HIS D 271 6.89 -6.05 -57.11
C HIS D 271 6.01 -5.49 -55.99
N SER D 272 6.33 -5.81 -54.74
CA SER D 272 5.47 -5.47 -53.61
C SER D 272 6.28 -5.67 -52.33
N ARG D 273 5.62 -5.46 -51.18
CA ARG D 273 6.23 -5.54 -49.86
C ARG D 273 5.48 -6.51 -48.97
N HIS D 274 6.22 -7.26 -48.14
CA HIS D 274 5.68 -8.17 -47.14
C HIS D 274 6.08 -7.74 -45.74
N VAL D 275 5.14 -7.77 -44.81
CA VAL D 275 5.44 -7.74 -43.37
C VAL D 275 4.69 -8.90 -42.73
N CYS D 276 5.41 -9.93 -42.30
CA CYS D 276 4.76 -11.12 -41.77
C CYS D 276 4.73 -11.03 -40.24
N ILE D 277 3.51 -11.03 -39.70
CA ILE D 277 3.25 -11.11 -38.27
C ILE D 277 2.84 -12.54 -37.98
N PHE D 278 3.63 -13.24 -37.18
CA PHE D 278 3.41 -14.67 -36.96
C PHE D 278 3.57 -15.01 -35.48
N ALA D 279 3.04 -16.18 -35.11
CA ALA D 279 3.14 -16.72 -33.73
C ALA D 279 2.52 -15.69 -32.78
N ASP D 280 3.16 -15.37 -31.65
CA ASP D 280 2.65 -14.40 -30.70
C ASP D 280 3.33 -13.04 -30.89
N GLY D 281 2.94 -12.35 -31.96
CA GLY D 281 3.40 -10.99 -32.18
C GLY D 281 4.81 -10.85 -32.73
N GLU D 282 5.39 -11.91 -33.25
CA GLU D 282 6.73 -11.82 -33.83
C GLU D 282 6.67 -11.19 -35.21
N VAL D 283 7.77 -10.55 -35.61
CA VAL D 283 7.88 -9.93 -36.92
C VAL D 283 9.05 -10.55 -37.67
N ASP D 284 8.80 -10.96 -38.91
CA ASP D 284 9.84 -11.41 -39.85
C ASP D 284 10.41 -10.18 -40.53
N ARG D 285 11.70 -9.91 -40.34
CA ARG D 285 12.35 -8.77 -40.98
C ARG D 285 12.81 -9.08 -42.40
N SER D 286 12.82 -10.33 -42.76
CA SER D 286 12.96 -10.69 -44.16
C SER D 286 11.59 -10.74 -44.81
N PRO D 287 11.52 -10.70 -46.13
CA PRO D 287 10.28 -11.14 -46.78
C PRO D 287 10.26 -12.65 -46.64
N THR D 288 9.23 -13.17 -45.99
CA THR D 288 9.30 -14.57 -45.56
C THR D 288 9.44 -15.51 -46.75
N GLY D 289 10.45 -16.38 -46.71
CA GLY D 289 10.69 -17.30 -47.82
C GLY D 289 9.51 -18.23 -48.07
N THR D 290 8.95 -18.81 -47.00
CA THR D 290 7.70 -19.55 -47.15
C THR D 290 6.57 -18.62 -47.56
N GLY D 291 6.65 -17.35 -47.14
CA GLY D 291 5.64 -16.39 -47.53
C GLY D 291 5.72 -16.02 -49.00
N VAL D 292 6.94 -15.88 -49.53
CA VAL D 292 7.09 -15.61 -50.95
C VAL D 292 6.55 -16.76 -51.78
N SER D 293 6.84 -17.99 -51.35
CA SER D 293 6.32 -19.17 -52.00
C SER D 293 4.79 -19.18 -52.02
N ALA D 294 4.17 -18.96 -50.86
CA ALA D 294 2.72 -18.90 -50.82
C ALA D 294 2.20 -17.74 -51.66
N ARG D 295 2.94 -16.63 -51.72
CA ARG D 295 2.48 -15.50 -52.53
C ARG D 295 2.51 -15.84 -54.01
N LEU D 296 3.57 -16.52 -54.46
CA LEU D 296 3.64 -16.91 -55.87
C LEU D 296 2.47 -17.81 -56.23
N ALA D 297 2.09 -18.74 -55.34
CA ALA D 297 0.93 -19.58 -55.64
C ALA D 297 -0.31 -18.72 -55.83
N ILE D 298 -0.48 -17.67 -55.03
CA ILE D 298 -1.65 -16.82 -55.18
C ILE D 298 -1.56 -16.02 -56.48
N LEU D 299 -0.40 -15.42 -56.75
CA LEU D 299 -0.24 -14.63 -57.96
C LEU D 299 -0.45 -15.47 -59.21
N TYR D 300 0.06 -16.70 -59.21
CA TYR D 300 -0.05 -17.57 -60.37
C TYR D 300 -1.49 -18.02 -60.60
N GLU D 301 -2.20 -18.41 -59.53
CA GLU D 301 -3.57 -18.82 -59.70
C GLU D 301 -4.48 -17.65 -60.09
N LYS D 302 -4.04 -16.41 -59.84
CA LYS D 302 -4.77 -15.24 -60.32
C LYS D 302 -4.32 -14.80 -61.71
N GLY D 303 -3.41 -15.52 -62.35
CA GLY D 303 -2.92 -15.12 -63.66
C GLY D 303 -2.11 -13.84 -63.65
N GLU D 304 -1.66 -13.39 -62.49
CA GLU D 304 -0.94 -12.13 -62.38
C GLU D 304 0.57 -12.28 -62.62
N ILE D 305 1.10 -13.50 -62.64
CA ILE D 305 2.49 -13.73 -63.04
C ILE D 305 2.54 -14.98 -63.91
N ASP D 306 3.52 -15.01 -64.81
CA ASP D 306 3.73 -16.11 -65.75
C ASP D 306 4.84 -17.02 -65.20
N ILE D 307 5.01 -18.18 -65.83
CA ILE D 307 5.89 -19.22 -65.28
C ILE D 307 7.30 -18.68 -65.03
N GLY D 308 8.05 -18.42 -66.07
CA GLY D 308 9.43 -17.95 -65.86
C GLY D 308 9.63 -16.63 -65.12
N GLU D 309 8.56 -15.94 -64.74
CA GLU D 309 8.64 -14.52 -64.38
C GLU D 309 9.10 -14.32 -62.94
N GLU D 310 10.20 -13.58 -62.77
CA GLU D 310 10.79 -13.32 -61.47
C GLU D 310 10.26 -12.00 -60.93
N ILE D 311 9.85 -12.00 -59.66
CA ILE D 311 9.46 -10.76 -59.00
C ILE D 311 10.31 -10.54 -57.74
N THR D 312 10.39 -9.28 -57.33
CA THR D 312 11.17 -8.86 -56.17
C THR D 312 10.22 -8.39 -55.08
N ILE D 313 10.37 -8.96 -53.88
CA ILE D 313 9.54 -8.63 -52.71
C ILE D 313 10.44 -7.99 -51.67
N GLU D 314 9.96 -6.93 -51.06
CA GLU D 314 10.66 -6.18 -50.03
C GLU D 314 10.08 -6.53 -48.66
N SER D 315 10.80 -6.14 -47.62
CA SER D 315 10.41 -6.34 -46.23
C SER D 315 10.24 -4.98 -45.55
N ILE D 316 9.93 -5.04 -44.25
CA ILE D 316 9.68 -3.83 -43.47
C ILE D 316 10.95 -2.99 -43.37
N ILE D 317 12.12 -3.61 -43.41
CA ILE D 317 13.38 -2.89 -43.38
C ILE D 317 14.00 -2.76 -44.77
N GLY D 318 13.22 -3.02 -45.83
CA GLY D 318 13.65 -2.76 -47.18
C GLY D 318 14.60 -3.75 -47.78
N THR D 319 14.81 -4.90 -47.14
CA THR D 319 15.62 -5.97 -47.71
C THR D 319 14.76 -6.81 -48.67
N LYS D 320 15.41 -7.60 -49.53
CA LYS D 320 14.71 -8.15 -50.69
C LYS D 320 14.97 -9.62 -50.96
N PHE D 321 13.92 -10.32 -51.41
CA PHE D 321 13.97 -11.64 -52.01
C PHE D 321 13.38 -11.61 -53.42
N THR D 322 13.81 -12.57 -54.25
CA THR D 322 13.16 -12.78 -55.53
C THR D 322 12.36 -14.08 -55.49
N GLY D 323 11.30 -14.11 -56.27
CA GLY D 323 10.47 -15.31 -56.39
C GLY D 323 10.06 -15.50 -57.83
N LYS D 324 9.82 -16.76 -58.18
CA LYS D 324 9.52 -17.15 -59.55
C LYS D 324 8.87 -18.52 -59.52
N VAL D 325 7.84 -18.71 -60.33
CA VAL D 325 7.18 -20.01 -60.47
C VAL D 325 8.01 -20.86 -61.42
N VAL D 326 8.50 -22.01 -60.95
CA VAL D 326 9.33 -22.83 -61.83
C VAL D 326 8.48 -23.73 -62.73
N GLU D 327 7.40 -24.28 -62.19
CA GLU D 327 6.58 -25.29 -62.86
C GLU D 327 5.23 -25.32 -62.17
N GLU D 328 4.22 -25.69 -62.94
CA GLU D 328 3.00 -26.16 -62.30
C GLU D 328 3.25 -27.55 -61.76
N THR D 329 2.44 -27.94 -60.80
CA THR D 329 2.55 -29.27 -60.22
C THR D 329 1.31 -29.51 -59.41
N ARG D 330 1.22 -30.68 -58.81
CA ARG D 330 0.05 -30.91 -58.02
C ARG D 330 0.41 -31.67 -56.75
N TYR D 331 -0.25 -31.25 -55.69
CA TYR D 331 0.01 -31.65 -54.33
C TYR D 331 -1.31 -32.07 -53.71
N GLY D 332 -1.45 -33.35 -53.38
CA GLY D 332 -2.75 -33.87 -53.03
C GLY D 332 -3.70 -33.63 -54.18
N LEU D 333 -4.87 -33.05 -53.86
CA LEU D 333 -5.85 -32.70 -54.88
C LEU D 333 -5.73 -31.24 -55.29
N TYR D 334 -4.68 -30.55 -54.83
CA TYR D 334 -4.52 -29.14 -55.14
C TYR D 334 -3.70 -29.00 -56.42
N ARG D 335 -4.02 -27.97 -57.21
CA ARG D 335 -3.07 -27.50 -58.18
C ARG D 335 -2.08 -26.59 -57.45
N ALA D 336 -0.80 -26.76 -57.78
CA ALA D 336 0.27 -26.19 -56.98
C ALA D 336 1.40 -25.77 -57.89
N ILE D 337 2.37 -25.05 -57.32
CA ILE D 337 3.53 -24.59 -58.06
C ILE D 337 4.78 -25.01 -57.32
N ILE D 338 5.87 -25.14 -58.07
CA ILE D 338 7.21 -25.22 -57.49
C ILE D 338 7.78 -23.80 -57.51
N PRO D 339 8.00 -23.19 -56.33
CA PRO D 339 8.51 -21.81 -56.30
C PRO D 339 10.01 -21.77 -56.20
N GLU D 340 10.61 -20.73 -56.75
CA GLU D 340 12.03 -20.49 -56.61
C GLU D 340 12.21 -19.22 -55.78
N VAL D 341 12.97 -19.31 -54.70
CA VAL D 341 13.18 -18.18 -53.79
C VAL D 341 14.66 -17.82 -53.84
N GLY D 342 14.93 -16.53 -53.95
CA GLY D 342 16.30 -16.06 -54.07
C GLY D 342 16.53 -14.82 -53.24
N GLY D 343 17.79 -14.64 -52.81
CA GLY D 343 18.16 -13.51 -51.99
C GLY D 343 19.66 -13.51 -51.77
N ASN D 344 20.13 -12.72 -50.81
CA ASN D 344 21.55 -12.78 -50.53
C ASN D 344 21.82 -12.62 -49.04
N ALA D 345 23.06 -12.93 -48.66
CA ALA D 345 23.47 -12.90 -47.26
C ALA D 345 24.79 -12.18 -47.17
N TYR D 346 25.07 -11.64 -45.98
CA TYR D 346 26.28 -10.86 -45.73
C TYR D 346 26.95 -11.37 -44.46
N ILE D 347 28.28 -11.45 -44.49
CA ILE D 347 29.06 -11.89 -43.34
C ILE D 347 29.15 -10.73 -42.34
N VAL D 348 28.90 -11.03 -41.07
CA VAL D 348 28.76 -9.95 -40.10
C VAL D 348 29.64 -10.09 -38.86
N ALA D 349 30.16 -11.28 -38.52
CA ALA D 349 31.02 -11.42 -37.35
C ALA D 349 31.72 -12.78 -37.41
N LYS D 350 32.90 -12.84 -36.75
CA LYS D 350 33.56 -14.11 -36.40
C LYS D 350 33.70 -14.12 -34.89
N ASN D 351 32.97 -15.00 -34.22
CA ASN D 351 32.87 -14.95 -32.78
C ASN D 351 33.51 -16.17 -32.11
N THR D 352 34.18 -15.94 -30.99
CA THR D 352 34.66 -17.03 -30.16
C THR D 352 33.86 -16.98 -28.87
N PHE D 353 32.96 -17.92 -28.68
CA PHE D 353 32.09 -17.92 -27.51
C PHE D 353 32.73 -18.75 -26.41
N LEU D 354 32.70 -18.19 -25.20
CA LEU D 354 33.36 -18.70 -24.01
C LEU D 354 32.34 -19.05 -22.95
N ILE D 355 32.42 -20.26 -22.41
CA ILE D 355 31.53 -20.73 -21.35
C ILE D 355 32.37 -20.86 -20.09
N ASP D 356 32.16 -19.94 -19.13
CA ASP D 356 32.80 -19.97 -17.81
C ASP D 356 32.07 -20.96 -16.91
N PRO D 357 32.77 -21.96 -16.32
CA PRO D 357 32.07 -23.00 -15.54
C PRO D 357 31.39 -22.51 -14.27
N GLN D 358 31.80 -21.38 -13.71
CA GLN D 358 31.08 -20.86 -12.54
C GLN D 358 29.97 -19.90 -12.90
N ASP D 359 29.78 -19.59 -14.16
CA ASP D 359 28.73 -18.68 -14.57
C ASP D 359 27.37 -19.37 -14.38
N PRO D 360 26.53 -18.90 -13.47
CA PRO D 360 25.22 -19.53 -13.28
C PRO D 360 24.29 -19.38 -14.48
N LEU D 361 24.62 -18.49 -15.42
CA LEU D 361 23.83 -18.28 -16.63
C LEU D 361 24.59 -18.78 -17.85
N LYS D 362 25.47 -19.76 -17.63
CA LYS D 362 26.29 -20.29 -18.72
C LYS D 362 25.44 -20.85 -19.85
N TYR D 363 24.25 -21.38 -19.54
CA TYR D 363 23.38 -21.94 -20.57
C TYR D 363 22.18 -21.05 -20.84
N GLY D 364 22.26 -19.78 -20.42
CA GLY D 364 21.37 -18.77 -20.93
C GLY D 364 20.01 -18.68 -20.29
N PHE D 365 19.26 -17.69 -20.77
CA PHE D 365 17.91 -17.42 -20.33
C PHE D 365 17.09 -16.90 -21.51
N PHE D 366 15.78 -16.89 -21.33
CA PHE D 366 14.87 -16.53 -22.41
C PHE D 366 13.84 -15.55 -21.89
N LEU D 367 13.86 -14.35 -22.45
CA LEU D 367 12.96 -13.26 -22.09
C LEU D 367 12.35 -12.72 -23.37
N ARG D 368 11.03 -12.72 -23.48
CA ARG D 368 10.42 -12.27 -24.76
C ARG D 368 9.05 -11.63 -24.66
#